data_2SPT
# 
_entry.id   2SPT 
# 
_audit_conform.dict_name       mmcif_pdbx.dic 
_audit_conform.dict_version    5.403 
_audit_conform.dict_location   http://mmcif.pdb.org/dictionaries/ascii/mmcif_pdbx.dic 
# 
loop_
_database_2.database_id 
_database_2.database_code 
_database_2.pdbx_database_accession 
_database_2.pdbx_DOI 
PDB   2SPT         pdb_00002spt 10.2210/pdb2spt/pdb 
WWPDB D_1000178648 ?            ?                   
# 
loop_
_pdbx_audit_revision_history.ordinal 
_pdbx_audit_revision_history.data_content_type 
_pdbx_audit_revision_history.major_revision 
_pdbx_audit_revision_history.minor_revision 
_pdbx_audit_revision_history.revision_date 
_pdbx_audit_revision_history.part_number 
1 'Structure model' 1 0 1994-05-31 ? 
2 'Structure model' 1 1 2008-03-25 ? 
3 'Structure model' 1 2 2011-07-13 ? 
4 'Structure model' 1 3 2017-11-29 ? 
5 'Structure model' 1 4 2020-07-29 ? 
6 'Structure model' 1 5 2025-03-26 ? 
# 
loop_
_pdbx_audit_revision_details.ordinal 
_pdbx_audit_revision_details.revision_ordinal 
_pdbx_audit_revision_details.data_content_type 
_pdbx_audit_revision_details.provider 
_pdbx_audit_revision_details.type 
_pdbx_audit_revision_details.description 
_pdbx_audit_revision_details.details 
1 1 'Structure model' repository 'Initial release' ?                          ? 
2 5 'Structure model' repository Remediation       'Carbohydrate remediation' ? 
# 
loop_
_pdbx_audit_revision_group.ordinal 
_pdbx_audit_revision_group.revision_ordinal 
_pdbx_audit_revision_group.data_content_type 
_pdbx_audit_revision_group.group 
1  2 'Structure model' 'Version format compliance' 
2  3 'Structure model' 'Non-polymer description'   
3  3 'Structure model' 'Version format compliance' 
4  4 'Structure model' 'Derived calculations'      
5  4 'Structure model' Other                       
6  5 'Structure model' 'Data collection'           
7  5 'Structure model' 'Database references'       
8  5 'Structure model' 'Derived calculations'      
9  5 'Structure model' 'Structure summary'         
10 6 'Structure model' 'Data collection'           
11 6 'Structure model' 'Database references'       
12 6 'Structure model' 'Derived calculations'      
13 6 'Structure model' 'Structure summary'         
# 
loop_
_pdbx_audit_revision_category.ordinal 
_pdbx_audit_revision_category.revision_ordinal 
_pdbx_audit_revision_category.data_content_type 
_pdbx_audit_revision_category.category 
1  4 'Structure model' pdbx_database_status      
2  4 'Structure model' struct_conf               
3  4 'Structure model' struct_conf_type          
4  5 'Structure model' chem_comp                 
5  5 'Structure model' entity                    
6  5 'Structure model' pdbx_chem_comp_identifier 
7  5 'Structure model' pdbx_entity_nonpoly       
8  5 'Structure model' pdbx_struct_conn_angle    
9  5 'Structure model' struct_conn               
10 5 'Structure model' struct_ref_seq_dif        
11 5 'Structure model' struct_site               
12 5 'Structure model' struct_site_gen           
13 6 'Structure model' chem_comp                 
14 6 'Structure model' chem_comp_atom            
15 6 'Structure model' chem_comp_bond            
16 6 'Structure model' database_2                
17 6 'Structure model' pdbx_entry_details        
18 6 'Structure model' pdbx_modification_feature 
19 6 'Structure model' struct_sheet              
# 
loop_
_pdbx_audit_revision_item.ordinal 
_pdbx_audit_revision_item.revision_ordinal 
_pdbx_audit_revision_item.data_content_type 
_pdbx_audit_revision_item.item 
1  4 'Structure model' '_pdbx_database_status.process_site'           
2  5 'Structure model' '_chem_comp.name'                              
3  5 'Structure model' '_chem_comp.type'                              
4  5 'Structure model' '_entity.pdbx_description'                     
5  5 'Structure model' '_pdbx_entity_nonpoly.name'                    
6  5 'Structure model' '_pdbx_struct_conn_angle.ptnr1_auth_comp_id'   
7  5 'Structure model' '_pdbx_struct_conn_angle.ptnr1_auth_seq_id'    
8  5 'Structure model' '_pdbx_struct_conn_angle.ptnr1_label_asym_id'  
9  5 'Structure model' '_pdbx_struct_conn_angle.ptnr1_label_atom_id'  
10 5 'Structure model' '_pdbx_struct_conn_angle.ptnr1_label_comp_id'  
11 5 'Structure model' '_pdbx_struct_conn_angle.ptnr1_label_seq_id'   
12 5 'Structure model' '_pdbx_struct_conn_angle.ptnr2_auth_seq_id'    
13 5 'Structure model' '_pdbx_struct_conn_angle.ptnr2_label_asym_id'  
14 5 'Structure model' '_pdbx_struct_conn_angle.ptnr3_auth_comp_id'   
15 5 'Structure model' '_pdbx_struct_conn_angle.ptnr3_auth_seq_id'    
16 5 'Structure model' '_pdbx_struct_conn_angle.ptnr3_label_asym_id'  
17 5 'Structure model' '_pdbx_struct_conn_angle.ptnr3_label_atom_id'  
18 5 'Structure model' '_pdbx_struct_conn_angle.ptnr3_label_comp_id'  
19 5 'Structure model' '_pdbx_struct_conn_angle.ptnr3_label_seq_id'   
20 5 'Structure model' '_pdbx_struct_conn_angle.value'                
21 5 'Structure model' '_struct_conn.pdbx_dist_value'                 
22 5 'Structure model' '_struct_conn.pdbx_leaving_atom_flag'          
23 5 'Structure model' '_struct_conn.pdbx_role'                       
24 5 'Structure model' '_struct_conn.ptnr1_auth_comp_id'              
25 5 'Structure model' '_struct_conn.ptnr1_auth_seq_id'               
26 5 'Structure model' '_struct_conn.ptnr1_label_asym_id'             
27 5 'Structure model' '_struct_conn.ptnr1_label_atom_id'             
28 5 'Structure model' '_struct_conn.ptnr1_label_comp_id'             
29 5 'Structure model' '_struct_conn.ptnr1_label_seq_id'              
30 5 'Structure model' '_struct_conn.ptnr2_auth_comp_id'              
31 5 'Structure model' '_struct_conn.ptnr2_auth_seq_id'               
32 5 'Structure model' '_struct_conn.ptnr2_label_asym_id'             
33 5 'Structure model' '_struct_conn.ptnr2_label_atom_id'             
34 5 'Structure model' '_struct_conn.ptnr2_label_comp_id'             
35 5 'Structure model' '_struct_conn.ptnr2_label_seq_id'              
36 5 'Structure model' '_struct_ref_seq_dif.details'                  
37 6 'Structure model' '_chem_comp.pdbx_synonyms'                     
38 6 'Structure model' '_database_2.pdbx_DOI'                         
39 6 'Structure model' '_database_2.pdbx_database_accession'          
40 6 'Structure model' '_pdbx_entry_details.has_protein_modification' 
41 6 'Structure model' '_struct_sheet.number_strands'                 
# 
_pdbx_database_status.status_code                     REL 
_pdbx_database_status.entry_id                        2SPT 
_pdbx_database_status.recvd_initial_deposition_date   1994-02-01 
_pdbx_database_status.deposit_site                    ? 
_pdbx_database_status.process_site                    BNL 
_pdbx_database_status.SG_entry                        . 
_pdbx_database_status.pdb_format_compatible           Y 
_pdbx_database_status.status_code_mr                  ? 
_pdbx_database_status.status_code_sf                  ? 
_pdbx_database_status.status_code_cs                  ? 
_pdbx_database_status.methods_development_category    ? 
_pdbx_database_status.status_code_nmr_data            ? 
# 
_audit_author.name           'Tulinsky, A.' 
_audit_author.pdbx_ordinal   1 
# 
loop_
_citation.id 
_citation.title 
_citation.journal_abbrev 
_citation.journal_volume 
_citation.page_first 
_citation.page_last 
_citation.year 
_citation.journal_id_ASTM 
_citation.country 
_citation.journal_id_ISSN 
_citation.journal_id_CSD 
_citation.book_publisher 
_citation.pdbx_database_id_PubMed 
_citation.pdbx_database_id_DOI 
primary 'Differences in the metal ion structure between Sr- and Ca-prothrombin fragment 1.'          Biochemistry 33  1087 1092 
1994 BICHAW US 0006-2960 0033 ? 8110739 10.1021/bi00171a006 
1       'The Ca2+ Ion and Membrane Binding Structure of the Gla Domain of Ca-Prothrombin Fragment 1' Biochemistry 31  2554 ?    
1992 BICHAW US 0006-2960 0033 ? ?       ?                   
2       'Structure of Bovine Prothrombin Fragment 1 Refined at 2.25 Angstroms Resolution'            J.Mol.Biol.  220 481  ?    
1991 JMOBAK UK 0022-2836 0070 ? ?       ?                   
# 
loop_
_citation_author.citation_id 
_citation_author.name 
_citation_author.ordinal 
_citation_author.identifier_ORCID 
primary 'Seshadri, T.P.'        1  ? 
primary 'Skrzypczak-Jankun, E.' 2  ? 
primary 'Yin, M.'               3  ? 
primary 'Tulinsky, A.'          4  ? 
1       'Soriano-Garcia, M.'    5  ? 
1       'Padmanabhan, K.'       6  ? 
1       'De Vos, A.M.'          7  ? 
1       'Tulinsky, A.'          8  ? 
2       'Seshadri, T.P.'        9  ? 
2       'Tulinsky, A.'          10 ? 
2       'Skrzypczak-Jankun, E.' 11 ? 
2       'Park, C.H.'            12 ? 
# 
loop_
_entity.id 
_entity.type 
_entity.src_method 
_entity.pdbx_description 
_entity.formula_weight 
_entity.pdbx_number_of_molecules 
_entity.pdbx_ec 
_entity.pdbx_mutation 
_entity.pdbx_fragment 
_entity.details 
1 polymer     man PROTHROMBIN                              16729.180 1  3.4.21.5 ? ? ? 
2 non-polymer man 2-acetamido-2-deoxy-beta-D-glucopyranose 221.208   1  ?        ? ? ? 
3 non-polymer syn 'STRONTIUM ION'                          87.620    8  ?        ? ? ? 
4 water       nat water                                    18.015    90 ?        ? ? ? 
# 
_entity_poly.entity_id                      1 
_entity_poly.type                           'polypeptide(L)' 
_entity_poly.nstd_linkage                   no 
_entity_poly.nstd_monomer                   yes 
_entity_poly.pdbx_seq_one_letter_code       
;ANKGFL(CGU)(CGU)VRKGNL(CGU)R(CGU)CL(CGU)(CGU)PCSR(CGU)(CGU)AF(CGU)AL(CGU)SLSATDA
FWAKYTACESARNPREKLNECLEGNCAEGVGMNYRGNVSVTRSGIECQLWRSRYPHKPEINSTTHPGADLRENFCRNPDG
SITGPWCYTTSPTLRREECSVPVCG
;
_entity_poly.pdbx_seq_one_letter_code_can   
;ANKGFLEEVRKGNLERECLEEPCSREEAFEALESLSATDAFWAKYTACESARNPREKLNECLEGNCAEGVGMNYRGNVSV
TRSGIECQLWRSRYPHKPEINSTTHPGADLRENFCRNPDGSITGPWCYTTSPTLRREECSVPVCG
;
_entity_poly.pdbx_strand_id                 A 
_entity_poly.pdbx_target_identifier         ? 
# 
loop_
_pdbx_entity_nonpoly.entity_id 
_pdbx_entity_nonpoly.name 
_pdbx_entity_nonpoly.comp_id 
2 2-acetamido-2-deoxy-beta-D-glucopyranose NAG 
3 'STRONTIUM ION'                          SR  
4 water                                    HOH 
# 
loop_
_entity_poly_seq.entity_id 
_entity_poly_seq.num 
_entity_poly_seq.mon_id 
_entity_poly_seq.hetero 
1 1   ALA n 
1 2   ASN n 
1 3   LYS n 
1 4   GLY n 
1 5   PHE n 
1 6   LEU n 
1 7   CGU n 
1 8   CGU n 
1 9   VAL n 
1 10  ARG n 
1 11  LYS n 
1 12  GLY n 
1 13  ASN n 
1 14  LEU n 
1 15  CGU n 
1 16  ARG n 
1 17  CGU n 
1 18  CYS n 
1 19  LEU n 
1 20  CGU n 
1 21  CGU n 
1 22  PRO n 
1 23  CYS n 
1 24  SER n 
1 25  ARG n 
1 26  CGU n 
1 27  CGU n 
1 28  ALA n 
1 29  PHE n 
1 30  CGU n 
1 31  ALA n 
1 32  LEU n 
1 33  CGU n 
1 34  SER n 
1 35  LEU n 
1 36  SER n 
1 37  ALA n 
1 38  THR n 
1 39  ASP n 
1 40  ALA n 
1 41  PHE n 
1 42  TRP n 
1 43  ALA n 
1 44  LYS n 
1 45  TYR n 
1 46  THR n 
1 47  ALA n 
1 48  CYS n 
1 49  GLU n 
1 50  SER n 
1 51  ALA n 
1 52  ARG n 
1 53  ASN n 
1 54  PRO n 
1 55  ARG n 
1 56  GLU n 
1 57  LYS n 
1 58  LEU n 
1 59  ASN n 
1 60  GLU n 
1 61  CYS n 
1 62  LEU n 
1 63  GLU n 
1 64  GLY n 
1 65  ASN n 
1 66  CYS n 
1 67  ALA n 
1 68  GLU n 
1 69  GLY n 
1 70  VAL n 
1 71  GLY n 
1 72  MET n 
1 73  ASN n 
1 74  TYR n 
1 75  ARG n 
1 76  GLY n 
1 77  ASN n 
1 78  VAL n 
1 79  SER n 
1 80  VAL n 
1 81  THR n 
1 82  ARG n 
1 83  SER n 
1 84  GLY n 
1 85  ILE n 
1 86  GLU n 
1 87  CYS n 
1 88  GLN n 
1 89  LEU n 
1 90  TRP n 
1 91  ARG n 
1 92  SER n 
1 93  ARG n 
1 94  TYR n 
1 95  PRO n 
1 96  HIS n 
1 97  LYS n 
1 98  PRO n 
1 99  GLU n 
1 100 ILE n 
1 101 ASN n 
1 102 SER n 
1 103 THR n 
1 104 THR n 
1 105 HIS n 
1 106 PRO n 
1 107 GLY n 
1 108 ALA n 
1 109 ASP n 
1 110 LEU n 
1 111 ARG n 
1 112 GLU n 
1 113 ASN n 
1 114 PHE n 
1 115 CYS n 
1 116 ARG n 
1 117 ASN n 
1 118 PRO n 
1 119 ASP n 
1 120 GLY n 
1 121 SER n 
1 122 ILE n 
1 123 THR n 
1 124 GLY n 
1 125 PRO n 
1 126 TRP n 
1 127 CYS n 
1 128 TYR n 
1 129 THR n 
1 130 THR n 
1 131 SER n 
1 132 PRO n 
1 133 THR n 
1 134 LEU n 
1 135 ARG n 
1 136 ARG n 
1 137 GLU n 
1 138 GLU n 
1 139 CYS n 
1 140 SER n 
1 141 VAL n 
1 142 PRO n 
1 143 VAL n 
1 144 CYS n 
1 145 GLY n 
# 
_entity_src_gen.entity_id                          1 
_entity_src_gen.pdbx_src_id                        1 
_entity_src_gen.pdbx_alt_source_flag               sample 
_entity_src_gen.pdbx_seq_type                      ? 
_entity_src_gen.pdbx_beg_seq_num                   ? 
_entity_src_gen.pdbx_end_seq_num                   ? 
_entity_src_gen.gene_src_common_name               cattle 
_entity_src_gen.gene_src_genus                     Bos 
_entity_src_gen.pdbx_gene_src_gene                 ? 
_entity_src_gen.gene_src_species                   ? 
_entity_src_gen.gene_src_strain                    ? 
_entity_src_gen.gene_src_tissue                    ? 
_entity_src_gen.gene_src_tissue_fraction           ? 
_entity_src_gen.gene_src_details                   ? 
_entity_src_gen.pdbx_gene_src_fragment             ? 
_entity_src_gen.pdbx_gene_src_scientific_name      'Bos taurus' 
_entity_src_gen.pdbx_gene_src_ncbi_taxonomy_id     9913 
_entity_src_gen.pdbx_gene_src_variant              ? 
_entity_src_gen.pdbx_gene_src_cell_line            ? 
_entity_src_gen.pdbx_gene_src_atcc                 ? 
_entity_src_gen.pdbx_gene_src_organ                ? 
_entity_src_gen.pdbx_gene_src_organelle            ? 
_entity_src_gen.pdbx_gene_src_cell                 ? 
_entity_src_gen.pdbx_gene_src_cellular_location    ? 
_entity_src_gen.host_org_common_name               ? 
_entity_src_gen.pdbx_host_org_scientific_name      ? 
_entity_src_gen.pdbx_host_org_ncbi_taxonomy_id     ? 
_entity_src_gen.host_org_genus                     ? 
_entity_src_gen.pdbx_host_org_gene                 ? 
_entity_src_gen.pdbx_host_org_organ                ? 
_entity_src_gen.host_org_species                   ? 
_entity_src_gen.pdbx_host_org_tissue               ? 
_entity_src_gen.pdbx_host_org_tissue_fraction      ? 
_entity_src_gen.pdbx_host_org_strain               ? 
_entity_src_gen.pdbx_host_org_variant              ? 
_entity_src_gen.pdbx_host_org_cell_line            ? 
_entity_src_gen.pdbx_host_org_atcc                 ? 
_entity_src_gen.pdbx_host_org_culture_collection   ? 
_entity_src_gen.pdbx_host_org_cell                 ? 
_entity_src_gen.pdbx_host_org_organelle            ? 
_entity_src_gen.pdbx_host_org_cellular_location    ? 
_entity_src_gen.pdbx_host_org_vector_type          ? 
_entity_src_gen.pdbx_host_org_vector               ? 
_entity_src_gen.host_org_details                   ? 
_entity_src_gen.expression_system_id               ? 
_entity_src_gen.plasmid_name                       ? 
_entity_src_gen.plasmid_details                    ? 
_entity_src_gen.pdbx_description                   ? 
# 
loop_
_chem_comp.id 
_chem_comp.type 
_chem_comp.mon_nstd_flag 
_chem_comp.name 
_chem_comp.pdbx_synonyms 
_chem_comp.formula 
_chem_comp.formula_weight 
ALA 'L-peptide linking'          y ALANINE                                  ? 'C3 H7 N O2'     89.093  
ARG 'L-peptide linking'          y ARGININE                                 ? 'C6 H15 N4 O2 1' 175.209 
ASN 'L-peptide linking'          y ASPARAGINE                               ? 'C4 H8 N2 O3'    132.118 
ASP 'L-peptide linking'          y 'ASPARTIC ACID'                          ? 'C4 H7 N O4'     133.103 
CGU 'L-peptide linking'          n 'GAMMA-CARBOXY-GLUTAMIC ACID'            ? 'C6 H9 N O6'     191.139 
CYS 'L-peptide linking'          y CYSTEINE                                 ? 'C3 H7 N O2 S'   121.158 
GLN 'L-peptide linking'          y GLUTAMINE                                ? 'C5 H10 N2 O3'   146.144 
GLU 'L-peptide linking'          y 'GLUTAMIC ACID'                          ? 'C5 H9 N O4'     147.129 
GLY 'peptide linking'            y GLYCINE                                  ? 'C2 H5 N O2'     75.067  
HIS 'L-peptide linking'          y HISTIDINE                                ? 'C6 H10 N3 O2 1' 156.162 
HOH non-polymer                  . WATER                                    ? 'H2 O'           18.015  
ILE 'L-peptide linking'          y ISOLEUCINE                               ? 'C6 H13 N O2'    131.173 
LEU 'L-peptide linking'          y LEUCINE                                  ? 'C6 H13 N O2'    131.173 
LYS 'L-peptide linking'          y LYSINE                                   ? 'C6 H15 N2 O2 1' 147.195 
MET 'L-peptide linking'          y METHIONINE                               ? 'C5 H11 N O2 S'  149.211 
NAG 'D-saccharide, beta linking' . 2-acetamido-2-deoxy-beta-D-glucopyranose 
;N-acetyl-beta-D-glucosamine; 2-acetamido-2-deoxy-beta-D-glucose; 2-acetamido-2-deoxy-D-glucose; 2-acetamido-2-deoxy-glucose; N-ACETYL-D-GLUCOSAMINE
;
'C8 H15 N O6'    221.208 
PHE 'L-peptide linking'          y PHENYLALANINE                            ? 'C9 H11 N O2'    165.189 
PRO 'L-peptide linking'          y PROLINE                                  ? 'C5 H9 N O2'     115.130 
SER 'L-peptide linking'          y SERINE                                   ? 'C3 H7 N O3'     105.093 
SR  non-polymer                  . 'STRONTIUM ION'                          ? 'Sr 2'           87.620  
THR 'L-peptide linking'          y THREONINE                                ? 'C4 H9 N O3'     119.119 
TRP 'L-peptide linking'          y TRYPTOPHAN                               ? 'C11 H12 N2 O2'  204.225 
TYR 'L-peptide linking'          y TYROSINE                                 ? 'C9 H11 N O3'    181.189 
VAL 'L-peptide linking'          y VALINE                                   ? 'C5 H11 N O2'    117.146 
# 
loop_
_pdbx_chem_comp_identifier.comp_id 
_pdbx_chem_comp_identifier.type 
_pdbx_chem_comp_identifier.program 
_pdbx_chem_comp_identifier.program_version 
_pdbx_chem_comp_identifier.identifier 
NAG 'CONDENSED IUPAC CARBOHYDRATE SYMBOL' GMML     1.0 DGlcpNAcb                      
NAG 'COMMON NAME'                         GMML     1.0 N-acetyl-b-D-glucopyranosamine 
NAG 'IUPAC CARBOHYDRATE SYMBOL'           PDB-CARE 1.0 b-D-GlcpNAc                    
NAG 'SNFG CARBOHYDRATE SYMBOL'            GMML     1.0 GlcNAc                         
# 
loop_
_pdbx_poly_seq_scheme.asym_id 
_pdbx_poly_seq_scheme.entity_id 
_pdbx_poly_seq_scheme.seq_id 
_pdbx_poly_seq_scheme.mon_id 
_pdbx_poly_seq_scheme.ndb_seq_num 
_pdbx_poly_seq_scheme.pdb_seq_num 
_pdbx_poly_seq_scheme.auth_seq_num 
_pdbx_poly_seq_scheme.pdb_mon_id 
_pdbx_poly_seq_scheme.auth_mon_id 
_pdbx_poly_seq_scheme.pdb_strand_id 
_pdbx_poly_seq_scheme.pdb_ins_code 
_pdbx_poly_seq_scheme.hetero 
A 1 1   ALA 1   1   1   ALA ALA A . n 
A 1 2   ASN 2   2   2   ASN ASN A . n 
A 1 3   LYS 3   3   3   LYS LYS A . n 
A 1 4   GLY 4   4   4   GLY GLY A . n 
A 1 5   PHE 5   5   5   PHE PHE A . n 
A 1 6   LEU 6   6   6   LEU LEU A . n 
A 1 7   CGU 7   7   7   CGU CGU A . n 
A 1 8   CGU 8   8   8   CGU CGU A . n 
A 1 9   VAL 9   9   9   VAL VAL A . n 
A 1 10  ARG 10  10  10  ARG ARG A . n 
A 1 11  LYS 11  11  11  LYS LYS A . n 
A 1 12  GLY 12  12  12  GLY GLY A . n 
A 1 13  ASN 13  13  13  ASN ASN A . n 
A 1 14  LEU 14  14  14  LEU LEU A . n 
A 1 15  CGU 15  15  15  CGU CGU A . n 
A 1 16  ARG 16  16  16  ARG ARG A . n 
A 1 17  CGU 17  17  17  CGU CGU A . n 
A 1 18  CYS 18  18  18  CYS CYS A . n 
A 1 19  LEU 19  19  19  LEU LEU A . n 
A 1 20  CGU 20  20  20  CGU CGU A . n 
A 1 21  CGU 21  21  21  CGU CGU A . n 
A 1 22  PRO 22  22  22  PRO PRO A . n 
A 1 23  CYS 23  23  23  CYS CYS A . n 
A 1 24  SER 24  24  24  SER SER A . n 
A 1 25  ARG 25  25  25  ARG ARG A . n 
A 1 26  CGU 26  26  26  CGU CGU A . n 
A 1 27  CGU 27  27  27  CGU CGU A . n 
A 1 28  ALA 28  28  28  ALA ALA A . n 
A 1 29  PHE 29  29  29  PHE PHE A . n 
A 1 30  CGU 30  30  30  CGU CGU A . n 
A 1 31  ALA 31  31  31  ALA ALA A . n 
A 1 32  LEU 32  32  32  LEU LEU A . n 
A 1 33  CGU 33  33  33  CGU CGU A . n 
A 1 34  SER 34  34  34  SER SER A . n 
A 1 35  LEU 35  35  35  LEU LEU A . n 
A 1 36  SER 36  36  36  SER SER A . n 
A 1 37  ALA 37  37  37  ALA ALA A . n 
A 1 38  THR 38  38  38  THR THR A . n 
A 1 39  ASP 39  39  39  ASP ASP A . n 
A 1 40  ALA 40  40  40  ALA ALA A . n 
A 1 41  PHE 41  41  41  PHE PHE A . n 
A 1 42  TRP 42  42  42  TRP TRP A . n 
A 1 43  ALA 43  43  43  ALA ALA A . n 
A 1 44  LYS 44  44  44  LYS LYS A . n 
A 1 45  TYR 45  45  45  TYR TYR A . n 
A 1 46  THR 46  46  46  THR THR A . n 
A 1 47  ALA 47  47  47  ALA ALA A . n 
A 1 48  CYS 48  48  48  CYS CYS A . n 
A 1 49  GLU 49  49  49  GLU GLU A . n 
A 1 50  SER 50  50  50  SER SER A . n 
A 1 51  ALA 51  51  51  ALA ALA A . n 
A 1 52  ARG 52  52  52  ARG ARG A . n 
A 1 53  ASN 53  53  53  ASN ASN A . n 
A 1 54  PRO 54  54  54  PRO PRO A . n 
A 1 55  ARG 55  55  55  ARG ARG A . n 
A 1 56  GLU 56  56  56  GLU GLU A . n 
A 1 57  LYS 57  57  57  LYS LYS A . n 
A 1 58  LEU 58  58  58  LEU LEU A . n 
A 1 59  ASN 59  59  59  ASN ASN A . n 
A 1 60  GLU 60  60  60  GLU GLU A . n 
A 1 61  CYS 61  61  61  CYS CYS A . n 
A 1 62  LEU 62  62  62  LEU LEU A . n 
A 1 63  GLU 63  63  63  GLU GLU A . n 
A 1 64  GLY 64  64  64  GLY GLY A . n 
A 1 65  ASN 65  65  65  ASN ASN A . n 
A 1 66  CYS 66  66  66  CYS CYS A . n 
A 1 67  ALA 67  67  67  ALA ALA A . n 
A 1 68  GLU 68  68  68  GLU GLU A . n 
A 1 69  GLY 69  69  69  GLY GLY A . n 
A 1 70  VAL 70  70  70  VAL VAL A . n 
A 1 71  GLY 71  71  71  GLY GLY A . n 
A 1 72  MET 72  72  72  MET MET A . n 
A 1 73  ASN 73  73  73  ASN ASN A . n 
A 1 74  TYR 74  74  74  TYR TYR A . n 
A 1 75  ARG 75  75  75  ARG ARG A . n 
A 1 76  GLY 76  76  76  GLY GLY A . n 
A 1 77  ASN 77  77  77  ASN ASN A . n 
A 1 78  VAL 78  78  78  VAL VAL A . n 
A 1 79  SER 79  79  79  SER SER A . n 
A 1 80  VAL 80  80  80  VAL VAL A . n 
A 1 81  THR 81  81  81  THR THR A . n 
A 1 82  ARG 82  82  82  ARG ARG A . n 
A 1 83  SER 83  83  83  SER SER A . n 
A 1 84  GLY 84  84  84  GLY GLY A . n 
A 1 85  ILE 85  85  85  ILE ILE A . n 
A 1 86  GLU 86  86  86  GLU GLU A . n 
A 1 87  CYS 87  87  87  CYS CYS A . n 
A 1 88  GLN 88  88  88  GLN GLN A . n 
A 1 89  LEU 89  89  89  LEU LEU A . n 
A 1 90  TRP 90  90  90  TRP TRP A . n 
A 1 91  ARG 91  91  91  ARG ARG A . n 
A 1 92  SER 92  92  92  SER SER A . n 
A 1 93  ARG 93  93  93  ARG ARG A . n 
A 1 94  TYR 94  94  94  TYR TYR A . n 
A 1 95  PRO 95  95  95  PRO PRO A . n 
A 1 96  HIS 96  96  96  HIS HIS A . n 
A 1 97  LYS 97  97  97  LYS LYS A . n 
A 1 98  PRO 98  98  98  PRO PRO A . n 
A 1 99  GLU 99  99  99  GLU GLU A . n 
A 1 100 ILE 100 100 100 ILE ILE A . n 
A 1 101 ASN 101 101 101 ASN ASN A . n 
A 1 102 SER 102 102 102 SER SER A . n 
A 1 103 THR 103 103 103 THR THR A . n 
A 1 104 THR 104 104 104 THR THR A . n 
A 1 105 HIS 105 105 105 HIS HIS A . n 
A 1 106 PRO 106 106 106 PRO PRO A . n 
A 1 107 GLY 107 107 107 GLY GLY A . n 
A 1 108 ALA 108 108 108 ALA ALA A . n 
A 1 109 ASP 109 109 109 ASP ASP A . n 
A 1 110 LEU 110 110 110 LEU LEU A . n 
A 1 111 ARG 111 111 111 ARG ARG A . n 
A 1 112 GLU 112 112 112 GLU GLU A . n 
A 1 113 ASN 113 113 113 ASN ASN A . n 
A 1 114 PHE 114 114 114 PHE PHE A . n 
A 1 115 CYS 115 115 115 CYS CYS A . n 
A 1 116 ARG 116 116 116 ARG ARG A . n 
A 1 117 ASN 117 117 117 ASN ASN A . n 
A 1 118 PRO 118 118 118 PRO PRO A . n 
A 1 119 ASP 119 119 119 ASP ASP A . n 
A 1 120 GLY 120 120 120 GLY GLY A . n 
A 1 121 SER 121 121 121 SER SER A . n 
A 1 122 ILE 122 122 122 ILE ILE A . n 
A 1 123 THR 123 123 123 THR THR A . n 
A 1 124 GLY 124 124 124 GLY GLY A . n 
A 1 125 PRO 125 125 125 PRO PRO A . n 
A 1 126 TRP 126 126 126 TRP TRP A . n 
A 1 127 CYS 127 127 127 CYS CYS A . n 
A 1 128 TYR 128 128 128 TYR TYR A . n 
A 1 129 THR 129 129 129 THR THR A . n 
A 1 130 THR 130 130 130 THR THR A . n 
A 1 131 SER 131 131 131 SER SER A . n 
A 1 132 PRO 132 132 132 PRO PRO A . n 
A 1 133 THR 133 133 133 THR THR A . n 
A 1 134 LEU 134 134 134 LEU LEU A . n 
A 1 135 ARG 135 135 135 ARG ARG A . n 
A 1 136 ARG 136 136 136 ARG ARG A . n 
A 1 137 GLU 137 137 137 GLU GLU A . n 
A 1 138 GLU 138 138 138 GLU GLU A . n 
A 1 139 CYS 139 139 139 CYS CYS A . n 
A 1 140 SER 140 140 140 SER SER A . n 
A 1 141 VAL 141 141 141 VAL VAL A . n 
A 1 142 PRO 142 142 142 PRO PRO A . n 
A 1 143 VAL 143 143 143 VAL VAL A . n 
A 1 144 CYS 144 144 144 CYS CYS A . n 
A 1 145 GLY 145 145 145 GLY GLY A . n 
# 
loop_
_pdbx_nonpoly_scheme.asym_id 
_pdbx_nonpoly_scheme.entity_id 
_pdbx_nonpoly_scheme.mon_id 
_pdbx_nonpoly_scheme.ndb_seq_num 
_pdbx_nonpoly_scheme.pdb_seq_num 
_pdbx_nonpoly_scheme.auth_seq_num 
_pdbx_nonpoly_scheme.pdb_mon_id 
_pdbx_nonpoly_scheme.auth_mon_id 
_pdbx_nonpoly_scheme.pdb_strand_id 
_pdbx_nonpoly_scheme.pdb_ins_code 
B 2 NAG 1  161 161 NAG NAG A . 
C 3 SR  1  171 171 SR  SR  A . 
D 3 SR  1  172 172 SR  SR  A . 
E 3 SR  1  173 173 SR  SR  A . 
F 3 SR  1  174 174 SR  SR  A . 
G 3 SR  1  175 175 SR  SR  A . 
H 3 SR  1  176 176 SR  SR  A . 
I 3 SR  1  177 177 SR  SR  A . 
J 3 SR  1  178 178 SR  SR  A . 
K 4 HOH 1  181 181 HOH HOH A . 
K 4 HOH 2  182 182 HOH HOH A . 
K 4 HOH 3  184 184 HOH HOH A . 
K 4 HOH 4  185 185 HOH HOH A . 
K 4 HOH 5  186 186 HOH HOH A . 
K 4 HOH 6  187 187 HOH HOH A . 
K 4 HOH 7  188 188 HOH HOH A . 
K 4 HOH 8  189 189 HOH HOH A . 
K 4 HOH 9  190 190 HOH HOH A . 
K 4 HOH 10 191 191 HOH HOH A . 
K 4 HOH 11 192 192 HOH HOH A . 
K 4 HOH 12 193 193 HOH HOH A . 
K 4 HOH 13 195 195 HOH HOH A . 
K 4 HOH 14 196 196 HOH HOH A . 
K 4 HOH 15 198 198 HOH HOH A . 
K 4 HOH 16 199 199 HOH HOH A . 
K 4 HOH 17 200 200 HOH HOH A . 
K 4 HOH 18 201 201 HOH HOH A . 
K 4 HOH 19 203 203 HOH HOH A . 
K 4 HOH 20 204 204 HOH HOH A . 
K 4 HOH 21 205 205 HOH HOH A . 
K 4 HOH 22 206 206 HOH HOH A . 
K 4 HOH 23 207 207 HOH HOH A . 
K 4 HOH 24 208 208 HOH HOH A . 
K 4 HOH 25 209 209 HOH HOH A . 
K 4 HOH 26 210 210 HOH HOH A . 
K 4 HOH 27 211 211 HOH HOH A . 
K 4 HOH 28 212 212 HOH HOH A . 
K 4 HOH 29 213 213 HOH HOH A . 
K 4 HOH 30 214 214 HOH HOH A . 
K 4 HOH 31 217 217 HOH HOH A . 
K 4 HOH 32 219 219 HOH HOH A . 
K 4 HOH 33 221 221 HOH HOH A . 
K 4 HOH 34 223 223 HOH HOH A . 
K 4 HOH 35 226 226 HOH HOH A . 
K 4 HOH 36 227 227 HOH HOH A . 
K 4 HOH 37 230 230 HOH HOH A . 
K 4 HOH 38 232 232 HOH HOH A . 
K 4 HOH 39 243 243 HOH HOH A . 
K 4 HOH 40 244 244 HOH HOH A . 
K 4 HOH 41 247 247 HOH HOH A . 
K 4 HOH 42 251 251 HOH HOH A . 
K 4 HOH 43 252 252 HOH HOH A . 
K 4 HOH 44 258 258 HOH HOH A . 
K 4 HOH 45 259 259 HOH HOH A . 
K 4 HOH 46 266 266 HOH HOH A . 
K 4 HOH 47 267 267 HOH HOH A . 
K 4 HOH 48 268 268 HOH HOH A . 
K 4 HOH 49 271 271 HOH HOH A . 
K 4 HOH 50 272 272 HOH HOH A . 
K 4 HOH 51 275 275 HOH HOH A . 
K 4 HOH 52 276 276 HOH HOH A . 
K 4 HOH 53 279 279 HOH HOH A . 
K 4 HOH 54 280 280 HOH HOH A . 
K 4 HOH 55 282 282 HOH HOH A . 
K 4 HOH 56 286 286 HOH HOH A . 
K 4 HOH 57 287 287 HOH HOH A . 
K 4 HOH 58 289 289 HOH HOH A . 
K 4 HOH 59 292 292 HOH HOH A . 
K 4 HOH 60 294 294 HOH HOH A . 
K 4 HOH 61 299 299 HOH HOH A . 
K 4 HOH 62 306 306 HOH HOH A . 
K 4 HOH 63 309 309 HOH HOH A . 
K 4 HOH 64 320 320 HOH HOH A . 
K 4 HOH 65 321 321 HOH HOH A . 
K 4 HOH 66 322 322 HOH HOH A . 
K 4 HOH 67 324 324 HOH HOH A . 
K 4 HOH 68 326 326 HOH HOH A . 
K 4 HOH 69 333 333 HOH HOH A . 
K 4 HOH 70 336 336 HOH HOH A . 
K 4 HOH 71 339 339 HOH HOH A . 
K 4 HOH 72 344 344 HOH HOH A . 
K 4 HOH 73 349 349 HOH HOH A . 
K 4 HOH 74 350 350 HOH HOH A . 
K 4 HOH 75 354 354 HOH HOH A . 
K 4 HOH 76 360 360 HOH HOH A . 
K 4 HOH 77 364 364 HOH HOH A . 
K 4 HOH 78 365 365 HOH HOH A . 
K 4 HOH 79 376 376 HOH HOH A . 
K 4 HOH 80 385 385 HOH HOH A . 
K 4 HOH 81 391 391 HOH HOH A . 
K 4 HOH 82 399 399 HOH HOH A . 
K 4 HOH 83 406 406 HOH HOH A . 
K 4 HOH 84 408 408 HOH HOH A . 
K 4 HOH 85 413 413 HOH HOH A . 
K 4 HOH 86 420 420 HOH HOH A . 
K 4 HOH 87 439 439 HOH HOH A . 
K 4 HOH 88 440 440 HOH HOH A . 
K 4 HOH 89 441 441 HOH HOH A . 
K 4 HOH 90 442 442 HOH HOH A . 
# 
loop_
_pdbx_unobs_or_zero_occ_atoms.id 
_pdbx_unobs_or_zero_occ_atoms.PDB_model_num 
_pdbx_unobs_or_zero_occ_atoms.polymer_flag 
_pdbx_unobs_or_zero_occ_atoms.occupancy_flag 
_pdbx_unobs_or_zero_occ_atoms.auth_asym_id 
_pdbx_unobs_or_zero_occ_atoms.auth_comp_id 
_pdbx_unobs_or_zero_occ_atoms.auth_seq_id 
_pdbx_unobs_or_zero_occ_atoms.PDB_ins_code 
_pdbx_unobs_or_zero_occ_atoms.auth_atom_id 
_pdbx_unobs_or_zero_occ_atoms.label_alt_id 
_pdbx_unobs_or_zero_occ_atoms.label_asym_id 
_pdbx_unobs_or_zero_occ_atoms.label_comp_id 
_pdbx_unobs_or_zero_occ_atoms.label_seq_id 
_pdbx_unobs_or_zero_occ_atoms.label_atom_id 
1 1 Y 1 A CGU 33 ? CB   ? A CGU 33 CB   
2 1 Y 1 A CGU 33 ? CG   ? A CGU 33 CG   
3 1 Y 1 A CGU 33 ? CD1  ? A CGU 33 CD1  
4 1 Y 1 A CGU 33 ? CD2  ? A CGU 33 CD2  
5 1 Y 1 A CGU 33 ? OE11 ? A CGU 33 OE11 
6 1 Y 1 A CGU 33 ? OE12 ? A CGU 33 OE12 
7 1 Y 1 A CGU 33 ? OE21 ? A CGU 33 OE21 
8 1 Y 1 A CGU 33 ? OE22 ? A CGU 33 OE22 
# 
loop_
_software.name 
_software.classification 
_software.version 
_software.citation_id 
_software.pdbx_ordinal 
PROFFT refinement . ? 1 
PROLSQ refinement . ? 2 
# 
_cell.entry_id           2SPT 
_cell.length_a           39.690 
_cell.length_b           54.120 
_cell.length_c           131.170 
_cell.angle_alpha        90.00 
_cell.angle_beta         90.00 
_cell.angle_gamma        90.00 
_cell.Z_PDB              4 
_cell.pdbx_unique_axis   ? 
# 
_symmetry.entry_id                         2SPT 
_symmetry.space_group_name_H-M             'P 21 21 21' 
_symmetry.pdbx_full_space_group_name_H-M   ? 
_symmetry.cell_setting                     ? 
_symmetry.Int_Tables_number                19 
# 
_exptl.entry_id          2SPT 
_exptl.method            'X-RAY DIFFRACTION' 
_exptl.crystals_number   ? 
# 
_exptl_crystal.id                    1 
_exptl_crystal.density_meas          ? 
_exptl_crystal.density_Matthews      4.21 
_exptl_crystal.density_percent_sol   70.77 
_exptl_crystal.description           ? 
# 
_diffrn.id                     1 
_diffrn.crystal_id             1 
_diffrn.ambient_temp           ? 
_diffrn.ambient_temp_details   ? 
# 
_refine.entry_id                                 2SPT 
_refine.ls_number_reflns_obs                     4812 
_refine.ls_number_reflns_all                     ? 
_refine.pdbx_ls_sigma_I                          ? 
_refine.pdbx_ls_sigma_F                          ? 
_refine.pdbx_data_cutoff_high_absF               ? 
_refine.pdbx_data_cutoff_low_absF                ? 
_refine.pdbx_data_cutoff_high_rms_absF           ? 
_refine.ls_d_res_low                             7.0 
_refine.ls_d_res_high                            2.5 
_refine.ls_percent_reflns_obs                    ? 
_refine.ls_R_factor_obs                          0.167 
_refine.ls_R_factor_all                          ? 
_refine.ls_R_factor_R_work                       ? 
_refine.ls_R_factor_R_free                       ? 
_refine.ls_R_factor_R_free_error                 ? 
_refine.ls_R_factor_R_free_error_details         ? 
_refine.ls_percent_reflns_R_free                 ? 
_refine.ls_number_reflns_R_free                  ? 
_refine.ls_number_parameters                     ? 
_refine.ls_number_restraints                     ? 
_refine.occupancy_min                            ? 
_refine.occupancy_max                            ? 
_refine.B_iso_mean                               ? 
_refine.aniso_B[1][1]                            ? 
_refine.aniso_B[2][2]                            ? 
_refine.aniso_B[3][3]                            ? 
_refine.aniso_B[1][2]                            ? 
_refine.aniso_B[1][3]                            ? 
_refine.aniso_B[2][3]                            ? 
_refine.solvent_model_details                    ? 
_refine.solvent_model_param_ksol                 ? 
_refine.solvent_model_param_bsol                 ? 
_refine.pdbx_ls_cross_valid_method               ? 
_refine.details                                  ? 
_refine.pdbx_starting_model                      ? 
_refine.pdbx_method_to_determine_struct          ? 
_refine.pdbx_isotropic_thermal_model             ? 
_refine.pdbx_stereochemistry_target_values       ? 
_refine.pdbx_stereochem_target_val_spec_case     ? 
_refine.pdbx_R_Free_selection_details            ? 
_refine.pdbx_overall_ESU_R                       ? 
_refine.pdbx_overall_ESU_R_Free                  ? 
_refine.overall_SU_ML                            ? 
_refine.overall_SU_B                             ? 
_refine.pdbx_refine_id                           'X-RAY DIFFRACTION' 
_refine.pdbx_diffrn_id                           1 
_refine.pdbx_TLS_residual_ADP_flag               ? 
_refine.correlation_coeff_Fo_to_Fc               ? 
_refine.correlation_coeff_Fo_to_Fc_free          ? 
_refine.pdbx_solvent_vdw_probe_radii             ? 
_refine.pdbx_solvent_ion_probe_radii             ? 
_refine.pdbx_solvent_shrinkage_radii             ? 
_refine.pdbx_overall_phase_error                 ? 
_refine.overall_SU_R_Cruickshank_DPI             ? 
_refine.pdbx_overall_SU_R_free_Cruickshank_DPI   ? 
_refine.pdbx_overall_SU_R_Blow_DPI               ? 
_refine.pdbx_overall_SU_R_free_Blow_DPI          ? 
# 
_refine_hist.pdbx_refine_id                   'X-RAY DIFFRACTION' 
_refine_hist.cycle_id                         LAST 
_refine_hist.pdbx_number_atoms_protein        1158 
_refine_hist.pdbx_number_atoms_nucleic_acid   0 
_refine_hist.pdbx_number_atoms_ligand         22 
_refine_hist.number_atoms_solvent             90 
_refine_hist.number_atoms_total               1270 
_refine_hist.d_res_high                       2.5 
_refine_hist.d_res_low                        7.0 
# 
loop_
_refine_ls_restr.type 
_refine_ls_restr.dev_ideal 
_refine_ls_restr.dev_ideal_target 
_refine_ls_restr.weight 
_refine_ls_restr.number 
_refine_ls_restr.pdbx_refine_id 
_refine_ls_restr.pdbx_restraint_function 
p_bond_d            0.013 0.020 ? ? 'X-RAY DIFFRACTION' ? 
p_angle_d           0.050 0.040 ? ? 'X-RAY DIFFRACTION' ? 
p_angle_deg         ?     ?     ? ? 'X-RAY DIFFRACTION' ? 
p_planar_d          0.058 0.060 ? ? 'X-RAY DIFFRACTION' ? 
p_hb_or_metal_coord ?     ?     ? ? 'X-RAY DIFFRACTION' ? 
p_mcbond_it         0.5   1.2   ? ? 'X-RAY DIFFRACTION' ? 
p_mcangle_it        0.9   1.5   ? ? 'X-RAY DIFFRACTION' ? 
p_scbond_it         0.8   1.5   ? ? 'X-RAY DIFFRACTION' ? 
p_scangle_it        1.4   2.0   ? ? 'X-RAY DIFFRACTION' ? 
p_plane_restr       0.016 0.030 ? ? 'X-RAY DIFFRACTION' ? 
p_chiral_restr      0.017 0.150 ? ? 'X-RAY DIFFRACTION' ? 
p_singtor_nbd       0.25  0.50  ? ? 'X-RAY DIFFRACTION' ? 
p_multtor_nbd       0.33  0.50  ? ? 'X-RAY DIFFRACTION' ? 
p_xhyhbond_nbd      0.33  0.50  ? ? 'X-RAY DIFFRACTION' ? 
p_xyhbond_nbd       ?     ?     ? ? 'X-RAY DIFFRACTION' ? 
p_planar_tor        2.    3.    ? ? 'X-RAY DIFFRACTION' ? 
p_staggered_tor     24.   15.   ? ? 'X-RAY DIFFRACTION' ? 
p_orthonormal_tor   29.   20.   ? ? 'X-RAY DIFFRACTION' ? 
p_transverse_tor    ?     ?     ? ? 'X-RAY DIFFRACTION' ? 
p_special_tor       ?     ?     ? ? 'X-RAY DIFFRACTION' ? 
# 
_struct.entry_id                  2SPT 
_struct.title                     'DIFFERENCES IN THE METAL ION STRUCTURE BETWEEN SR-AND CA-PROTHROMBIN FRAGMENT 1' 
_struct.pdbx_model_details        ? 
_struct.pdbx_CASP_flag            ? 
_struct.pdbx_model_type_details   ? 
# 
_struct_keywords.entry_id        2SPT 
_struct_keywords.pdbx_keywords   'HYDROLASE(SERINE PROTEINASE)' 
_struct_keywords.text            'HYDROLASE(SERINE PROTEINASE)' 
# 
loop_
_struct_asym.id 
_struct_asym.pdbx_blank_PDB_chainid_flag 
_struct_asym.pdbx_modified 
_struct_asym.entity_id 
_struct_asym.details 
A N N 1 ? 
B N N 2 ? 
C N N 3 ? 
D N N 3 ? 
E N N 3 ? 
F N N 3 ? 
G N N 3 ? 
H N N 3 ? 
I N N 3 ? 
J N N 3 ? 
K N N 4 ? 
# 
_struct_ref.id                         1 
_struct_ref.db_name                    UNP 
_struct_ref.db_code                    THRB_BOVIN 
_struct_ref.entity_id                  1 
_struct_ref.pdbx_db_accession          P00735 
_struct_ref.pdbx_align_begin           1 
_struct_ref.pdbx_seq_one_letter_code   
;MARVRGPRLPGCLALAALFSLVHSQHVFLAHQQASSLLQRARRANKGFLEEVRKGNLERECLEEPCSREEAFEALESLSA
TDAFWAKYTACESARNPREKLNECLEGNCAEGVGMNYRGNVSVTRSGIECQLWRSRYPHKPEINSTTHPGADLRENFCRN
PDGSITGPWCYTTSPTLRREECSVPVCGQDRVTVEVIPRSGGSTTSQSPLLETCVPDRGREYRGRLAVTTSGSRCLAWSS
EQAKALSKDQDFNPAVPLAENFCRNPDGDEEGAWCYVADQPGDFEYCDLNYCEEPVDGDLGDRLGEDPDPDAAIEGRTSE
DHFQPFFNEKTFGAGEADCGLRPLFEKKQVQDQTEKELFESYIEGRIVEGQDAEVGLSPWQVMLFRKSPQELLCGASLIS
DRWVLTAAHCLLYPPWDKNFTVDDLLVRIGKHSRTRYERKVEKISMLDKIYIHPRYNWKENLDRDIALLKLKRPIELSDY
IHPVCLPDKQTAAKLLHAGFKGRVTGWGNRRETWTTSVAEVQPSVLQVVNLPLVERPVCKASTRIRITDNMFCAGYKPGE
GKRGDACEGDSGGPFVMKSPYNNRWYQMGIVSWGEGCDRDGKYGFYTHVFRLKKWIQKVIDRLGS
;
_struct_ref.pdbx_db_isoform            ? 
# 
_struct_ref_seq.align_id                      1 
_struct_ref_seq.ref_id                        1 
_struct_ref_seq.pdbx_PDB_id_code              2SPT 
_struct_ref_seq.pdbx_strand_id                A 
_struct_ref_seq.seq_align_beg                 1 
_struct_ref_seq.pdbx_seq_align_beg_ins_code   ? 
_struct_ref_seq.seq_align_end                 145 
_struct_ref_seq.pdbx_seq_align_end_ins_code   ? 
_struct_ref_seq.pdbx_db_accession             P00735 
_struct_ref_seq.db_align_beg                  44 
_struct_ref_seq.pdbx_db_align_beg_ins_code    ? 
_struct_ref_seq.db_align_end                  188 
_struct_ref_seq.pdbx_db_align_end_ins_code    ? 
_struct_ref_seq.pdbx_auth_seq_align_beg       1 
_struct_ref_seq.pdbx_auth_seq_align_end       145 
# 
loop_
_struct_ref_seq_dif.align_id 
_struct_ref_seq_dif.pdbx_pdb_id_code 
_struct_ref_seq_dif.mon_id 
_struct_ref_seq_dif.pdbx_pdb_strand_id 
_struct_ref_seq_dif.seq_num 
_struct_ref_seq_dif.pdbx_pdb_ins_code 
_struct_ref_seq_dif.pdbx_seq_db_name 
_struct_ref_seq_dif.pdbx_seq_db_accession_code 
_struct_ref_seq_dif.db_mon_id 
_struct_ref_seq_dif.pdbx_seq_db_seq_num 
_struct_ref_seq_dif.details 
_struct_ref_seq_dif.pdbx_auth_seq_num 
_struct_ref_seq_dif.pdbx_ordinal 
1 2SPT CGU A 7  ? UNP P00735 GLU 50 conflict 7  1  
1 2SPT CGU A 8  ? UNP P00735 GLU 51 conflict 8  2  
1 2SPT CGU A 15 ? UNP P00735 GLU 58 conflict 15 3  
1 2SPT CGU A 17 ? UNP P00735 GLU 60 conflict 17 4  
1 2SPT CGU A 20 ? UNP P00735 GLU 63 conflict 20 5  
1 2SPT CGU A 21 ? UNP P00735 GLU 64 conflict 21 6  
1 2SPT CGU A 26 ? UNP P00735 GLU 69 conflict 26 7  
1 2SPT CGU A 27 ? UNP P00735 GLU 70 conflict 27 8  
1 2SPT CGU A 30 ? UNP P00735 GLU 73 conflict 30 9  
1 2SPT CGU A 33 ? UNP P00735 GLU 76 conflict 33 10 
# 
_pdbx_struct_assembly.id                   1 
_pdbx_struct_assembly.details              author_defined_assembly 
_pdbx_struct_assembly.method_details       ? 
_pdbx_struct_assembly.oligomeric_details   monomeric 
_pdbx_struct_assembly.oligomeric_count     1 
# 
_pdbx_struct_assembly_gen.assembly_id       1 
_pdbx_struct_assembly_gen.oper_expression   1 
_pdbx_struct_assembly_gen.asym_id_list      A,B,C,D,E,F,G,H,I,J,K 
# 
_pdbx_struct_oper_list.id                   1 
_pdbx_struct_oper_list.type                 'identity operation' 
_pdbx_struct_oper_list.name                 1_555 
_pdbx_struct_oper_list.symmetry_operation   x,y,z 
_pdbx_struct_oper_list.matrix[1][1]         1.0000000000 
_pdbx_struct_oper_list.matrix[1][2]         0.0000000000 
_pdbx_struct_oper_list.matrix[1][3]         0.0000000000 
_pdbx_struct_oper_list.vector[1]            0.0000000000 
_pdbx_struct_oper_list.matrix[2][1]         0.0000000000 
_pdbx_struct_oper_list.matrix[2][2]         1.0000000000 
_pdbx_struct_oper_list.matrix[2][3]         0.0000000000 
_pdbx_struct_oper_list.vector[2]            0.0000000000 
_pdbx_struct_oper_list.matrix[3][1]         0.0000000000 
_pdbx_struct_oper_list.matrix[3][2]         0.0000000000 
_pdbx_struct_oper_list.matrix[3][3]         1.0000000000 
_pdbx_struct_oper_list.vector[3]            0.0000000000 
# 
_struct_biol.id   1 
# 
loop_
_struct_conf.conf_type_id 
_struct_conf.id 
_struct_conf.pdbx_PDB_helix_id 
_struct_conf.beg_label_comp_id 
_struct_conf.beg_label_asym_id 
_struct_conf.beg_label_seq_id 
_struct_conf.pdbx_beg_PDB_ins_code 
_struct_conf.end_label_comp_id 
_struct_conf.end_label_asym_id 
_struct_conf.end_label_seq_id 
_struct_conf.pdbx_end_PDB_ins_code 
_struct_conf.beg_auth_comp_id 
_struct_conf.beg_auth_asym_id 
_struct_conf.beg_auth_seq_id 
_struct_conf.end_auth_comp_id 
_struct_conf.end_auth_asym_id 
_struct_conf.end_auth_seq_id 
_struct_conf.pdbx_PDB_helix_class 
_struct_conf.details 
_struct_conf.pdbx_PDB_helix_length 
HELX_P HELX_P1 H1 LEU A 14 ? CGU A 17 ? LEU A 14 CGU A 17 1 ? 4  
HELX_P HELX_P2 H2 ARG A 25 ? ALA A 31 ? ARG A 25 ALA A 31 1 ? 7  
HELX_P HELX_P3 H3 SER A 36 ? ALA A 47 ? SER A 36 ALA A 47 1 ? 12 
HELX_P HELX_P4 H4 ARG A 55 ? LEU A 62 ? ARG A 55 LEU A 62 1 ? 8  
# 
_struct_conf_type.id          HELX_P 
_struct_conf_type.criteria    ? 
_struct_conf_type.reference   ? 
# 
loop_
_struct_conn.id 
_struct_conn.conn_type_id 
_struct_conn.pdbx_leaving_atom_flag 
_struct_conn.pdbx_PDB_id 
_struct_conn.ptnr1_label_asym_id 
_struct_conn.ptnr1_label_comp_id 
_struct_conn.ptnr1_label_seq_id 
_struct_conn.ptnr1_label_atom_id 
_struct_conn.pdbx_ptnr1_label_alt_id 
_struct_conn.pdbx_ptnr1_PDB_ins_code 
_struct_conn.pdbx_ptnr1_standard_comp_id 
_struct_conn.ptnr1_symmetry 
_struct_conn.ptnr2_label_asym_id 
_struct_conn.ptnr2_label_comp_id 
_struct_conn.ptnr2_label_seq_id 
_struct_conn.ptnr2_label_atom_id 
_struct_conn.pdbx_ptnr2_label_alt_id 
_struct_conn.pdbx_ptnr2_PDB_ins_code 
_struct_conn.ptnr1_auth_asym_id 
_struct_conn.ptnr1_auth_comp_id 
_struct_conn.ptnr1_auth_seq_id 
_struct_conn.ptnr2_auth_asym_id 
_struct_conn.ptnr2_auth_comp_id 
_struct_conn.ptnr2_auth_seq_id 
_struct_conn.ptnr2_symmetry 
_struct_conn.pdbx_ptnr3_label_atom_id 
_struct_conn.pdbx_ptnr3_label_seq_id 
_struct_conn.pdbx_ptnr3_label_comp_id 
_struct_conn.pdbx_ptnr3_label_asym_id 
_struct_conn.pdbx_ptnr3_label_alt_id 
_struct_conn.pdbx_ptnr3_PDB_ins_code 
_struct_conn.details 
_struct_conn.pdbx_dist_value 
_struct_conn.pdbx_value_order 
_struct_conn.pdbx_role 
disulf1  disulf ?    ? A CYS 18  SG   ? ? ? 1_555 A CYS 23  SG   ? ? A CYS 18  A CYS 23  1_555 ? ? ? ? ? ? ? 2.058 ? ? 
disulf2  disulf ?    ? A CYS 48  SG   ? ? ? 1_555 A CYS 61  SG   ? ? A CYS 48  A CYS 61  1_555 ? ? ? ? ? ? ? 2.042 ? ? 
disulf3  disulf ?    ? A CYS 66  SG   ? ? ? 1_555 A CYS 144 SG   ? ? A CYS 66  A CYS 144 1_555 ? ? ? ? ? ? ? 2.036 ? ? 
disulf4  disulf ?    ? A CYS 87  SG   ? ? ? 1_555 A CYS 127 SG   ? ? A CYS 87  A CYS 127 1_555 ? ? ? ? ? ? ? 2.028 ? ? 
disulf5  disulf ?    ? A CYS 115 SG   ? ? ? 1_555 A CYS 139 SG   ? ? A CYS 115 A CYS 139 1_555 ? ? ? ? ? ? ? 2.043 ? ? 
covale1  covale none ? A GLY 4   O    ? ? ? 1_555 A CGU 7   OE21 ? ? A GLY 4   A CGU 7   1_555 ? ? ? ? ? ? ? 1.609 ? ? 
covale2  covale both ? A LEU 6   C    ? ? ? 1_555 A CGU 7   N    ? ? A LEU 6   A CGU 7   1_555 ? ? ? ? ? ? ? 1.323 ? ? 
covale3  covale both ? A CGU 7   C    ? ? ? 1_555 A CGU 8   N    ? ? A CGU 7   A CGU 8   1_555 ? ? ? ? ? ? ? 1.340 ? ? 
covale4  covale both ? A CGU 8   C    ? ? ? 1_555 A VAL 9   N    ? ? A CGU 8   A VAL 9   1_555 ? ? ? ? ? ? ? 1.304 ? ? 
covale5  covale both ? A LEU 14  C    ? ? ? 1_555 A CGU 15  N    ? ? A LEU 14  A CGU 15  1_555 ? ? ? ? ? ? ? 1.306 ? ? 
covale6  covale both ? A CGU 15  C    ? ? ? 1_555 A ARG 16  N    ? ? A CGU 15  A ARG 16  1_555 ? ? ? ? ? ? ? 1.311 ? ? 
covale7  covale both ? A ARG 16  C    ? ? ? 1_555 A CGU 17  N    ? ? A ARG 16  A CGU 17  1_555 ? ? ? ? ? ? ? 1.284 ? ? 
covale8  covale both ? A CGU 17  C    ? ? ? 1_555 A CYS 18  N    ? ? A CGU 17  A CYS 18  1_555 ? ? ? ? ? ? ? 1.409 ? ? 
covale9  covale both ? A LEU 19  C    ? ? ? 1_555 A CGU 20  N    ? ? A LEU 19  A CGU 20  1_555 ? ? ? ? ? ? ? 1.321 ? ? 
covale10 covale both ? A CGU 20  C    ? ? ? 1_555 A CGU 21  N    ? ? A CGU 20  A CGU 21  1_555 ? ? ? ? ? ? ? 1.310 ? ? 
covale11 covale both ? A CGU 21  C    ? ? ? 1_555 A PRO 22  N    ? ? A CGU 21  A PRO 22  1_555 ? ? ? ? ? ? ? 1.304 ? ? 
covale12 covale both ? A ARG 25  C    ? ? ? 1_555 A CGU 26  N    ? ? A ARG 25  A CGU 26  1_555 ? ? ? ? ? ? ? 1.329 ? ? 
covale13 covale both ? A CGU 26  C    ? ? ? 1_555 A CGU 27  N    ? ? A CGU 26  A CGU 27  1_555 ? ? ? ? ? ? ? 1.332 ? ? 
covale14 covale both ? A CGU 27  C    ? ? ? 1_555 A ALA 28  N    ? ? A CGU 27  A ALA 28  1_555 ? ? ? ? ? ? ? 1.323 ? ? 
covale15 covale both ? A PHE 29  C    ? ? ? 1_555 A CGU 30  N    ? ? A PHE 29  A CGU 30  1_555 ? ? ? ? ? ? ? 1.296 ? ? 
covale16 covale both ? A CGU 30  C    ? ? ? 1_555 A ALA 31  N    ? ? A CGU 30  A ALA 31  1_555 ? ? ? ? ? ? ? 1.316 ? ? 
covale17 covale both ? A LEU 32  C    ? ? ? 1_555 A CGU 33  N    ? ? A LEU 32  A CGU 33  1_555 ? ? ? ? ? ? ? 1.309 ? ? 
covale18 covale both ? A CGU 33  C    ? ? ? 1_555 A SER 34  N    ? ? A CGU 33  A SER 34  1_555 ? ? ? ? ? ? ? 1.323 ? ? 
covale19 covale one  ? A ASN 101 ND2  ? ? ? 1_555 B NAG .   C1   ? ? A ASN 101 A NAG 161 1_555 ? ? ? ? ? ? ? 1.382 ? 
N-Glycosylation 
metalc1  metalc ?    ? A ALA 1   N    ? ? ? 1_555 F SR  .   SR   ? ? A ALA 1   A SR  174 1_555 ? ? ? ? ? ? ? 3.124 ? ? 
metalc2  metalc ?    ? A ALA 1   N    ? ? ? 1_555 G SR  .   SR   ? ? A ALA 1   A SR  175 1_555 ? ? ? ? ? ? ? 3.148 ? ? 
metalc3  metalc ?    ? A ASN 2   OD1  ? ? ? 1_555 F SR  .   SR   ? ? A ASN 2   A SR  174 1_555 ? ? ? ? ? ? ? 2.967 ? ? 
metalc4  metalc ?    ? A CGU 7   OE11 ? ? ? 1_555 F SR  .   SR   ? ? A CGU 7   A SR  174 1_555 ? ? ? ? ? ? ? 3.166 ? ? 
metalc5  metalc ?    ? A CGU 7   OE11 ? ? ? 1_555 G SR  .   SR   ? ? A CGU 7   A SR  175 1_555 ? ? ? ? ? ? ? 2.651 ? ? 
metalc6  metalc ?    ? A CGU 7   OE12 ? ? ? 1_555 G SR  .   SR   ? ? A CGU 7   A SR  175 1_555 ? ? ? ? ? ? ? 2.919 ? ? 
metalc7  metalc ?    ? A CGU 15  OE22 ? ? ? 1_555 I SR  .   SR   ? ? A CGU 15  A SR  177 1_555 ? ? ? ? ? ? ? 2.816 ? ? 
metalc8  metalc ?    ? A CGU 17  OE11 ? ? ? 1_555 E SR  .   SR   ? ? A CGU 17  A SR  173 1_555 ? ? ? ? ? ? ? 2.667 ? ? 
metalc9  metalc ?    ? A CGU 17  OE12 ? ? ? 1_555 E SR  .   SR   ? ? A CGU 17  A SR  173 1_555 ? ? ? ? ? ? ? 3.211 ? ? 
metalc10 metalc ?    ? A CGU 17  OE21 ? ? ? 1_555 F SR  .   SR   ? ? A CGU 17  A SR  174 1_555 ? ? ? ? ? ? ? 2.234 ? ? 
metalc11 metalc ?    ? A CGU 17  OE11 ? ? ? 1_555 F SR  .   SR   ? ? A CGU 17  A SR  174 1_555 ? ? ? ? ? ? ? 3.307 ? ? 
metalc12 metalc ?    ? A CGU 17  OE21 ? ? ? 1_555 G SR  .   SR   ? ? A CGU 17  A SR  175 1_555 ? ? ? ? ? ? ? 2.635 ? ? 
metalc13 metalc ?    ? A CGU 20  OE12 ? ? ? 1_555 H SR  .   SR   ? ? A CGU 20  A SR  176 1_555 ? ? ? ? ? ? ? 2.913 ? ? 
metalc14 metalc ?    ? A CGU 20  OE22 ? ? ? 1_555 I SR  .   SR   ? ? A CGU 20  A SR  177 1_555 ? ? ? ? ? ? ? 3.078 ? ? 
metalc15 metalc ?    ? A CGU 20  OE21 ? ? ? 1_555 I SR  .   SR   ? ? A CGU 20  A SR  177 1_555 ? ? ? ? ? ? ? 2.443 ? ? 
metalc16 metalc ?    ? A CGU 21  OE21 ? ? ? 1_555 G SR  .   SR   ? ? A CGU 21  A SR  175 1_555 ? ? ? ? ? ? ? 3.221 ? ? 
metalc17 metalc ?    ? A CGU 21  OE22 ? ? ? 1_555 G SR  .   SR   ? ? A CGU 21  A SR  175 1_555 ? ? ? ? ? ? ? 2.728 ? ? 
metalc18 metalc ?    ? A CGU 21  OE21 ? ? ? 1_555 H SR  .   SR   ? ? A CGU 21  A SR  176 1_555 ? ? ? ? ? ? ? 2.299 ? ? 
metalc19 metalc ?    ? A CGU 21  OE11 ? ? ? 1_555 H SR  .   SR   ? ? A CGU 21  A SR  176 1_555 ? ? ? ? ? ? ? 2.904 ? ? 
metalc20 metalc ?    ? A CGU 26  OE12 ? ? ? 1_555 C SR  .   SR   ? ? A CGU 26  A SR  171 1_555 ? ? ? ? ? ? ? 2.655 ? ? 
metalc21 metalc ?    ? A CGU 26  OE21 ? ? ? 1_555 C SR  .   SR   ? ? A CGU 26  A SR  171 1_555 ? ? ? ? ? ? ? 2.667 ? ? 
metalc22 metalc ?    ? A CGU 27  OE12 ? ? ? 1_555 D SR  .   SR   ? ? A CGU 27  A SR  172 1_555 ? ? ? ? ? ? ? 2.923 ? ? 
metalc23 metalc ?    ? A CGU 27  OE11 ? ? ? 1_555 E SR  .   SR   ? ? A CGU 27  A SR  173 1_555 ? ? ? ? ? ? ? 3.044 ? ? 
metalc24 metalc ?    ? A CGU 27  OE22 ? ? ? 1_555 F SR  .   SR   ? ? A CGU 27  A SR  174 1_555 ? ? ? ? ? ? ? 2.750 ? ? 
metalc25 metalc ?    ? A CGU 27  OE11 ? ? ? 1_555 F SR  .   SR   ? ? A CGU 27  A SR  174 1_555 ? ? ? ? ? ? ? 2.655 ? ? 
metalc26 metalc ?    ? A CGU 30  OE11 ? ? ? 1_555 C SR  .   SR   ? ? A CGU 30  A SR  171 1_555 ? ? ? ? ? ? ? 2.212 ? ? 
metalc27 metalc ?    ? A CGU 30  OE21 ? ? ? 1_555 C SR  .   SR   ? ? A CGU 30  A SR  171 1_555 ? ? ? ? ? ? ? 2.644 ? ? 
metalc28 metalc ?    ? A CGU 30  OE22 ? ? ? 1_555 D SR  .   SR   ? ? A CGU 30  A SR  172 1_555 ? ? ? ? ? ? ? 2.713 ? ? 
metalc29 metalc ?    ? A CGU 30  OE21 ? ? ? 1_555 D SR  .   SR   ? ? A CGU 30  A SR  172 1_555 ? ? ? ? ? ? ? 2.636 ? ? 
metalc30 metalc ?    ? A CGU 30  OE22 ? ? ? 1_555 E SR  .   SR   ? ? A CGU 30  A SR  173 1_555 ? ? ? ? ? ? ? 2.791 ? ? 
metalc31 metalc ?    ? A CGU 30  O    ? ? ? 1_555 J SR  .   SR   ? ? A CGU 30  A SR  178 1_555 ? ? ? ? ? ? ? 3.059 ? ? 
metalc32 metalc ?    ? A CGU 30  OE12 ? ? ? 1_555 J SR  .   SR   ? ? A CGU 30  A SR  178 1_555 ? ? ? ? ? ? ? 2.964 ? ? 
metalc33 metalc ?    ? J SR  .   SR   ? ? ? 1_555 K HOH .   O    ? ? A SR  178 A HOH 199 1_555 ? ? ? ? ? ? ? 2.244 ? ? 
# 
loop_
_struct_conn_type.id 
_struct_conn_type.criteria 
_struct_conn_type.reference 
disulf ? ? 
covale ? ? 
metalc ? ? 
# 
loop_
_pdbx_struct_conn_angle.id 
_pdbx_struct_conn_angle.ptnr1_label_atom_id 
_pdbx_struct_conn_angle.ptnr1_label_alt_id 
_pdbx_struct_conn_angle.ptnr1_label_asym_id 
_pdbx_struct_conn_angle.ptnr1_label_comp_id 
_pdbx_struct_conn_angle.ptnr1_label_seq_id 
_pdbx_struct_conn_angle.ptnr1_auth_atom_id 
_pdbx_struct_conn_angle.ptnr1_auth_asym_id 
_pdbx_struct_conn_angle.ptnr1_auth_comp_id 
_pdbx_struct_conn_angle.ptnr1_auth_seq_id 
_pdbx_struct_conn_angle.ptnr1_PDB_ins_code 
_pdbx_struct_conn_angle.ptnr1_symmetry 
_pdbx_struct_conn_angle.ptnr2_label_atom_id 
_pdbx_struct_conn_angle.ptnr2_label_alt_id 
_pdbx_struct_conn_angle.ptnr2_label_asym_id 
_pdbx_struct_conn_angle.ptnr2_label_comp_id 
_pdbx_struct_conn_angle.ptnr2_label_seq_id 
_pdbx_struct_conn_angle.ptnr2_auth_atom_id 
_pdbx_struct_conn_angle.ptnr2_auth_asym_id 
_pdbx_struct_conn_angle.ptnr2_auth_comp_id 
_pdbx_struct_conn_angle.ptnr2_auth_seq_id 
_pdbx_struct_conn_angle.ptnr2_PDB_ins_code 
_pdbx_struct_conn_angle.ptnr2_symmetry 
_pdbx_struct_conn_angle.ptnr3_label_atom_id 
_pdbx_struct_conn_angle.ptnr3_label_alt_id 
_pdbx_struct_conn_angle.ptnr3_label_asym_id 
_pdbx_struct_conn_angle.ptnr3_label_comp_id 
_pdbx_struct_conn_angle.ptnr3_label_seq_id 
_pdbx_struct_conn_angle.ptnr3_auth_atom_id 
_pdbx_struct_conn_angle.ptnr3_auth_asym_id 
_pdbx_struct_conn_angle.ptnr3_auth_comp_id 
_pdbx_struct_conn_angle.ptnr3_auth_seq_id 
_pdbx_struct_conn_angle.ptnr3_PDB_ins_code 
_pdbx_struct_conn_angle.ptnr3_symmetry 
_pdbx_struct_conn_angle.value 
_pdbx_struct_conn_angle.value_esd 
1  N    ? A ALA 1  ? A ALA 1  ? 1_555 SR ? F SR . ? A SR 174 ? 1_555 OD1  ? A ASN 2  ? A ASN 2   ? 1_555 97.5  ? 
2  N    ? A ALA 1  ? A ALA 1  ? 1_555 SR ? F SR . ? A SR 174 ? 1_555 OE11 ? A CGU 7  ? A CGU 7   ? 1_555 88.7  ? 
3  OD1  ? A ASN 2  ? A ASN 2  ? 1_555 SR ? F SR . ? A SR 174 ? 1_555 OE11 ? A CGU 7  ? A CGU 7   ? 1_555 95.4  ? 
4  N    ? A ALA 1  ? A ALA 1  ? 1_555 SR ? F SR . ? A SR 174 ? 1_555 OE21 ? A CGU 17 ? A CGU 17  ? 1_555 44.4  ? 
5  OD1  ? A ASN 2  ? A ASN 2  ? 1_555 SR ? F SR . ? A SR 174 ? 1_555 OE21 ? A CGU 17 ? A CGU 17  ? 1_555 137.3 ? 
6  OE11 ? A CGU 7  ? A CGU 7  ? 1_555 SR ? F SR . ? A SR 174 ? 1_555 OE21 ? A CGU 17 ? A CGU 17  ? 1_555 70.0  ? 
7  N    ? A ALA 1  ? A ALA 1  ? 1_555 SR ? F SR . ? A SR 174 ? 1_555 OE11 ? A CGU 17 ? A CGU 17  ? 1_555 118.1 ? 
8  OD1  ? A ASN 2  ? A ASN 2  ? 1_555 SR ? F SR . ? A SR 174 ? 1_555 OE11 ? A CGU 17 ? A CGU 17  ? 1_555 144.4 ? 
9  OE11 ? A CGU 7  ? A CGU 7  ? 1_555 SR ? F SR . ? A SR 174 ? 1_555 OE11 ? A CGU 17 ? A CGU 17  ? 1_555 87.2  ? 
10 OE21 ? A CGU 17 ? A CGU 17 ? 1_555 SR ? F SR . ? A SR 174 ? 1_555 OE11 ? A CGU 17 ? A CGU 17  ? 1_555 76.7  ? 
11 N    ? A ALA 1  ? A ALA 1  ? 1_555 SR ? F SR . ? A SR 174 ? 1_555 OE22 ? A CGU 27 ? A CGU 27  ? 1_555 59.6  ? 
12 OD1  ? A ASN 2  ? A ASN 2  ? 1_555 SR ? F SR . ? A SR 174 ? 1_555 OE22 ? A CGU 27 ? A CGU 27  ? 1_555 87.7  ? 
13 OE11 ? A CGU 7  ? A CGU 7  ? 1_555 SR ? F SR . ? A SR 174 ? 1_555 OE22 ? A CGU 27 ? A CGU 27  ? 1_555 148.2 ? 
14 OE21 ? A CGU 17 ? A CGU 17 ? 1_555 SR ? F SR . ? A SR 174 ? 1_555 OE22 ? A CGU 27 ? A CGU 27  ? 1_555 86.4  ? 
15 OE11 ? A CGU 17 ? A CGU 17 ? 1_555 SR ? F SR . ? A SR 174 ? 1_555 OE22 ? A CGU 27 ? A CGU 27  ? 1_555 108.4 ? 
16 N    ? A ALA 1  ? A ALA 1  ? 1_555 SR ? F SR . ? A SR 174 ? 1_555 OE11 ? A CGU 27 ? A CGU 27  ? 1_555 120.5 ? 
17 OD1  ? A ASN 2  ? A ASN 2  ? 1_555 SR ? F SR . ? A SR 174 ? 1_555 OE11 ? A CGU 27 ? A CGU 27  ? 1_555 80.5  ? 
18 OE11 ? A CGU 7  ? A CGU 7  ? 1_555 SR ? F SR . ? A SR 174 ? 1_555 OE11 ? A CGU 27 ? A CGU 27  ? 1_555 150.8 ? 
19 OE21 ? A CGU 17 ? A CGU 17 ? 1_555 SR ? F SR . ? A SR 174 ? 1_555 OE11 ? A CGU 27 ? A CGU 27  ? 1_555 130.9 ? 
20 OE11 ? A CGU 17 ? A CGU 17 ? 1_555 SR ? F SR . ? A SR 174 ? 1_555 OE11 ? A CGU 27 ? A CGU 27  ? 1_555 80.3  ? 
21 OE22 ? A CGU 27 ? A CGU 27 ? 1_555 SR ? F SR . ? A SR 174 ? 1_555 OE11 ? A CGU 27 ? A CGU 27  ? 1_555 60.9  ? 
22 N    ? A ALA 1  ? A ALA 1  ? 1_555 SR ? G SR . ? A SR 175 ? 1_555 OE11 ? A CGU 7  ? A CGU 7   ? 1_555 98.2  ? 
23 N    ? A ALA 1  ? A ALA 1  ? 1_555 SR ? G SR . ? A SR 175 ? 1_555 OE12 ? A CGU 7  ? A CGU 7   ? 1_555 99.3  ? 
24 OE11 ? A CGU 7  ? A CGU 7  ? 1_555 SR ? G SR . ? A SR 175 ? 1_555 OE12 ? A CGU 7  ? A CGU 7   ? 1_555 46.9  ? 
25 N    ? A ALA 1  ? A ALA 1  ? 1_555 SR ? G SR . ? A SR 175 ? 1_555 OE21 ? A CGU 17 ? A CGU 17  ? 1_555 43.3  ? 
26 OE11 ? A CGU 7  ? A CGU 7  ? 1_555 SR ? G SR . ? A SR 175 ? 1_555 OE21 ? A CGU 17 ? A CGU 17  ? 1_555 74.2  ? 
27 OE12 ? A CGU 7  ? A CGU 7  ? 1_555 SR ? G SR . ? A SR 175 ? 1_555 OE21 ? A CGU 17 ? A CGU 17  ? 1_555 106.3 ? 
28 N    ? A ALA 1  ? A ALA 1  ? 1_555 SR ? G SR . ? A SR 175 ? 1_555 OE21 ? A CGU 21 ? A CGU 21  ? 1_555 98.3  ? 
29 OE11 ? A CGU 7  ? A CGU 7  ? 1_555 SR ? G SR . ? A SR 175 ? 1_555 OE21 ? A CGU 21 ? A CGU 21  ? 1_555 160.2 ? 
30 OE12 ? A CGU 7  ? A CGU 7  ? 1_555 SR ? G SR . ? A SR 175 ? 1_555 OE21 ? A CGU 21 ? A CGU 21  ? 1_555 139.6 ? 
31 OE21 ? A CGU 17 ? A CGU 17 ? 1_555 SR ? G SR . ? A SR 175 ? 1_555 OE21 ? A CGU 21 ? A CGU 21  ? 1_555 111.5 ? 
32 N    ? A ALA 1  ? A ALA 1  ? 1_555 SR ? G SR . ? A SR 175 ? 1_555 OE22 ? A CGU 21 ? A CGU 21  ? 1_555 60.1  ? 
33 OE11 ? A CGU 7  ? A CGU 7  ? 1_555 SR ? G SR . ? A SR 175 ? 1_555 OE22 ? A CGU 21 ? A CGU 21  ? 1_555 147.4 ? 
34 OE12 ? A CGU 7  ? A CGU 7  ? 1_555 SR ? G SR . ? A SR 175 ? 1_555 OE22 ? A CGU 21 ? A CGU 21  ? 1_555 151.3 ? 
35 OE21 ? A CGU 17 ? A CGU 17 ? 1_555 SR ? G SR . ? A SR 175 ? 1_555 OE22 ? A CGU 21 ? A CGU 21  ? 1_555 73.6  ? 
36 OE21 ? A CGU 21 ? A CGU 21 ? 1_555 SR ? G SR . ? A SR 175 ? 1_555 OE22 ? A CGU 21 ? A CGU 21  ? 1_555 40.8  ? 
37 OE22 ? A CGU 15 ? A CGU 15 ? 1_555 SR ? I SR . ? A SR 177 ? 1_555 OE22 ? A CGU 20 ? A CGU 20  ? 1_555 93.9  ? 
38 OE22 ? A CGU 15 ? A CGU 15 ? 1_555 SR ? I SR . ? A SR 177 ? 1_555 OE21 ? A CGU 20 ? A CGU 20  ? 1_555 71.5  ? 
39 OE22 ? A CGU 20 ? A CGU 20 ? 1_555 SR ? I SR . ? A SR 177 ? 1_555 OE21 ? A CGU 20 ? A CGU 20  ? 1_555 44.2  ? 
40 OE11 ? A CGU 17 ? A CGU 17 ? 1_555 SR ? E SR . ? A SR 173 ? 1_555 OE12 ? A CGU 17 ? A CGU 17  ? 1_555 40.3  ? 
41 OE11 ? A CGU 17 ? A CGU 17 ? 1_555 SR ? E SR . ? A SR 173 ? 1_555 OE11 ? A CGU 27 ? A CGU 27  ? 1_555 85.2  ? 
42 OE12 ? A CGU 17 ? A CGU 17 ? 1_555 SR ? E SR . ? A SR 173 ? 1_555 OE11 ? A CGU 27 ? A CGU 27  ? 1_555 88.2  ? 
43 OE11 ? A CGU 17 ? A CGU 17 ? 1_555 SR ? E SR . ? A SR 173 ? 1_555 OE22 ? A CGU 30 ? A CGU 30  ? 1_555 149.5 ? 
44 OE12 ? A CGU 17 ? A CGU 17 ? 1_555 SR ? E SR . ? A SR 173 ? 1_555 OE22 ? A CGU 30 ? A CGU 30  ? 1_555 117.0 ? 
45 OE11 ? A CGU 27 ? A CGU 27 ? 1_555 SR ? E SR . ? A SR 173 ? 1_555 OE22 ? A CGU 30 ? A CGU 30  ? 1_555 72.0  ? 
46 OE12 ? A CGU 20 ? A CGU 20 ? 1_555 SR ? H SR . ? A SR 176 ? 1_555 OE21 ? A CGU 21 ? A CGU 21  ? 1_555 77.0  ? 
47 OE12 ? A CGU 20 ? A CGU 20 ? 1_555 SR ? H SR . ? A SR 176 ? 1_555 OE11 ? A CGU 21 ? A CGU 21  ? 1_555 90.6  ? 
48 OE21 ? A CGU 21 ? A CGU 21 ? 1_555 SR ? H SR . ? A SR 176 ? 1_555 OE11 ? A CGU 21 ? A CGU 21  ? 1_555 70.1  ? 
49 OE12 ? A CGU 26 ? A CGU 26 ? 1_555 SR ? C SR . ? A SR 171 ? 1_555 OE21 ? A CGU 26 ? A CGU 26  ? 1_555 55.7  ? 
50 OE12 ? A CGU 26 ? A CGU 26 ? 1_555 SR ? C SR . ? A SR 171 ? 1_555 OE11 ? A CGU 30 ? A CGU 30  ? 1_555 90.2  ? 
51 OE21 ? A CGU 26 ? A CGU 26 ? 1_555 SR ? C SR . ? A SR 171 ? 1_555 OE11 ? A CGU 30 ? A CGU 30  ? 1_555 140.0 ? 
52 OE12 ? A CGU 26 ? A CGU 26 ? 1_555 SR ? C SR . ? A SR 171 ? 1_555 OE21 ? A CGU 30 ? A CGU 30  ? 1_555 63.0  ? 
53 OE21 ? A CGU 26 ? A CGU 26 ? 1_555 SR ? C SR . ? A SR 171 ? 1_555 OE21 ? A CGU 30 ? A CGU 30  ? 1_555 80.6  ? 
54 OE11 ? A CGU 30 ? A CGU 30 ? 1_555 SR ? C SR . ? A SR 171 ? 1_555 OE21 ? A CGU 30 ? A CGU 30  ? 1_555 64.0  ? 
55 OE12 ? A CGU 27 ? A CGU 27 ? 1_555 SR ? D SR . ? A SR 172 ? 1_555 OE22 ? A CGU 30 ? A CGU 30  ? 1_555 81.6  ? 
56 OE12 ? A CGU 27 ? A CGU 27 ? 1_555 SR ? D SR . ? A SR 172 ? 1_555 OE21 ? A CGU 30 ? A CGU 30  ? 1_555 102.9 ? 
57 OE22 ? A CGU 30 ? A CGU 30 ? 1_555 SR ? D SR . ? A SR 172 ? 1_555 OE21 ? A CGU 30 ? A CGU 30  ? 1_555 47.0  ? 
58 O    ? A CGU 30 ? A CGU 30 ? 1_555 SR ? J SR . ? A SR 178 ? 1_555 OE12 ? A CGU 30 ? A CGU 30  ? 1_555 86.2  ? 
59 O    ? A CGU 30 ? A CGU 30 ? 1_555 SR ? J SR . ? A SR 178 ? 1_555 O    ? K HOH .  ? A HOH 199 ? 1_555 63.4  ? 
60 OE12 ? A CGU 30 ? A CGU 30 ? 1_555 SR ? J SR . ? A SR 178 ? 1_555 O    ? K HOH .  ? A HOH 199 ? 1_555 119.6 ? 
# 
loop_
_pdbx_modification_feature.ordinal 
_pdbx_modification_feature.label_comp_id 
_pdbx_modification_feature.label_asym_id 
_pdbx_modification_feature.label_seq_id 
_pdbx_modification_feature.label_alt_id 
_pdbx_modification_feature.modified_residue_label_comp_id 
_pdbx_modification_feature.modified_residue_label_asym_id 
_pdbx_modification_feature.modified_residue_label_seq_id 
_pdbx_modification_feature.modified_residue_label_alt_id 
_pdbx_modification_feature.auth_comp_id 
_pdbx_modification_feature.auth_asym_id 
_pdbx_modification_feature.auth_seq_id 
_pdbx_modification_feature.PDB_ins_code 
_pdbx_modification_feature.symmetry 
_pdbx_modification_feature.modified_residue_auth_comp_id 
_pdbx_modification_feature.modified_residue_auth_asym_id 
_pdbx_modification_feature.modified_residue_auth_seq_id 
_pdbx_modification_feature.modified_residue_PDB_ins_code 
_pdbx_modification_feature.modified_residue_symmetry 
_pdbx_modification_feature.comp_id_linking_atom 
_pdbx_modification_feature.modified_residue_id_linking_atom 
_pdbx_modification_feature.modified_residue_id 
_pdbx_modification_feature.ref_pcm_id 
_pdbx_modification_feature.ref_comp_id 
_pdbx_modification_feature.type 
_pdbx_modification_feature.category 
1  CGU A 7   ? .   . .   . CGU A 7   ? 1_555 .   . .   . .     .  .    GLU 1 CGU Carboxylation   'Named protein modification' 
2  CGU A 8   ? .   . .   . CGU A 8   ? 1_555 .   . .   . .     .  .    GLU 1 CGU Carboxylation   'Named protein modification' 
3  CGU A 15  ? .   . .   . CGU A 15  ? 1_555 .   . .   . .     .  .    GLU 1 CGU Carboxylation   'Named protein modification' 
4  CGU A 17  ? .   . .   . CGU A 17  ? 1_555 .   . .   . .     .  .    GLU 1 CGU Carboxylation   'Named protein modification' 
5  CGU A 20  ? .   . .   . CGU A 20  ? 1_555 .   . .   . .     .  .    GLU 1 CGU Carboxylation   'Named protein modification' 
6  CGU A 21  ? .   . .   . CGU A 21  ? 1_555 .   . .   . .     .  .    GLU 1 CGU Carboxylation   'Named protein modification' 
7  CGU A 26  ? .   . .   . CGU A 26  ? 1_555 .   . .   . .     .  .    GLU 1 CGU Carboxylation   'Named protein modification' 
8  CGU A 27  ? .   . .   . CGU A 27  ? 1_555 .   . .   . .     .  .    GLU 1 CGU Carboxylation   'Named protein modification' 
9  CGU A 30  ? .   . .   . CGU A 30  ? 1_555 .   . .   . .     .  .    GLU 1 CGU Carboxylation   'Named protein modification' 
10 CGU A 33  ? .   . .   . CGU A 33  ? 1_555 .   . .   . .     .  .    GLU 1 CGU Carboxylation   'Named protein modification' 
11 NAG B .   ? ASN A 101 ? NAG A 161 ? 1_555 ASN A 101 ? 1_555 C1 ND2  ASN 1 NAG N-Glycosylation Carbohydrate                 
12 CYS A 18  ? CYS A 23  ? CYS A 18  ? 1_555 CYS A 23  ? 1_555 SG SG   .   . .   None            'Disulfide bridge'           
13 CYS A 48  ? CYS A 61  ? CYS A 48  ? 1_555 CYS A 61  ? 1_555 SG SG   .   . .   None            'Disulfide bridge'           
14 CYS A 66  ? CYS A 144 ? CYS A 66  ? 1_555 CYS A 144 ? 1_555 SG SG   .   . .   None            'Disulfide bridge'           
15 CYS A 87  ? CYS A 127 ? CYS A 87  ? 1_555 CYS A 127 ? 1_555 SG SG   .   . .   None            'Disulfide bridge'           
16 CYS A 115 ? CYS A 139 ? CYS A 115 ? 1_555 CYS A 139 ? 1_555 SG SG   .   . .   None            'Disulfide bridge'           
17 GLY A 4   ? CGU A 7   ? GLY A 4   ? 1_555 CGU A 7   ? 1_555 O  OE21 .   . .   None            'Non-standard linkage'       
# 
loop_
_struct_mon_prot_cis.pdbx_id 
_struct_mon_prot_cis.label_comp_id 
_struct_mon_prot_cis.label_seq_id 
_struct_mon_prot_cis.label_asym_id 
_struct_mon_prot_cis.label_alt_id 
_struct_mon_prot_cis.pdbx_PDB_ins_code 
_struct_mon_prot_cis.auth_comp_id 
_struct_mon_prot_cis.auth_seq_id 
_struct_mon_prot_cis.auth_asym_id 
_struct_mon_prot_cis.pdbx_label_comp_id_2 
_struct_mon_prot_cis.pdbx_label_seq_id_2 
_struct_mon_prot_cis.pdbx_label_asym_id_2 
_struct_mon_prot_cis.pdbx_PDB_ins_code_2 
_struct_mon_prot_cis.pdbx_auth_comp_id_2 
_struct_mon_prot_cis.pdbx_auth_seq_id_2 
_struct_mon_prot_cis.pdbx_auth_asym_id_2 
_struct_mon_prot_cis.pdbx_PDB_model_num 
_struct_mon_prot_cis.pdbx_omega_angle 
1 ASN 53 A . ? ASN 53 A PRO 54 A ? PRO 54 A 1 -0.82 
2 TYR 94 A . ? TYR 94 A PRO 95 A ? PRO 95 A 1 2.16  
# 
loop_
_struct_sheet.id 
_struct_sheet.type 
_struct_sheet.number_strands 
_struct_sheet.details 
B1 ? 2 ? 
B2 ? 3 ? 
B3 ? 1 ? 
B4 ? 1 ? 
# 
loop_
_struct_sheet_order.sheet_id 
_struct_sheet_order.range_id_1 
_struct_sheet_order.range_id_2 
_struct_sheet_order.offset 
_struct_sheet_order.sense 
B1 1 2 ? anti-parallel 
B2 1 2 ? anti-parallel 
# 
loop_
_struct_sheet_range.sheet_id 
_struct_sheet_range.id 
_struct_sheet_range.beg_label_comp_id 
_struct_sheet_range.beg_label_asym_id 
_struct_sheet_range.beg_label_seq_id 
_struct_sheet_range.pdbx_beg_PDB_ins_code 
_struct_sheet_range.end_label_comp_id 
_struct_sheet_range.end_label_asym_id 
_struct_sheet_range.end_label_seq_id 
_struct_sheet_range.pdbx_end_PDB_ins_code 
_struct_sheet_range.beg_auth_comp_id 
_struct_sheet_range.beg_auth_asym_id 
_struct_sheet_range.beg_auth_seq_id 
_struct_sheet_range.end_auth_comp_id 
_struct_sheet_range.end_auth_asym_id 
_struct_sheet_range.end_auth_seq_id 
B1 1 SER A 79  ? THR A 81  ? SER A 79  THR A 81  
B1 2 ILE A 85  ? CYS A 87  ? ILE A 85  CYS A 87  
B2 1 GLN A 88  ? TRP A 90  ? GLN A 88  TRP A 90  
B2 2 ARG A 111 ? ASN A 113 ? ARG A 111 ASN A 113 
B2 3 CYS A 127 ? THR A 129 ? CYS A 127 THR A 129 
B3 1 ARG A 136 ? GLU A 138 ? ARG A 136 GLU A 138 
B4 1 VAL A 141 ? PRO A 142 ? VAL A 141 PRO A 142 
# 
_pdbx_entry_details.entry_id                   2SPT 
_pdbx_entry_details.compound_details           ? 
_pdbx_entry_details.source_details             ? 
_pdbx_entry_details.nonpolymer_details         ? 
_pdbx_entry_details.sequence_details           
;SEQUENCE ADVISORY NOTICE
DIFFERENCE BETWEEN SWISS-PROT AND PDB SEQUENCE.
 SWISS-PROT ENTRY NAME: THRB_BOVIN

 SWISS-PROT       PDB SEQRES     COMMENT
 GLU     50       CGU      7  GAMMA-CARBOXY-GLUTAMIC ACID
 GLU     51       CGU      8  GAMMA-CARBOXY-GLUTAMIC ACID
 GLU     58       CGU     15  GAMMA-CARBOXY-GLUTAMIC ACID
 GLU     60       CGU     17  GAMMA-CARBOXY-GLUTAMIC ACID
 GLU     63       CGU     20  GAMMA-CARBOXY-GLUTAMIC ACID
 GLU     64       CGU     21  GAMMA-CARBOXY-GLUTAMIC ACID
 GLU     69       CGU     26  GAMMA-CARBOXY-GLUTAMIC ACID
 GLU     70       CGU     27  GAMMA-CARBOXY-GLUTAMIC ACID
 GLU     73       CGU     30  GAMMA-CARBOXY-GLUTAMIC ACID
 GLU     76       CGU     33  GAMMA-CARBOXY-GLUTAMIC ACID
;
_pdbx_entry_details.has_ligand_of_interest     ? 
_pdbx_entry_details.has_protein_modification   Y 
# 
loop_
_pdbx_validate_close_contact.id 
_pdbx_validate_close_contact.PDB_model_num 
_pdbx_validate_close_contact.auth_atom_id_1 
_pdbx_validate_close_contact.auth_asym_id_1 
_pdbx_validate_close_contact.auth_comp_id_1 
_pdbx_validate_close_contact.auth_seq_id_1 
_pdbx_validate_close_contact.PDB_ins_code_1 
_pdbx_validate_close_contact.label_alt_id_1 
_pdbx_validate_close_contact.auth_atom_id_2 
_pdbx_validate_close_contact.auth_asym_id_2 
_pdbx_validate_close_contact.auth_comp_id_2 
_pdbx_validate_close_contact.auth_seq_id_2 
_pdbx_validate_close_contact.PDB_ins_code_2 
_pdbx_validate_close_contact.label_alt_id_2 
_pdbx_validate_close_contact.dist 
1 1 OG1 A THR 129 ? ? O    A LEU 134 ? ? 1.84 
2 1 O   A TRP 42  ? ? OG1  A THR 46  ? ? 2.06 
3 1 OD1 A ASN 117 ? ? N    A GLY 120 ? ? 2.09 
4 1 C   A GLY 4   ? ? OE21 A CGU 7   ? ? 2.13 
5 1 N   A ALA 1   ? ? OE21 A CGU 17  ? ? 2.19 
# 
loop_
_pdbx_validate_rmsd_angle.id 
_pdbx_validate_rmsd_angle.PDB_model_num 
_pdbx_validate_rmsd_angle.auth_atom_id_1 
_pdbx_validate_rmsd_angle.auth_asym_id_1 
_pdbx_validate_rmsd_angle.auth_comp_id_1 
_pdbx_validate_rmsd_angle.auth_seq_id_1 
_pdbx_validate_rmsd_angle.PDB_ins_code_1 
_pdbx_validate_rmsd_angle.label_alt_id_1 
_pdbx_validate_rmsd_angle.auth_atom_id_2 
_pdbx_validate_rmsd_angle.auth_asym_id_2 
_pdbx_validate_rmsd_angle.auth_comp_id_2 
_pdbx_validate_rmsd_angle.auth_seq_id_2 
_pdbx_validate_rmsd_angle.PDB_ins_code_2 
_pdbx_validate_rmsd_angle.label_alt_id_2 
_pdbx_validate_rmsd_angle.auth_atom_id_3 
_pdbx_validate_rmsd_angle.auth_asym_id_3 
_pdbx_validate_rmsd_angle.auth_comp_id_3 
_pdbx_validate_rmsd_angle.auth_seq_id_3 
_pdbx_validate_rmsd_angle.PDB_ins_code_3 
_pdbx_validate_rmsd_angle.label_alt_id_3 
_pdbx_validate_rmsd_angle.angle_value 
_pdbx_validate_rmsd_angle.angle_target_value 
_pdbx_validate_rmsd_angle.angle_deviation 
_pdbx_validate_rmsd_angle.angle_standard_deviation 
_pdbx_validate_rmsd_angle.linker_flag 
1  1 CG A ARG 10  ? ? CD A ARG 10  ? ? NE  A ARG 10  ? ? 125.38 111.80 13.58 2.10 N 
2  1 NE A ARG 10  ? ? CZ A ARG 10  ? ? NH1 A ARG 10  ? ? 124.23 120.30 3.93  0.50 N 
3  1 O  A ASN 13  ? ? C  A ASN 13  ? ? N   A LEU 14  ? ? 133.11 122.70 10.41 1.60 Y 
4  1 NE A ARG 16  ? ? CZ A ARG 16  ? ? NH1 A ARG 16  ? ? 124.74 120.30 4.44  0.50 N 
5  1 NE A ARG 25  ? ? CZ A ARG 25  ? ? NH1 A ARG 25  ? ? 124.85 120.30 4.55  0.50 N 
6  1 NE A ARG 25  ? ? CZ A ARG 25  ? ? NH2 A ARG 25  ? ? 116.95 120.30 -3.35 0.50 N 
7  1 CB A TYR 45  ? ? CG A TYR 45  ? ? CD1 A TYR 45  ? ? 116.71 121.00 -4.29 0.60 N 
8  1 CD A ARG 52  ? ? NE A ARG 52  ? ? CZ  A ARG 52  ? ? 138.60 123.60 15.00 1.40 N 
9  1 NE A ARG 52  ? ? CZ A ARG 52  ? ? NH1 A ARG 52  ? ? 127.95 120.30 7.65  0.50 N 
10 1 CB A ASN 59  ? ? CA A ASN 59  ? ? C   A ASN 59  ? ? 123.21 110.40 12.81 2.00 N 
11 1 C  A VAL 70  ? ? N  A GLY 71  ? ? CA  A GLY 71  ? ? 135.63 122.30 13.33 2.10 Y 
12 1 CD A ARG 75  ? ? NE A ARG 75  ? ? CZ  A ARG 75  ? ? 114.50 123.60 -9.10 1.40 N 
13 1 NE A ARG 75  ? ? CZ A ARG 75  ? ? NH1 A ARG 75  ? ? 112.46 120.30 -7.84 0.50 N 
14 1 NE A ARG 75  ? ? CZ A ARG 75  ? ? NH2 A ARG 75  ? ? 128.54 120.30 8.24  0.50 N 
15 1 NE A ARG 82  ? ? CZ A ARG 82  ? ? NH2 A ARG 82  ? ? 116.87 120.30 -3.43 0.50 N 
16 1 CD A ARG 111 ? ? NE A ARG 111 ? ? CZ  A ARG 111 ? ? 132.20 123.60 8.60  1.40 N 
17 1 NE A ARG 111 ? ? CZ A ARG 111 ? ? NH1 A ARG 111 ? ? 124.39 120.30 4.09  0.50 N 
18 1 NE A ARG 116 ? ? CZ A ARG 116 ? ? NH2 A ARG 116 ? ? 123.68 120.30 3.38  0.50 N 
19 1 NE A ARG 136 ? ? CZ A ARG 136 ? ? NH2 A ARG 136 ? ? 123.68 120.30 3.38  0.50 N 
# 
loop_
_pdbx_validate_torsion.id 
_pdbx_validate_torsion.PDB_model_num 
_pdbx_validate_torsion.auth_comp_id 
_pdbx_validate_torsion.auth_asym_id 
_pdbx_validate_torsion.auth_seq_id 
_pdbx_validate_torsion.PDB_ins_code 
_pdbx_validate_torsion.label_alt_id 
_pdbx_validate_torsion.phi 
_pdbx_validate_torsion.psi 
1  1 ASN A 2   ? ? 70.17   57.39   
2  1 LYS A 3   ? ? -85.30  30.12   
3  1 PHE A 5   ? ? 67.27   92.18   
4  1 LEU A 6   ? ? 37.31   30.19   
5  1 CGU A 15  ? ? -38.33  -74.11  
6  1 CGU A 33  ? ? 86.05   -104.06 
7  1 PHE A 41  ? ? -50.74  -74.85  
8  1 ALA A 51  ? ? -140.57 36.27   
9  1 PRO A 54  ? ? -58.72  170.10  
10 1 THR A 81  ? ? -65.48  -172.90 
11 1 ASN A 101 ? ? -137.49 -112.85 
12 1 ASP A 109 ? ? -67.42  74.56   
13 1 GLU A 112 ? ? 67.00   -134.35 
14 1 ARG A 116 ? ? -141.06 -51.87  
15 1 ASN A 117 ? ? 72.39   66.41   
16 1 ARG A 135 ? ? -55.78  -77.92  
17 1 GLU A 137 ? ? -170.00 147.20  
# 
loop_
_pdbx_struct_mod_residue.id 
_pdbx_struct_mod_residue.label_asym_id 
_pdbx_struct_mod_residue.label_comp_id 
_pdbx_struct_mod_residue.label_seq_id 
_pdbx_struct_mod_residue.auth_asym_id 
_pdbx_struct_mod_residue.auth_comp_id 
_pdbx_struct_mod_residue.auth_seq_id 
_pdbx_struct_mod_residue.PDB_ins_code 
_pdbx_struct_mod_residue.parent_comp_id 
_pdbx_struct_mod_residue.details 
1  A ASN 101 A ASN 101 ? ASN 'GLYCOSYLATION SITE'          
2  A CGU 7   A CGU 7   ? GLU 'GAMMA-CARBOXY-GLUTAMIC ACID' 
3  A CGU 8   A CGU 8   ? GLU 'GAMMA-CARBOXY-GLUTAMIC ACID' 
4  A CGU 15  A CGU 15  ? GLU 'GAMMA-CARBOXY-GLUTAMIC ACID' 
5  A CGU 17  A CGU 17  ? GLU 'GAMMA-CARBOXY-GLUTAMIC ACID' 
6  A CGU 20  A CGU 20  ? GLU 'GAMMA-CARBOXY-GLUTAMIC ACID' 
7  A CGU 21  A CGU 21  ? GLU 'GAMMA-CARBOXY-GLUTAMIC ACID' 
8  A CGU 26  A CGU 26  ? GLU 'GAMMA-CARBOXY-GLUTAMIC ACID' 
9  A CGU 27  A CGU 27  ? GLU 'GAMMA-CARBOXY-GLUTAMIC ACID' 
10 A CGU 30  A CGU 30  ? GLU 'GAMMA-CARBOXY-GLUTAMIC ACID' 
11 A CGU 33  A CGU 33  ? GLU 'GAMMA-CARBOXY-GLUTAMIC ACID' 
# 
loop_
_chem_comp_atom.comp_id 
_chem_comp_atom.atom_id 
_chem_comp_atom.type_symbol 
_chem_comp_atom.pdbx_aromatic_flag 
_chem_comp_atom.pdbx_stereo_config 
_chem_comp_atom.pdbx_ordinal 
ALA N    N  N N 1   
ALA CA   C  N S 2   
ALA C    C  N N 3   
ALA O    O  N N 4   
ALA CB   C  N N 5   
ALA OXT  O  N N 6   
ALA H    H  N N 7   
ALA H2   H  N N 8   
ALA HA   H  N N 9   
ALA HB1  H  N N 10  
ALA HB2  H  N N 11  
ALA HB3  H  N N 12  
ALA HXT  H  N N 13  
ARG N    N  N N 14  
ARG CA   C  N S 15  
ARG C    C  N N 16  
ARG O    O  N N 17  
ARG CB   C  N N 18  
ARG CG   C  N N 19  
ARG CD   C  N N 20  
ARG NE   N  N N 21  
ARG CZ   C  N N 22  
ARG NH1  N  N N 23  
ARG NH2  N  N N 24  
ARG OXT  O  N N 25  
ARG H    H  N N 26  
ARG H2   H  N N 27  
ARG HA   H  N N 28  
ARG HB2  H  N N 29  
ARG HB3  H  N N 30  
ARG HG2  H  N N 31  
ARG HG3  H  N N 32  
ARG HD2  H  N N 33  
ARG HD3  H  N N 34  
ARG HE   H  N N 35  
ARG HH11 H  N N 36  
ARG HH12 H  N N 37  
ARG HH21 H  N N 38  
ARG HH22 H  N N 39  
ARG HXT  H  N N 40  
ASN N    N  N N 41  
ASN CA   C  N S 42  
ASN C    C  N N 43  
ASN O    O  N N 44  
ASN CB   C  N N 45  
ASN CG   C  N N 46  
ASN OD1  O  N N 47  
ASN ND2  N  N N 48  
ASN OXT  O  N N 49  
ASN H    H  N N 50  
ASN H2   H  N N 51  
ASN HA   H  N N 52  
ASN HB2  H  N N 53  
ASN HB3  H  N N 54  
ASN HD21 H  N N 55  
ASN HD22 H  N N 56  
ASN HXT  H  N N 57  
ASP N    N  N N 58  
ASP CA   C  N S 59  
ASP C    C  N N 60  
ASP O    O  N N 61  
ASP CB   C  N N 62  
ASP CG   C  N N 63  
ASP OD1  O  N N 64  
ASP OD2  O  N N 65  
ASP OXT  O  N N 66  
ASP H    H  N N 67  
ASP H2   H  N N 68  
ASP HA   H  N N 69  
ASP HB2  H  N N 70  
ASP HB3  H  N N 71  
ASP HD2  H  N N 72  
ASP HXT  H  N N 73  
CGU N    N  N N 74  
CGU CA   C  N S 75  
CGU C    C  N N 76  
CGU O    O  N N 77  
CGU OXT  O  N N 78  
CGU CB   C  N N 79  
CGU CG   C  N N 80  
CGU CD1  C  N N 81  
CGU CD2  C  N N 82  
CGU OE11 O  N N 83  
CGU OE12 O  N N 84  
CGU OE21 O  N N 85  
CGU OE22 O  N N 86  
CGU H    H  N N 87  
CGU H2   H  N N 88  
CGU HA   H  N N 89  
CGU HXT  H  N N 90  
CGU HB2  H  N N 91  
CGU HB3  H  N N 92  
CGU HG   H  N N 93  
CGU HE12 H  N N 94  
CGU HE22 H  N N 95  
CYS N    N  N N 96  
CYS CA   C  N R 97  
CYS C    C  N N 98  
CYS O    O  N N 99  
CYS CB   C  N N 100 
CYS SG   S  N N 101 
CYS OXT  O  N N 102 
CYS H    H  N N 103 
CYS H2   H  N N 104 
CYS HA   H  N N 105 
CYS HB2  H  N N 106 
CYS HB3  H  N N 107 
CYS HG   H  N N 108 
CYS HXT  H  N N 109 
GLN N    N  N N 110 
GLN CA   C  N S 111 
GLN C    C  N N 112 
GLN O    O  N N 113 
GLN CB   C  N N 114 
GLN CG   C  N N 115 
GLN CD   C  N N 116 
GLN OE1  O  N N 117 
GLN NE2  N  N N 118 
GLN OXT  O  N N 119 
GLN H    H  N N 120 
GLN H2   H  N N 121 
GLN HA   H  N N 122 
GLN HB2  H  N N 123 
GLN HB3  H  N N 124 
GLN HG2  H  N N 125 
GLN HG3  H  N N 126 
GLN HE21 H  N N 127 
GLN HE22 H  N N 128 
GLN HXT  H  N N 129 
GLU N    N  N N 130 
GLU CA   C  N S 131 
GLU C    C  N N 132 
GLU O    O  N N 133 
GLU CB   C  N N 134 
GLU CG   C  N N 135 
GLU CD   C  N N 136 
GLU OE1  O  N N 137 
GLU OE2  O  N N 138 
GLU OXT  O  N N 139 
GLU H    H  N N 140 
GLU H2   H  N N 141 
GLU HA   H  N N 142 
GLU HB2  H  N N 143 
GLU HB3  H  N N 144 
GLU HG2  H  N N 145 
GLU HG3  H  N N 146 
GLU HE2  H  N N 147 
GLU HXT  H  N N 148 
GLY N    N  N N 149 
GLY CA   C  N N 150 
GLY C    C  N N 151 
GLY O    O  N N 152 
GLY OXT  O  N N 153 
GLY H    H  N N 154 
GLY H2   H  N N 155 
GLY HA2  H  N N 156 
GLY HA3  H  N N 157 
GLY HXT  H  N N 158 
HIS N    N  N N 159 
HIS CA   C  N S 160 
HIS C    C  N N 161 
HIS O    O  N N 162 
HIS CB   C  N N 163 
HIS CG   C  Y N 164 
HIS ND1  N  Y N 165 
HIS CD2  C  Y N 166 
HIS CE1  C  Y N 167 
HIS NE2  N  Y N 168 
HIS OXT  O  N N 169 
HIS H    H  N N 170 
HIS H2   H  N N 171 
HIS HA   H  N N 172 
HIS HB2  H  N N 173 
HIS HB3  H  N N 174 
HIS HD1  H  N N 175 
HIS HD2  H  N N 176 
HIS HE1  H  N N 177 
HIS HE2  H  N N 178 
HIS HXT  H  N N 179 
HOH O    O  N N 180 
HOH H1   H  N N 181 
HOH H2   H  N N 182 
ILE N    N  N N 183 
ILE CA   C  N S 184 
ILE C    C  N N 185 
ILE O    O  N N 186 
ILE CB   C  N S 187 
ILE CG1  C  N N 188 
ILE CG2  C  N N 189 
ILE CD1  C  N N 190 
ILE OXT  O  N N 191 
ILE H    H  N N 192 
ILE H2   H  N N 193 
ILE HA   H  N N 194 
ILE HB   H  N N 195 
ILE HG12 H  N N 196 
ILE HG13 H  N N 197 
ILE HG21 H  N N 198 
ILE HG22 H  N N 199 
ILE HG23 H  N N 200 
ILE HD11 H  N N 201 
ILE HD12 H  N N 202 
ILE HD13 H  N N 203 
ILE HXT  H  N N 204 
LEU N    N  N N 205 
LEU CA   C  N S 206 
LEU C    C  N N 207 
LEU O    O  N N 208 
LEU CB   C  N N 209 
LEU CG   C  N N 210 
LEU CD1  C  N N 211 
LEU CD2  C  N N 212 
LEU OXT  O  N N 213 
LEU H    H  N N 214 
LEU H2   H  N N 215 
LEU HA   H  N N 216 
LEU HB2  H  N N 217 
LEU HB3  H  N N 218 
LEU HG   H  N N 219 
LEU HD11 H  N N 220 
LEU HD12 H  N N 221 
LEU HD13 H  N N 222 
LEU HD21 H  N N 223 
LEU HD22 H  N N 224 
LEU HD23 H  N N 225 
LEU HXT  H  N N 226 
LYS N    N  N N 227 
LYS CA   C  N S 228 
LYS C    C  N N 229 
LYS O    O  N N 230 
LYS CB   C  N N 231 
LYS CG   C  N N 232 
LYS CD   C  N N 233 
LYS CE   C  N N 234 
LYS NZ   N  N N 235 
LYS OXT  O  N N 236 
LYS H    H  N N 237 
LYS H2   H  N N 238 
LYS HA   H  N N 239 
LYS HB2  H  N N 240 
LYS HB3  H  N N 241 
LYS HG2  H  N N 242 
LYS HG3  H  N N 243 
LYS HD2  H  N N 244 
LYS HD3  H  N N 245 
LYS HE2  H  N N 246 
LYS HE3  H  N N 247 
LYS HZ1  H  N N 248 
LYS HZ2  H  N N 249 
LYS HZ3  H  N N 250 
LYS HXT  H  N N 251 
MET N    N  N N 252 
MET CA   C  N S 253 
MET C    C  N N 254 
MET O    O  N N 255 
MET CB   C  N N 256 
MET CG   C  N N 257 
MET SD   S  N N 258 
MET CE   C  N N 259 
MET OXT  O  N N 260 
MET H    H  N N 261 
MET H2   H  N N 262 
MET HA   H  N N 263 
MET HB2  H  N N 264 
MET HB3  H  N N 265 
MET HG2  H  N N 266 
MET HG3  H  N N 267 
MET HE1  H  N N 268 
MET HE2  H  N N 269 
MET HE3  H  N N 270 
MET HXT  H  N N 271 
NAG C1   C  N R 272 
NAG C2   C  N R 273 
NAG C3   C  N R 274 
NAG C4   C  N S 275 
NAG C5   C  N R 276 
NAG C6   C  N N 277 
NAG C7   C  N N 278 
NAG C8   C  N N 279 
NAG N2   N  N N 280 
NAG O1   O  N N 281 
NAG O3   O  N N 282 
NAG O4   O  N N 283 
NAG O5   O  N N 284 
NAG O6   O  N N 285 
NAG O7   O  N N 286 
NAG H1   H  N N 287 
NAG H2   H  N N 288 
NAG H3   H  N N 289 
NAG H4   H  N N 290 
NAG H5   H  N N 291 
NAG H61  H  N N 292 
NAG H62  H  N N 293 
NAG H81  H  N N 294 
NAG H82  H  N N 295 
NAG H83  H  N N 296 
NAG HN2  H  N N 297 
NAG HO1  H  N N 298 
NAG HO3  H  N N 299 
NAG HO4  H  N N 300 
NAG HO6  H  N N 301 
PHE N    N  N N 302 
PHE CA   C  N S 303 
PHE C    C  N N 304 
PHE O    O  N N 305 
PHE CB   C  N N 306 
PHE CG   C  Y N 307 
PHE CD1  C  Y N 308 
PHE CD2  C  Y N 309 
PHE CE1  C  Y N 310 
PHE CE2  C  Y N 311 
PHE CZ   C  Y N 312 
PHE OXT  O  N N 313 
PHE H    H  N N 314 
PHE H2   H  N N 315 
PHE HA   H  N N 316 
PHE HB2  H  N N 317 
PHE HB3  H  N N 318 
PHE HD1  H  N N 319 
PHE HD2  H  N N 320 
PHE HE1  H  N N 321 
PHE HE2  H  N N 322 
PHE HZ   H  N N 323 
PHE HXT  H  N N 324 
PRO N    N  N N 325 
PRO CA   C  N S 326 
PRO C    C  N N 327 
PRO O    O  N N 328 
PRO CB   C  N N 329 
PRO CG   C  N N 330 
PRO CD   C  N N 331 
PRO OXT  O  N N 332 
PRO H    H  N N 333 
PRO HA   H  N N 334 
PRO HB2  H  N N 335 
PRO HB3  H  N N 336 
PRO HG2  H  N N 337 
PRO HG3  H  N N 338 
PRO HD2  H  N N 339 
PRO HD3  H  N N 340 
PRO HXT  H  N N 341 
SER N    N  N N 342 
SER CA   C  N S 343 
SER C    C  N N 344 
SER O    O  N N 345 
SER CB   C  N N 346 
SER OG   O  N N 347 
SER OXT  O  N N 348 
SER H    H  N N 349 
SER H2   H  N N 350 
SER HA   H  N N 351 
SER HB2  H  N N 352 
SER HB3  H  N N 353 
SER HG   H  N N 354 
SER HXT  H  N N 355 
SR  SR   SR N N 356 
THR N    N  N N 357 
THR CA   C  N S 358 
THR C    C  N N 359 
THR O    O  N N 360 
THR CB   C  N R 361 
THR OG1  O  N N 362 
THR CG2  C  N N 363 
THR OXT  O  N N 364 
THR H    H  N N 365 
THR H2   H  N N 366 
THR HA   H  N N 367 
THR HB   H  N N 368 
THR HG1  H  N N 369 
THR HG21 H  N N 370 
THR HG22 H  N N 371 
THR HG23 H  N N 372 
THR HXT  H  N N 373 
TRP N    N  N N 374 
TRP CA   C  N S 375 
TRP C    C  N N 376 
TRP O    O  N N 377 
TRP CB   C  N N 378 
TRP CG   C  Y N 379 
TRP CD1  C  Y N 380 
TRP CD2  C  Y N 381 
TRP NE1  N  Y N 382 
TRP CE2  C  Y N 383 
TRP CE3  C  Y N 384 
TRP CZ2  C  Y N 385 
TRP CZ3  C  Y N 386 
TRP CH2  C  Y N 387 
TRP OXT  O  N N 388 
TRP H    H  N N 389 
TRP H2   H  N N 390 
TRP HA   H  N N 391 
TRP HB2  H  N N 392 
TRP HB3  H  N N 393 
TRP HD1  H  N N 394 
TRP HE1  H  N N 395 
TRP HE3  H  N N 396 
TRP HZ2  H  N N 397 
TRP HZ3  H  N N 398 
TRP HH2  H  N N 399 
TRP HXT  H  N N 400 
TYR N    N  N N 401 
TYR CA   C  N S 402 
TYR C    C  N N 403 
TYR O    O  N N 404 
TYR CB   C  N N 405 
TYR CG   C  Y N 406 
TYR CD1  C  Y N 407 
TYR CD2  C  Y N 408 
TYR CE1  C  Y N 409 
TYR CE2  C  Y N 410 
TYR CZ   C  Y N 411 
TYR OH   O  N N 412 
TYR OXT  O  N N 413 
TYR H    H  N N 414 
TYR H2   H  N N 415 
TYR HA   H  N N 416 
TYR HB2  H  N N 417 
TYR HB3  H  N N 418 
TYR HD1  H  N N 419 
TYR HD2  H  N N 420 
TYR HE1  H  N N 421 
TYR HE2  H  N N 422 
TYR HH   H  N N 423 
TYR HXT  H  N N 424 
VAL N    N  N N 425 
VAL CA   C  N S 426 
VAL C    C  N N 427 
VAL O    O  N N 428 
VAL CB   C  N N 429 
VAL CG1  C  N N 430 
VAL CG2  C  N N 431 
VAL OXT  O  N N 432 
VAL H    H  N N 433 
VAL H2   H  N N 434 
VAL HA   H  N N 435 
VAL HB   H  N N 436 
VAL HG11 H  N N 437 
VAL HG12 H  N N 438 
VAL HG13 H  N N 439 
VAL HG21 H  N N 440 
VAL HG22 H  N N 441 
VAL HG23 H  N N 442 
VAL HXT  H  N N 443 
# 
loop_
_chem_comp_bond.comp_id 
_chem_comp_bond.atom_id_1 
_chem_comp_bond.atom_id_2 
_chem_comp_bond.value_order 
_chem_comp_bond.pdbx_aromatic_flag 
_chem_comp_bond.pdbx_stereo_config 
_chem_comp_bond.pdbx_ordinal 
ALA N    CA   sing N N 1   
ALA N    H    sing N N 2   
ALA N    H2   sing N N 3   
ALA CA   C    sing N N 4   
ALA CA   CB   sing N N 5   
ALA CA   HA   sing N N 6   
ALA C    O    doub N N 7   
ALA C    OXT  sing N N 8   
ALA CB   HB1  sing N N 9   
ALA CB   HB2  sing N N 10  
ALA CB   HB3  sing N N 11  
ALA OXT  HXT  sing N N 12  
ARG N    CA   sing N N 13  
ARG N    H    sing N N 14  
ARG N    H2   sing N N 15  
ARG CA   C    sing N N 16  
ARG CA   CB   sing N N 17  
ARG CA   HA   sing N N 18  
ARG C    O    doub N N 19  
ARG C    OXT  sing N N 20  
ARG CB   CG   sing N N 21  
ARG CB   HB2  sing N N 22  
ARG CB   HB3  sing N N 23  
ARG CG   CD   sing N N 24  
ARG CG   HG2  sing N N 25  
ARG CG   HG3  sing N N 26  
ARG CD   NE   sing N N 27  
ARG CD   HD2  sing N N 28  
ARG CD   HD3  sing N N 29  
ARG NE   CZ   sing N N 30  
ARG NE   HE   sing N N 31  
ARG CZ   NH1  sing N N 32  
ARG CZ   NH2  doub N N 33  
ARG NH1  HH11 sing N N 34  
ARG NH1  HH12 sing N N 35  
ARG NH2  HH21 sing N N 36  
ARG NH2  HH22 sing N N 37  
ARG OXT  HXT  sing N N 38  
ASN N    CA   sing N N 39  
ASN N    H    sing N N 40  
ASN N    H2   sing N N 41  
ASN CA   C    sing N N 42  
ASN CA   CB   sing N N 43  
ASN CA   HA   sing N N 44  
ASN C    O    doub N N 45  
ASN C    OXT  sing N N 46  
ASN CB   CG   sing N N 47  
ASN CB   HB2  sing N N 48  
ASN CB   HB3  sing N N 49  
ASN CG   OD1  doub N N 50  
ASN CG   ND2  sing N N 51  
ASN ND2  HD21 sing N N 52  
ASN ND2  HD22 sing N N 53  
ASN OXT  HXT  sing N N 54  
ASP N    CA   sing N N 55  
ASP N    H    sing N N 56  
ASP N    H2   sing N N 57  
ASP CA   C    sing N N 58  
ASP CA   CB   sing N N 59  
ASP CA   HA   sing N N 60  
ASP C    O    doub N N 61  
ASP C    OXT  sing N N 62  
ASP CB   CG   sing N N 63  
ASP CB   HB2  sing N N 64  
ASP CB   HB3  sing N N 65  
ASP CG   OD1  doub N N 66  
ASP CG   OD2  sing N N 67  
ASP OD2  HD2  sing N N 68  
ASP OXT  HXT  sing N N 69  
CGU N    CA   sing N N 70  
CGU N    H    sing N N 71  
CGU N    H2   sing N N 72  
CGU CA   C    sing N N 73  
CGU CA   CB   sing N N 74  
CGU CA   HA   sing N N 75  
CGU C    O    doub N N 76  
CGU C    OXT  sing N N 77  
CGU OXT  HXT  sing N N 78  
CGU CB   CG   sing N N 79  
CGU CB   HB2  sing N N 80  
CGU CB   HB3  sing N N 81  
CGU CG   CD1  sing N N 82  
CGU CG   CD2  sing N N 83  
CGU CG   HG   sing N N 84  
CGU CD1  OE11 doub N N 85  
CGU CD1  OE12 sing N N 86  
CGU CD2  OE21 doub N N 87  
CGU CD2  OE22 sing N N 88  
CGU OE12 HE12 sing N N 89  
CGU OE22 HE22 sing N N 90  
CYS N    CA   sing N N 91  
CYS N    H    sing N N 92  
CYS N    H2   sing N N 93  
CYS CA   C    sing N N 94  
CYS CA   CB   sing N N 95  
CYS CA   HA   sing N N 96  
CYS C    O    doub N N 97  
CYS C    OXT  sing N N 98  
CYS CB   SG   sing N N 99  
CYS CB   HB2  sing N N 100 
CYS CB   HB3  sing N N 101 
CYS SG   HG   sing N N 102 
CYS OXT  HXT  sing N N 103 
GLN N    CA   sing N N 104 
GLN N    H    sing N N 105 
GLN N    H2   sing N N 106 
GLN CA   C    sing N N 107 
GLN CA   CB   sing N N 108 
GLN CA   HA   sing N N 109 
GLN C    O    doub N N 110 
GLN C    OXT  sing N N 111 
GLN CB   CG   sing N N 112 
GLN CB   HB2  sing N N 113 
GLN CB   HB3  sing N N 114 
GLN CG   CD   sing N N 115 
GLN CG   HG2  sing N N 116 
GLN CG   HG3  sing N N 117 
GLN CD   OE1  doub N N 118 
GLN CD   NE2  sing N N 119 
GLN NE2  HE21 sing N N 120 
GLN NE2  HE22 sing N N 121 
GLN OXT  HXT  sing N N 122 
GLU N    CA   sing N N 123 
GLU N    H    sing N N 124 
GLU N    H2   sing N N 125 
GLU CA   C    sing N N 126 
GLU CA   CB   sing N N 127 
GLU CA   HA   sing N N 128 
GLU C    O    doub N N 129 
GLU C    OXT  sing N N 130 
GLU CB   CG   sing N N 131 
GLU CB   HB2  sing N N 132 
GLU CB   HB3  sing N N 133 
GLU CG   CD   sing N N 134 
GLU CG   HG2  sing N N 135 
GLU CG   HG3  sing N N 136 
GLU CD   OE1  doub N N 137 
GLU CD   OE2  sing N N 138 
GLU OE2  HE2  sing N N 139 
GLU OXT  HXT  sing N N 140 
GLY N    CA   sing N N 141 
GLY N    H    sing N N 142 
GLY N    H2   sing N N 143 
GLY CA   C    sing N N 144 
GLY CA   HA2  sing N N 145 
GLY CA   HA3  sing N N 146 
GLY C    O    doub N N 147 
GLY C    OXT  sing N N 148 
GLY OXT  HXT  sing N N 149 
HIS N    CA   sing N N 150 
HIS N    H    sing N N 151 
HIS N    H2   sing N N 152 
HIS CA   C    sing N N 153 
HIS CA   CB   sing N N 154 
HIS CA   HA   sing N N 155 
HIS C    O    doub N N 156 
HIS C    OXT  sing N N 157 
HIS CB   CG   sing N N 158 
HIS CB   HB2  sing N N 159 
HIS CB   HB3  sing N N 160 
HIS CG   ND1  sing Y N 161 
HIS CG   CD2  doub Y N 162 
HIS ND1  CE1  doub Y N 163 
HIS ND1  HD1  sing N N 164 
HIS CD2  NE2  sing Y N 165 
HIS CD2  HD2  sing N N 166 
HIS CE1  NE2  sing Y N 167 
HIS CE1  HE1  sing N N 168 
HIS NE2  HE2  sing N N 169 
HIS OXT  HXT  sing N N 170 
HOH O    H1   sing N N 171 
HOH O    H2   sing N N 172 
ILE N    CA   sing N N 173 
ILE N    H    sing N N 174 
ILE N    H2   sing N N 175 
ILE CA   C    sing N N 176 
ILE CA   CB   sing N N 177 
ILE CA   HA   sing N N 178 
ILE C    O    doub N N 179 
ILE C    OXT  sing N N 180 
ILE CB   CG1  sing N N 181 
ILE CB   CG2  sing N N 182 
ILE CB   HB   sing N N 183 
ILE CG1  CD1  sing N N 184 
ILE CG1  HG12 sing N N 185 
ILE CG1  HG13 sing N N 186 
ILE CG2  HG21 sing N N 187 
ILE CG2  HG22 sing N N 188 
ILE CG2  HG23 sing N N 189 
ILE CD1  HD11 sing N N 190 
ILE CD1  HD12 sing N N 191 
ILE CD1  HD13 sing N N 192 
ILE OXT  HXT  sing N N 193 
LEU N    CA   sing N N 194 
LEU N    H    sing N N 195 
LEU N    H2   sing N N 196 
LEU CA   C    sing N N 197 
LEU CA   CB   sing N N 198 
LEU CA   HA   sing N N 199 
LEU C    O    doub N N 200 
LEU C    OXT  sing N N 201 
LEU CB   CG   sing N N 202 
LEU CB   HB2  sing N N 203 
LEU CB   HB3  sing N N 204 
LEU CG   CD1  sing N N 205 
LEU CG   CD2  sing N N 206 
LEU CG   HG   sing N N 207 
LEU CD1  HD11 sing N N 208 
LEU CD1  HD12 sing N N 209 
LEU CD1  HD13 sing N N 210 
LEU CD2  HD21 sing N N 211 
LEU CD2  HD22 sing N N 212 
LEU CD2  HD23 sing N N 213 
LEU OXT  HXT  sing N N 214 
LYS N    CA   sing N N 215 
LYS N    H    sing N N 216 
LYS N    H2   sing N N 217 
LYS CA   C    sing N N 218 
LYS CA   CB   sing N N 219 
LYS CA   HA   sing N N 220 
LYS C    O    doub N N 221 
LYS C    OXT  sing N N 222 
LYS CB   CG   sing N N 223 
LYS CB   HB2  sing N N 224 
LYS CB   HB3  sing N N 225 
LYS CG   CD   sing N N 226 
LYS CG   HG2  sing N N 227 
LYS CG   HG3  sing N N 228 
LYS CD   CE   sing N N 229 
LYS CD   HD2  sing N N 230 
LYS CD   HD3  sing N N 231 
LYS CE   NZ   sing N N 232 
LYS CE   HE2  sing N N 233 
LYS CE   HE3  sing N N 234 
LYS NZ   HZ1  sing N N 235 
LYS NZ   HZ2  sing N N 236 
LYS NZ   HZ3  sing N N 237 
LYS OXT  HXT  sing N N 238 
MET N    CA   sing N N 239 
MET N    H    sing N N 240 
MET N    H2   sing N N 241 
MET CA   C    sing N N 242 
MET CA   CB   sing N N 243 
MET CA   HA   sing N N 244 
MET C    O    doub N N 245 
MET C    OXT  sing N N 246 
MET CB   CG   sing N N 247 
MET CB   HB2  sing N N 248 
MET CB   HB3  sing N N 249 
MET CG   SD   sing N N 250 
MET CG   HG2  sing N N 251 
MET CG   HG3  sing N N 252 
MET SD   CE   sing N N 253 
MET CE   HE1  sing N N 254 
MET CE   HE2  sing N N 255 
MET CE   HE3  sing N N 256 
MET OXT  HXT  sing N N 257 
NAG C1   C2   sing N N 258 
NAG C1   O1   sing N N 259 
NAG C1   O5   sing N N 260 
NAG C1   H1   sing N N 261 
NAG C2   C3   sing N N 262 
NAG C2   N2   sing N N 263 
NAG C2   H2   sing N N 264 
NAG C3   C4   sing N N 265 
NAG C3   O3   sing N N 266 
NAG C3   H3   sing N N 267 
NAG C4   C5   sing N N 268 
NAG C4   O4   sing N N 269 
NAG C4   H4   sing N N 270 
NAG C5   C6   sing N N 271 
NAG C5   O5   sing N N 272 
NAG C5   H5   sing N N 273 
NAG C6   O6   sing N N 274 
NAG C6   H61  sing N N 275 
NAG C6   H62  sing N N 276 
NAG C7   C8   sing N N 277 
NAG C7   N2   sing N N 278 
NAG C7   O7   doub N N 279 
NAG C8   H81  sing N N 280 
NAG C8   H82  sing N N 281 
NAG C8   H83  sing N N 282 
NAG N2   HN2  sing N N 283 
NAG O1   HO1  sing N N 284 
NAG O3   HO3  sing N N 285 
NAG O4   HO4  sing N N 286 
NAG O6   HO6  sing N N 287 
PHE N    CA   sing N N 288 
PHE N    H    sing N N 289 
PHE N    H2   sing N N 290 
PHE CA   C    sing N N 291 
PHE CA   CB   sing N N 292 
PHE CA   HA   sing N N 293 
PHE C    O    doub N N 294 
PHE C    OXT  sing N N 295 
PHE CB   CG   sing N N 296 
PHE CB   HB2  sing N N 297 
PHE CB   HB3  sing N N 298 
PHE CG   CD1  doub Y N 299 
PHE CG   CD2  sing Y N 300 
PHE CD1  CE1  sing Y N 301 
PHE CD1  HD1  sing N N 302 
PHE CD2  CE2  doub Y N 303 
PHE CD2  HD2  sing N N 304 
PHE CE1  CZ   doub Y N 305 
PHE CE1  HE1  sing N N 306 
PHE CE2  CZ   sing Y N 307 
PHE CE2  HE2  sing N N 308 
PHE CZ   HZ   sing N N 309 
PHE OXT  HXT  sing N N 310 
PRO N    CA   sing N N 311 
PRO N    CD   sing N N 312 
PRO N    H    sing N N 313 
PRO CA   C    sing N N 314 
PRO CA   CB   sing N N 315 
PRO CA   HA   sing N N 316 
PRO C    O    doub N N 317 
PRO C    OXT  sing N N 318 
PRO CB   CG   sing N N 319 
PRO CB   HB2  sing N N 320 
PRO CB   HB3  sing N N 321 
PRO CG   CD   sing N N 322 
PRO CG   HG2  sing N N 323 
PRO CG   HG3  sing N N 324 
PRO CD   HD2  sing N N 325 
PRO CD   HD3  sing N N 326 
PRO OXT  HXT  sing N N 327 
SER N    CA   sing N N 328 
SER N    H    sing N N 329 
SER N    H2   sing N N 330 
SER CA   C    sing N N 331 
SER CA   CB   sing N N 332 
SER CA   HA   sing N N 333 
SER C    O    doub N N 334 
SER C    OXT  sing N N 335 
SER CB   OG   sing N N 336 
SER CB   HB2  sing N N 337 
SER CB   HB3  sing N N 338 
SER OG   HG   sing N N 339 
SER OXT  HXT  sing N N 340 
THR N    CA   sing N N 341 
THR N    H    sing N N 342 
THR N    H2   sing N N 343 
THR CA   C    sing N N 344 
THR CA   CB   sing N N 345 
THR CA   HA   sing N N 346 
THR C    O    doub N N 347 
THR C    OXT  sing N N 348 
THR CB   OG1  sing N N 349 
THR CB   CG2  sing N N 350 
THR CB   HB   sing N N 351 
THR OG1  HG1  sing N N 352 
THR CG2  HG21 sing N N 353 
THR CG2  HG22 sing N N 354 
THR CG2  HG23 sing N N 355 
THR OXT  HXT  sing N N 356 
TRP N    CA   sing N N 357 
TRP N    H    sing N N 358 
TRP N    H2   sing N N 359 
TRP CA   C    sing N N 360 
TRP CA   CB   sing N N 361 
TRP CA   HA   sing N N 362 
TRP C    O    doub N N 363 
TRP C    OXT  sing N N 364 
TRP CB   CG   sing N N 365 
TRP CB   HB2  sing N N 366 
TRP CB   HB3  sing N N 367 
TRP CG   CD1  doub Y N 368 
TRP CG   CD2  sing Y N 369 
TRP CD1  NE1  sing Y N 370 
TRP CD1  HD1  sing N N 371 
TRP CD2  CE2  doub Y N 372 
TRP CD2  CE3  sing Y N 373 
TRP NE1  CE2  sing Y N 374 
TRP NE1  HE1  sing N N 375 
TRP CE2  CZ2  sing Y N 376 
TRP CE3  CZ3  doub Y N 377 
TRP CE3  HE3  sing N N 378 
TRP CZ2  CH2  doub Y N 379 
TRP CZ2  HZ2  sing N N 380 
TRP CZ3  CH2  sing Y N 381 
TRP CZ3  HZ3  sing N N 382 
TRP CH2  HH2  sing N N 383 
TRP OXT  HXT  sing N N 384 
TYR N    CA   sing N N 385 
TYR N    H    sing N N 386 
TYR N    H2   sing N N 387 
TYR CA   C    sing N N 388 
TYR CA   CB   sing N N 389 
TYR CA   HA   sing N N 390 
TYR C    O    doub N N 391 
TYR C    OXT  sing N N 392 
TYR CB   CG   sing N N 393 
TYR CB   HB2  sing N N 394 
TYR CB   HB3  sing N N 395 
TYR CG   CD1  doub Y N 396 
TYR CG   CD2  sing Y N 397 
TYR CD1  CE1  sing Y N 398 
TYR CD1  HD1  sing N N 399 
TYR CD2  CE2  doub Y N 400 
TYR CD2  HD2  sing N N 401 
TYR CE1  CZ   doub Y N 402 
TYR CE1  HE1  sing N N 403 
TYR CE2  CZ   sing Y N 404 
TYR CE2  HE2  sing N N 405 
TYR CZ   OH   sing N N 406 
TYR OH   HH   sing N N 407 
TYR OXT  HXT  sing N N 408 
VAL N    CA   sing N N 409 
VAL N    H    sing N N 410 
VAL N    H2   sing N N 411 
VAL CA   C    sing N N 412 
VAL CA   CB   sing N N 413 
VAL CA   HA   sing N N 414 
VAL C    O    doub N N 415 
VAL C    OXT  sing N N 416 
VAL CB   CG1  sing N N 417 
VAL CB   CG2  sing N N 418 
VAL CB   HB   sing N N 419 
VAL CG1  HG11 sing N N 420 
VAL CG1  HG12 sing N N 421 
VAL CG1  HG13 sing N N 422 
VAL CG2  HG21 sing N N 423 
VAL CG2  HG22 sing N N 424 
VAL CG2  HG23 sing N N 425 
VAL OXT  HXT  sing N N 426 
# 
_atom_sites.entry_id                    2SPT 
_atom_sites.fract_transf_matrix[1][1]   -0.00206112 
_atom_sites.fract_transf_matrix[1][2]   -0.00229198 
_atom_sites.fract_transf_matrix[1][3]   0.02500573 
_atom_sites.fract_transf_matrix[2][1]   0.01641851 
_atom_sites.fract_transf_matrix[2][2]   -0.00845562 
_atom_sites.fract_transf_matrix[2][3]   0.00057828 
_atom_sites.fract_transf_matrix[3][1]   0.00344105 
_atom_sites.fract_transf_matrix[3][2]   0.00674325 
_atom_sites.fract_transf_matrix[3][3]   0.00090171 
_atom_sites.fract_transf_vector[1]      0.376700 
_atom_sites.fract_transf_vector[2]      0.769472 
_atom_sites.fract_transf_vector[3]      0.853670 
# 
loop_
_atom_sites_footnote.id 
_atom_sites_footnote.text 
1 'CIS PROLINE - PRO      54' 
2 'CIS PROLINE - PRO      95' 
# 
loop_
_atom_type.symbol 
C  
N  
O  
S  
SR 
# 
loop_
_atom_site.group_PDB 
_atom_site.id 
_atom_site.type_symbol 
_atom_site.label_atom_id 
_atom_site.label_alt_id 
_atom_site.label_comp_id 
_atom_site.label_asym_id 
_atom_site.label_entity_id 
_atom_site.label_seq_id 
_atom_site.pdbx_PDB_ins_code 
_atom_site.Cartn_x 
_atom_site.Cartn_y 
_atom_site.Cartn_z 
_atom_site.occupancy 
_atom_site.B_iso_or_equiv 
_atom_site.pdbx_formal_charge 
_atom_site.auth_seq_id 
_atom_site.auth_comp_id 
_atom_site.auth_asym_id 
_atom_site.auth_atom_id 
_atom_site.pdbx_PDB_model_num 
ATOM   1    N  N    . ALA A 1 1   ? 1.949   19.610  -10.068 1.00 45.42 ? 1   ALA A N    1 
ATOM   2    C  CA   . ALA A 1 1   ? 0.725   19.377  -10.832 1.00 45.59 ? 1   ALA A CA   1 
ATOM   3    C  C    . ALA A 1 1   ? 0.861   19.885  -12.266 1.00 45.87 ? 1   ALA A C    1 
ATOM   4    O  O    . ALA A 1 1   ? 0.036   19.481  -13.153 1.00 46.83 ? 1   ALA A O    1 
ATOM   5    C  CB   . ALA A 1 1   ? -0.416  19.983  -10.018 1.00 45.43 ? 1   ALA A CB   1 
ATOM   6    N  N    . ASN A 1 2   ? 1.869   20.690  -12.568 1.00 45.25 ? 2   ASN A N    1 
ATOM   7    C  CA   . ASN A 1 2   ? 2.074   21.220  -13.928 1.00 44.75 ? 2   ASN A CA   1 
ATOM   8    C  C    . ASN A 1 2   ? 1.006   22.245  -14.299 1.00 44.75 ? 2   ASN A C    1 
ATOM   9    O  O    . ASN A 1 2   ? 0.277   22.112  -15.299 1.00 44.71 ? 2   ASN A O    1 
ATOM   10   C  CB   . ASN A 1 2   ? 2.114   20.125  -15.000 1.00 44.28 ? 2   ASN A CB   1 
ATOM   11   C  CG   . ASN A 1 2   ? 3.380   19.311  -14.932 1.00 43.98 ? 2   ASN A CG   1 
ATOM   12   O  OD1  . ASN A 1 2   ? 4.138   19.745  -14.088 1.00 42.53 ? 2   ASN A OD1  1 
ATOM   13   N  ND2  . ASN A 1 2   ? 3.787   18.317  -15.726 1.00 44.13 ? 2   ASN A ND2  1 
ATOM   14   N  N    . LYS A 1 3   ? 0.933   23.264  -13.475 1.00 44.88 ? 3   LYS A N    1 
ATOM   15   C  CA   . LYS A 1 3   ? -0.049  24.325  -13.767 1.00 45.42 ? 3   LYS A CA   1 
ATOM   16   C  C    . LYS A 1 3   ? 0.644   25.297  -14.754 1.00 45.80 ? 3   LYS A C    1 
ATOM   17   O  O    . LYS A 1 3   ? 0.359   26.501  -14.764 1.00 46.04 ? 3   LYS A O    1 
ATOM   18   C  CB   . LYS A 1 3   ? -0.514  24.987  -12.493 1.00 45.45 ? 3   LYS A CB   1 
ATOM   19   C  CG   . LYS A 1 3   ? -1.693  25.931  -12.685 0.01 45.22 ? 3   LYS A CG   1 
ATOM   20   C  CD   . LYS A 1 3   ? -2.256  26.422  -11.356 0.01 45.11 ? 3   LYS A CD   1 
ATOM   21   C  CE   . LYS A 1 3   ? -3.489  27.301  -11.513 0.01 45.01 ? 3   LYS A CE   1 
ATOM   22   N  NZ   . LYS A 1 3   ? -4.052  27.717  -10.223 0.01 44.95 ? 3   LYS A NZ   1 
ATOM   23   N  N    . GLY A 1 4   ? 1.538   24.643  -15.525 1.00 46.01 ? 4   GLY A N    1 
ATOM   24   C  CA   . GLY A 1 4   ? 2.377   25.211  -16.629 1.00 45.94 ? 4   GLY A CA   1 
ATOM   25   C  C    . GLY A 1 4   ? 3.360   26.318  -16.182 1.00 46.16 ? 4   GLY A C    1 
ATOM   26   O  O    . GLY A 1 4   ? 3.479   26.676  -15.022 1.00 46.63 ? 4   GLY A O    1 
ATOM   27   N  N    . PHE A 1 5   ? 4.117   26.800  -17.140 1.00 45.73 ? 5   PHE A N    1 
ATOM   28   C  CA   . PHE A 1 5   ? 4.993   27.971  -16.953 1.00 45.25 ? 5   PHE A CA   1 
ATOM   29   C  C    . PHE A 1 5   ? 6.210   27.839  -16.000 1.00 44.65 ? 5   PHE A C    1 
ATOM   30   O  O    . PHE A 1 5   ? 6.106   28.095  -14.791 1.00 45.10 ? 5   PHE A O    1 
ATOM   31   C  CB   . PHE A 1 5   ? 4.131   29.077  -16.363 1.00 46.13 ? 5   PHE A CB   1 
ATOM   32   C  CG   . PHE A 1 5   ? 4.704   30.465  -16.540 1.00 47.07 ? 5   PHE A CG   1 
ATOM   33   C  CD1  . PHE A 1 5   ? 4.450   31.175  -17.715 1.00 47.21 ? 5   PHE A CD1  1 
ATOM   34   C  CD2  . PHE A 1 5   ? 5.479   31.028  -15.525 1.00 47.20 ? 5   PHE A CD2  1 
ATOM   35   C  CE1  . PHE A 1 5   ? 4.974   32.461  -17.876 1.00 47.17 ? 5   PHE A CE1  1 
ATOM   36   C  CE2  . PHE A 1 5   ? 6.003   32.313  -15.684 1.00 47.43 ? 5   PHE A CE2  1 
ATOM   37   C  CZ   . PHE A 1 5   ? 5.751   33.030  -16.859 1.00 47.58 ? 5   PHE A CZ   1 
ATOM   38   N  N    . LEU A 1 6   ? 7.333   27.474  -16.590 1.00 43.82 ? 6   LEU A N    1 
ATOM   39   C  CA   . LEU A 1 6   ? 8.633   27.374  -15.885 1.00 43.01 ? 6   LEU A CA   1 
ATOM   40   C  C    . LEU A 1 6   ? 8.547   26.842  -14.448 1.00 43.04 ? 6   LEU A C    1 
ATOM   41   O  O    . LEU A 1 6   ? 9.366   27.209  -13.591 1.00 43.33 ? 6   LEU A O    1 
ATOM   42   C  CB   . LEU A 1 6   ? 9.270   28.766  -15.681 1.00 42.00 ? 6   LEU A CB   1 
ATOM   43   C  CG   . LEU A 1 6   ? 9.369   29.643  -16.926 1.00 41.24 ? 6   LEU A CG   1 
ATOM   44   C  CD1  . LEU A 1 6   ? 8.016   30.147  -17.431 1.00 40.85 ? 6   LEU A CD1  1 
ATOM   45   C  CD2  . LEU A 1 6   ? 10.212  30.901  -16.680 1.00 40.63 ? 6   LEU A CD2  1 
HETATM 46   N  N    . CGU A 1 7   ? 7.578   25.992  -14.154 1.00 42.77 ? 7   CGU A N    1 
HETATM 47   C  CA   . CGU A 1 7   ? 7.451   25.461  -12.781 1.00 42.52 ? 7   CGU A CA   1 
HETATM 48   C  C    . CGU A 1 7   ? 8.362   24.224  -12.699 1.00 43.15 ? 7   CGU A C    1 
HETATM 49   O  O    . CGU A 1 7   ? 8.798   23.871  -11.591 1.00 42.81 ? 7   CGU A O    1 
HETATM 50   C  CB   . CGU A 1 7   ? 5.953   25.304  -12.433 1.00 42.00 ? 7   CGU A CB   1 
HETATM 51   C  CG   . CGU A 1 7   ? 5.279   24.005  -12.890 1.00 41.76 ? 7   CGU A CG   1 
HETATM 52   C  CD1  . CGU A 1 7   ? 4.384   23.437  -11.787 1.00 41.15 ? 7   CGU A CD1  1 
HETATM 53   C  CD2  . CGU A 1 7   ? 4.476   24.194  -14.162 1.00 42.47 ? 7   CGU A CD2  1 
HETATM 54   O  OE11 . CGU A 1 7   ? 4.859   22.816  -10.827 1.00 41.09 ? 7   CGU A OE11 1 
HETATM 55   O  OE12 . CGU A 1 7   ? 3.135   23.664  -11.958 1.00 39.21 ? 7   CGU A OE12 1 
HETATM 56   O  OE21 . CGU A 1 7   ? 4.441   25.474  -14.555 1.00 42.48 ? 7   CGU A OE21 1 
HETATM 57   O  OE22 . CGU A 1 7   ? 3.933   23.317  -14.752 1.00 42.41 ? 7   CGU A OE22 1 
HETATM 58   N  N    . CGU A 1 8   ? 8.618   23.632  -13.874 1.00 43.77 ? 8   CGU A N    1 
HETATM 59   C  CA   . CGU A 1 8   ? 9.492   22.437  -13.978 1.00 44.50 ? 8   CGU A CA   1 
HETATM 60   C  C    . CGU A 1 8   ? 10.980  22.820  -14.013 1.00 44.24 ? 8   CGU A C    1 
HETATM 61   O  O    . CGU A 1 8   ? 11.815  21.956  -14.320 1.00 45.12 ? 8   CGU A O    1 
HETATM 62   C  CB   . CGU A 1 8   ? 9.446   21.698  -15.309 1.00 44.05 ? 8   CGU A CB   1 
HETATM 63   C  CG   . CGU A 1 8   ? 8.203   21.075  -15.931 1.00 45.74 ? 8   CGU A CG   1 
HETATM 64   C  CD1  . CGU A 1 8   ? 7.170   20.496  -14.981 1.00 46.05 ? 8   CGU A CD1  1 
HETATM 65   C  CD2  . CGU A 1 8   ? 7.736   21.905  -17.103 1.00 47.00 ? 8   CGU A CD2  1 
HETATM 66   O  OE11 . CGU A 1 8   ? 7.261   20.637  -13.755 1.00 45.19 ? 8   CGU A OE11 1 
HETATM 67   O  OE12 . CGU A 1 8   ? 6.259   19.838  -15.595 1.00 46.36 ? 8   CGU A OE12 1 
HETATM 68   O  OE21 . CGU A 1 8   ? 7.346   23.143  -16.781 1.00 47.32 ? 8   CGU A OE21 1 
HETATM 69   O  OE22 . CGU A 1 8   ? 7.730   21.503  -18.211 1.00 47.73 ? 8   CGU A OE22 1 
ATOM   70   N  N    . VAL A 1 9   ? 11.291  24.060  -13.753 1.00 43.41 ? 9   VAL A N    1 
ATOM   71   C  CA   . VAL A 1 9   ? 12.695  24.526  -13.740 1.00 41.99 ? 9   VAL A CA   1 
ATOM   72   C  C    . VAL A 1 9   ? 13.106  24.527  -12.259 1.00 41.19 ? 9   VAL A C    1 
ATOM   73   O  O    . VAL A 1 9   ? 14.235  25.008  -11.972 1.00 40.83 ? 9   VAL A O    1 
ATOM   74   C  CB   . VAL A 1 9   ? 12.719  25.875  -14.464 1.00 42.15 ? 9   VAL A CB   1 
ATOM   75   C  CG1  . VAL A 1 9   ? 14.068  26.586  -14.383 1.00 41.83 ? 9   VAL A CG1  1 
ATOM   76   C  CG2  . VAL A 1 9   ? 12.404  25.745  -15.959 1.00 42.33 ? 9   VAL A CG2  1 
ATOM   77   N  N    . ARG A 1 10  ? 12.207  24.010  -11.377 1.00 39.87 ? 10  ARG A N    1 
ATOM   78   C  CA   . ARG A 1 10  ? 12.607  24.036  -9.954  1.00 39.11 ? 10  ARG A CA   1 
ATOM   79   C  C    . ARG A 1 10  ? 12.630  22.674  -9.284  1.00 38.29 ? 10  ARG A C    1 
ATOM   80   O  O    . ARG A 1 10  ? 12.151  21.741  -9.892  1.00 38.42 ? 10  ARG A O    1 
ATOM   81   C  CB   . ARG A 1 10  ? 11.951  25.027  -9.010  1.00 39.74 ? 10  ARG A CB   1 
ATOM   82   C  CG   . ARG A 1 10  ? 10.551  25.445  -9.367  1.00 40.07 ? 10  ARG A CG   1 
ATOM   83   C  CD   . ARG A 1 10  ? 9.739   25.817  -8.219  1.00 39.85 ? 10  ARG A CD   1 
ATOM   84   N  NE   . ARG A 1 10  ? 10.207  26.535  -7.071  1.00 39.14 ? 10  ARG A NE   1 
ATOM   85   C  CZ   . ARG A 1 10  ? 9.288   26.989  -6.186  1.00 39.31 ? 10  ARG A CZ   1 
ATOM   86   N  NH1  . ARG A 1 10  ? 7.968   26.834  -6.326  1.00 39.78 ? 10  ARG A NH1  1 
ATOM   87   N  NH2  . ARG A 1 10  ? 9.679   27.536  -5.041  1.00 39.44 ? 10  ARG A NH2  1 
ATOM   88   N  N    . LYS A 1 11  ? 13.247  22.617  -8.107  1.00 37.70 ? 11  LYS A N    1 
ATOM   89   C  CA   . LYS A 1 11  ? 13.459  21.341  -7.379  1.00 36.68 ? 11  LYS A CA   1 
ATOM   90   C  C    . LYS A 1 11  ? 12.119  20.665  -7.049  1.00 36.24 ? 11  LYS A C    1 
ATOM   91   O  O    . LYS A 1 11  ? 11.081  21.288  -6.720  1.00 35.77 ? 11  LYS A O    1 
ATOM   92   C  CB   . LYS A 1 11  ? 14.364  21.426  -6.168  1.00 36.06 ? 11  LYS A CB   1 
ATOM   93   C  CG   . LYS A 1 11  ? 14.654  20.132  -5.403  0.01 36.22 ? 11  LYS A CG   1 
ATOM   94   C  CD   . LYS A 1 11  ? 15.531  20.434  -4.189  0.01 36.17 ? 11  LYS A CD   1 
ATOM   95   C  CE   . LYS A 1 11  ? 15.917  19.187  -3.422  0.01 36.18 ? 11  LYS A CE   1 
ATOM   96   N  NZ   . LYS A 1 11  ? 16.779  19.537  -2.259  0.01 36.17 ? 11  LYS A NZ   1 
ATOM   97   N  N    . GLY A 1 12  ? 12.228  19.342  -7.233  1.00 35.25 ? 12  GLY A N    1 
ATOM   98   C  CA   . GLY A 1 12  ? 11.103  18.409  -7.044  1.00 33.72 ? 12  GLY A CA   1 
ATOM   99   C  C    . GLY A 1 12  ? 10.719  18.500  -5.567  1.00 32.58 ? 12  GLY A C    1 
ATOM   100  O  O    . GLY A 1 12  ? 11.638  18.645  -4.748  1.00 32.15 ? 12  GLY A O    1 
ATOM   101  N  N    . ASN A 1 13  ? 9.433   18.388  -5.318  1.00 31.81 ? 13  ASN A N    1 
ATOM   102  C  CA   . ASN A 1 13  ? 9.049   18.509  -3.895  1.00 31.50 ? 13  ASN A CA   1 
ATOM   103  C  C    . ASN A 1 13  ? 7.725   17.789  -3.669  1.00 31.49 ? 13  ASN A C    1 
ATOM   104  O  O    . ASN A 1 13  ? 6.767   18.266  -4.318  1.00 31.26 ? 13  ASN A O    1 
ATOM   105  C  CB   . ASN A 1 13  ? 8.940   19.986  -3.593  1.00 31.03 ? 13  ASN A CB   1 
ATOM   106  C  CG   . ASN A 1 13  ? 8.637   20.245  -2.133  1.00 31.13 ? 13  ASN A CG   1 
ATOM   107  O  OD1  . ASN A 1 13  ? 7.463   20.206  -1.717  1.00 31.04 ? 13  ASN A OD1  1 
ATOM   108  N  ND2  . ASN A 1 13  ? 9.733   20.563  -1.438  1.00 30.79 ? 13  ASN A ND2  1 
ATOM   109  N  N    . LEU A 1 14  ? 7.816   16.820  -2.760  1.00 31.09 ? 14  LEU A N    1 
ATOM   110  C  CA   . LEU A 1 14  ? 6.610   16.011  -2.499  1.00 30.61 ? 14  LEU A CA   1 
ATOM   111  C  C    . LEU A 1 14  ? 5.435   16.731  -1.866  1.00 30.55 ? 14  LEU A C    1 
ATOM   112  O  O    . LEU A 1 14  ? 4.305   16.569  -2.403  1.00 30.06 ? 14  LEU A O    1 
ATOM   113  C  CB   . LEU A 1 14  ? 7.053   14.694  -1.840  1.00 30.01 ? 14  LEU A CB   1 
ATOM   114  C  CG   . LEU A 1 14  ? 6.169   13.581  -2.445  1.00 29.62 ? 14  LEU A CG   1 
ATOM   115  C  CD1  . LEU A 1 14  ? 6.654   13.281  -3.848  1.00 29.77 ? 14  LEU A CD1  1 
ATOM   116  C  CD2  . LEU A 1 14  ? 6.144   12.425  -1.464  1.00 29.74 ? 14  LEU A CD2  1 
HETATM 117  N  N    . CGU A 1 15  ? 5.615   17.445  -0.787  1.00 30.79 ? 15  CGU A N    1 
HETATM 118  C  CA   . CGU A 1 15  ? 4.526   18.239  -0.177  1.00 31.99 ? 15  CGU A CA   1 
HETATM 119  C  C    . CGU A 1 15  ? 3.634   18.895  -1.234  1.00 31.67 ? 15  CGU A C    1 
HETATM 120  O  O    . CGU A 1 15  ? 2.518   18.529  -1.575  1.00 31.63 ? 15  CGU A O    1 
HETATM 121  C  CB   . CGU A 1 15  ? 5.260   19.337  0.626   1.00 34.17 ? 15  CGU A CB   1 
HETATM 122  C  CG   . CGU A 1 15  ? 5.111   19.263  2.147   1.00 35.10 ? 15  CGU A CG   1 
HETATM 123  C  CD1  . CGU A 1 15  ? 5.997   18.174  2.699   1.00 36.72 ? 15  CGU A CD1  1 
HETATM 124  C  CD2  . CGU A 1 15  ? 3.575   19.219  2.250   1.00 33.76 ? 15  CGU A CD2  1 
HETATM 125  O  OE11 . CGU A 1 15  ? 7.096   17.899  2.189   1.00 37.70 ? 15  CGU A OE11 1 
HETATM 126  O  OE12 . CGU A 1 15  ? 5.539   17.562  3.713   1.00 38.24 ? 15  CGU A OE12 1 
HETATM 127  O  OE21 . CGU A 1 15  ? 2.787   18.382  2.597   1.00 32.65 ? 15  CGU A OE21 1 
HETATM 128  O  OE22 . CGU A 1 15  ? 3.223   20.324  1.785   1.00 33.65 ? 15  CGU A OE22 1 
ATOM   129  N  N    . ARG A 1 16  ? 4.233   19.913  -1.804  1.00 31.71 ? 16  ARG A N    1 
ATOM   130  C  CA   . ARG A 1 16  ? 3.892   20.825  -2.853  1.00 31.60 ? 16  ARG A CA   1 
ATOM   131  C  C    . ARG A 1 16  ? 3.366   20.154  -4.116  1.00 32.16 ? 16  ARG A C    1 
ATOM   132  O  O    . ARG A 1 16  ? 2.253   20.527  -4.503  1.00 32.28 ? 16  ARG A O    1 
ATOM   133  C  CB   . ARG A 1 16  ? 5.119   21.651  -3.285  1.00 30.47 ? 16  ARG A CB   1 
ATOM   134  C  CG   . ARG A 1 16  ? 4.760   22.945  -3.996  1.00 30.22 ? 16  ARG A CG   1 
ATOM   135  C  CD   . ARG A 1 16  ? 5.617   23.343  -5.136  1.00 29.41 ? 16  ARG A CD   1 
ATOM   136  N  NE   . ARG A 1 16  ? 7.044   23.282  -4.981  1.00 28.69 ? 16  ARG A NE   1 
ATOM   137  C  CZ   . ARG A 1 16  ? 8.005   23.055  -5.870  1.00 27.64 ? 16  ARG A CZ   1 
ATOM   138  N  NH1  . ARG A 1 16  ? 7.800   22.705  -7.131  1.00 27.21 ? 16  ARG A NH1  1 
ATOM   139  N  NH2  . ARG A 1 16  ? 9.277   23.114  -5.484  1.00 27.81 ? 16  ARG A NH2  1 
HETATM 140  N  N    . CGU A 1 17  ? 3.854   19.164  -4.773  1.00 32.70 ? 17  CGU A N    1 
HETATM 141  C  CA   . CGU A 1 17  ? 3.579   18.555  -6.069  1.00 33.60 ? 17  CGU A CA   1 
HETATM 142  C  C    . CGU A 1 17  ? 2.588   17.409  -6.102  1.00 33.84 ? 17  CGU A C    1 
HETATM 143  O  O    . CGU A 1 17  ? 2.014   17.144  -7.203  1.00 33.68 ? 17  CGU A O    1 
HETATM 144  C  CB   . CGU A 1 17  ? 4.997   18.278  -6.614  1.00 36.01 ? 17  CGU A CB   1 
HETATM 145  C  CG   . CGU A 1 17  ? 5.375   18.598  -8.054  1.00 38.62 ? 17  CGU A CG   1 
HETATM 146  C  CD1  . CGU A 1 17  ? 6.851   18.662  -8.415  1.00 39.42 ? 17  CGU A CD1  1 
HETATM 147  C  CD2  . CGU A 1 17  ? 4.765   19.958  -8.449  1.00 39.57 ? 17  CGU A CD2  1 
HETATM 148  O  OE11 . CGU A 1 17  ? 7.373   19.575  -9.069  1.00 40.06 ? 17  CGU A OE11 1 
HETATM 149  O  OE12 . CGU A 1 17  ? 7.669   17.812  -7.992  1.00 39.77 ? 17  CGU A OE12 1 
HETATM 150  O  OE21 . CGU A 1 17  ? 3.895   20.207  -9.266  1.00 39.80 ? 17  CGU A OE21 1 
HETATM 151  O  OE22 . CGU A 1 17  ? 5.453   20.860  -7.913  1.00 40.72 ? 17  CGU A OE22 1 
ATOM   152  N  N    . CYS A 1 18  ? 2.600   16.704  -4.882  1.00 33.49 ? 18  CYS A N    1 
ATOM   153  C  CA   . CYS A 1 18  ? 1.777   15.506  -4.753  1.00 32.94 ? 18  CYS A CA   1 
ATOM   154  C  C    . CYS A 1 18  ? 0.832   15.432  -3.580  1.00 33.26 ? 18  CYS A C    1 
ATOM   155  O  O    . CYS A 1 18  ? -0.189  14.712  -3.619  1.00 33.87 ? 18  CYS A O    1 
ATOM   156  C  CB   . CYS A 1 18  ? 2.718   14.275  -4.671  1.00 32.12 ? 18  CYS A CB   1 
ATOM   157  S  SG   . CYS A 1 18  ? 3.762   14.002  -6.146  1.00 30.58 ? 18  CYS A SG   1 
ATOM   158  N  N    . LEU A 1 19  ? 1.172   15.982  -2.451  1.00 34.04 ? 19  LEU A N    1 
ATOM   159  C  CA   . LEU A 1 19  ? 0.382   15.992  -1.213  1.00 34.31 ? 19  LEU A CA   1 
ATOM   160  C  C    . LEU A 1 19  ? -0.529  17.227  -1.286  1.00 34.54 ? 19  LEU A C    1 
ATOM   161  O  O    . LEU A 1 19  ? -1.669  17.257  -0.799  1.00 34.70 ? 19  LEU A O    1 
ATOM   162  C  CB   . LEU A 1 19  ? 1.329   16.033  -0.014  1.00 34.74 ? 19  LEU A CB   1 
ATOM   163  C  CG   . LEU A 1 19  ? 2.036   14.761  0.417   1.00 35.31 ? 19  LEU A CG   1 
ATOM   164  C  CD1  . LEU A 1 19  ? 3.451   15.037  0.950   1.00 35.01 ? 19  LEU A CD1  1 
ATOM   165  C  CD2  . LEU A 1 19  ? 1.178   14.154  1.564   1.00 35.24 ? 19  LEU A CD2  1 
HETATM 166  N  N    . CGU A 1 20  ? 0.030   18.241  -1.920  1.00 34.46 ? 20  CGU A N    1 
HETATM 167  C  CA   . CGU A 1 20  ? -0.645  19.532  -2.061  1.00 34.74 ? 20  CGU A CA   1 
HETATM 168  C  C    . CGU A 1 20  ? -1.428  19.644  -3.358  1.00 34.84 ? 20  CGU A C    1 
HETATM 169  O  O    . CGU A 1 20  ? -2.327  20.481  -3.498  1.00 34.78 ? 20  CGU A O    1 
HETATM 170  C  CB   . CGU A 1 20  ? 0.466   20.549  -1.879  1.00 34.93 ? 20  CGU A CB   1 
HETATM 171  C  CG   . CGU A 1 20  ? 0.060   21.973  -1.521  1.00 35.18 ? 20  CGU A CG   1 
HETATM 172  C  CD1  . CGU A 1 20  ? 1.039   22.909  -2.225  1.00 36.08 ? 20  CGU A CD1  1 
HETATM 173  C  CD2  . CGU A 1 20  ? 0.194   22.037  -0.007  1.00 34.67 ? 20  CGU A CD2  1 
HETATM 174  O  OE11 . CGU A 1 20  ? 1.924   23.549  -1.651  1.00 35.67 ? 20  CGU A OE11 1 
HETATM 175  O  OE12 . CGU A 1 20  ? 0.998   22.935  -3.505  1.00 36.60 ? 20  CGU A OE12 1 
HETATM 176  O  OE21 . CGU A 1 20  ? 1.307   22.336  0.440   1.00 34.55 ? 20  CGU A OE21 1 
HETATM 177  O  OE22 . CGU A 1 20  ? -0.729  21.685  0.741   1.00 33.80 ? 20  CGU A OE22 1 
HETATM 178  N  N    . CGU A 1 21  ? -1.085  18.815  -4.313  1.00 34.92 ? 21  CGU A N    1 
HETATM 179  C  CA   . CGU A 1 21  ? -1.733  18.775  -5.626  1.00 35.08 ? 21  CGU A CA   1 
HETATM 180  C  C    . CGU A 1 21  ? -1.717  17.303  -6.011  1.00 34.86 ? 21  CGU A C    1 
HETATM 181  O  O    . CGU A 1 21  ? -0.921  16.555  -5.440  1.00 35.59 ? 21  CGU A O    1 
HETATM 182  C  CB   . CGU A 1 21  ? -0.956  19.594  -6.663  1.00 36.33 ? 21  CGU A CB   1 
HETATM 183  C  CG   . CGU A 1 21  ? -0.701  21.040  -6.286  1.00 37.35 ? 21  CGU A CG   1 
HETATM 184  C  CD1  . CGU A 1 21  ? -1.914  21.852  -6.734  1.00 37.67 ? 21  CGU A CD1  1 
HETATM 185  C  CD2  . CGU A 1 21  ? 0.533   21.695  -6.863  1.00 37.65 ? 21  CGU A CD2  1 
HETATM 186  O  OE11 . CGU A 1 21  ? -2.221  22.838  -6.099  1.00 37.89 ? 21  CGU A OE11 1 
HETATM 187  O  OE12 . CGU A 1 21  ? -2.403  21.380  -7.789  1.00 38.10 ? 21  CGU A OE12 1 
HETATM 188  O  OE21 . CGU A 1 21  ? 0.730   22.910  -6.774  1.00 39.27 ? 21  CGU A OE21 1 
HETATM 189  O  OE22 . CGU A 1 21  ? 1.314   21.013  -7.532  1.00 37.74 ? 21  CGU A OE22 1 
ATOM   190  N  N    . PRO A 1 22  ? -2.545  16.993  -6.969  1.00 34.65 ? 22  PRO A N    1 
ATOM   191  C  CA   . PRO A 1 22  ? -2.600  15.599  -7.452  1.00 33.86 ? 22  PRO A CA   1 
ATOM   192  C  C    . PRO A 1 22  ? -1.292  15.512  -8.242  1.00 33.61 ? 22  PRO A C    1 
ATOM   193  O  O    . PRO A 1 22  ? -0.854  16.622  -8.622  1.00 33.38 ? 22  PRO A O    1 
ATOM   194  C  CB   . PRO A 1 22  ? -3.791  15.615  -8.365  1.00 34.33 ? 22  PRO A CB   1 
ATOM   195  C  CG   . PRO A 1 22  ? -4.296  17.029  -8.501  1.00 34.42 ? 22  PRO A CG   1 
ATOM   196  C  CD   . PRO A 1 22  ? -3.486  17.933  -7.613  1.00 34.56 ? 22  PRO A CD   1 
ATOM   197  N  N    . CYS A 1 23  ? -0.709  14.353  -8.487  1.00 33.24 ? 23  CYS A N    1 
ATOM   198  C  CA   . CYS A 1 23  ? 0.549   14.335  -9.267  1.00 32.60 ? 23  CYS A CA   1 
ATOM   199  C  C    . CYS A 1 23  ? 0.612   13.070  -10.124 1.00 32.67 ? 23  CYS A C    1 
ATOM   200  O  O    . CYS A 1 23  ? -0.117  12.100  -9.902  1.00 32.26 ? 23  CYS A O    1 
ATOM   201  C  CB   . CYS A 1 23  ? 1.760   14.533  -8.376  1.00 31.95 ? 23  CYS A CB   1 
ATOM   202  S  SG   . CYS A 1 23  ? 2.375   13.125  -7.388  1.00 31.76 ? 23  CYS A SG   1 
ATOM   203  N  N    . SER A 1 24  ? 1.442   13.168  -11.147 1.00 32.81 ? 24  SER A N    1 
ATOM   204  C  CA   . SER A 1 24  ? 1.780   12.111  -12.103 1.00 32.73 ? 24  SER A CA   1 
ATOM   205  C  C    . SER A 1 24  ? 2.911   11.357  -11.376 1.00 32.37 ? 24  SER A C    1 
ATOM   206  O  O    . SER A 1 24  ? 3.506   11.926  -10.471 1.00 32.14 ? 24  SER A O    1 
ATOM   207  C  CB   . SER A 1 24  ? 2.267   12.489  -13.480 1.00 32.56 ? 24  SER A CB   1 
ATOM   208  O  OG   . SER A 1 24  ? 3.510   13.159  -13.581 1.00 33.66 ? 24  SER A OG   1 
ATOM   209  N  N    . ARG A 1 25  ? 3.098   10.149  -11.788 1.00 32.86 ? 25  ARG A N    1 
ATOM   210  C  CA   . ARG A 1 25  ? 4.130   9.240   -11.229 1.00 33.12 ? 25  ARG A CA   1 
ATOM   211  C  C    . ARG A 1 25  ? 5.527   9.807   -11.499 1.00 32.94 ? 25  ARG A C    1 
ATOM   212  O  O    . ARG A 1 25  ? 6.513   9.536   -10.793 1.00 32.10 ? 25  ARG A O    1 
ATOM   213  C  CB   . ARG A 1 25  ? 3.811   7.867   -11.822 1.00 33.56 ? 25  ARG A CB   1 
ATOM   214  C  CG   . ARG A 1 25  ? 4.256   6.605   -11.126 1.00 34.99 ? 25  ARG A CG   1 
ATOM   215  C  CD   . ARG A 1 25  ? 5.568   6.110   -11.657 1.00 35.75 ? 25  ARG A CD   1 
ATOM   216  N  NE   . ARG A 1 25  ? 5.888   4.764   -11.200 1.00 36.13 ? 25  ARG A NE   1 
ATOM   217  C  CZ   . ARG A 1 25  ? 7.112   4.277   -10.973 1.00 36.17 ? 25  ARG A CZ   1 
ATOM   218  N  NH1  . ARG A 1 25  ? 8.239   4.987   -11.040 1.00 35.54 ? 25  ARG A NH1  1 
ATOM   219  N  NH2  . ARG A 1 25  ? 7.195   2.996   -10.600 1.00 36.39 ? 25  ARG A NH2  1 
HETATM 220  N  N    . CGU A 1 26  ? 5.593   10.625  -12.544 1.00 33.07 ? 26  CGU A N    1 
HETATM 221  C  CA   . CGU A 1 26  ? 6.771   11.335  -13.046 1.00 33.33 ? 26  CGU A CA   1 
HETATM 222  C  C    . CGU A 1 26  ? 7.084   12.578  -12.196 1.00 33.05 ? 26  CGU A C    1 
HETATM 223  O  O    . CGU A 1 26  ? 8.210   13.097  -12.065 1.00 32.06 ? 26  CGU A O    1 
HETATM 224  C  CB   . CGU A 1 26  ? 6.532   11.633  -14.519 1.00 34.88 ? 26  CGU A CB   1 
HETATM 225  C  CG   . CGU A 1 26  ? 7.672   11.256  -15.457 1.00 36.77 ? 26  CGU A CG   1 
HETATM 226  C  CD1  . CGU A 1 26  ? 8.976   11.111  -14.728 1.00 37.16 ? 26  CGU A CD1  1 
HETATM 227  C  CD2  . CGU A 1 26  ? 7.802   12.385  -16.494 1.00 37.57 ? 26  CGU A CD2  1 
HETATM 228  O  OE11 . CGU A 1 26  ? 9.451   10.068  -14.373 1.00 37.77 ? 26  CGU A OE11 1 
HETATM 229  O  OE12 . CGU A 1 26  ? 9.353   12.288  -14.490 1.00 37.49 ? 26  CGU A OE12 1 
HETATM 230  O  OE21 . CGU A 1 26  ? 8.856   12.896  -16.850 1.00 36.93 ? 26  CGU A OE21 1 
HETATM 231  O  OE22 . CGU A 1 26  ? 6.631   12.685  -16.866 1.00 39.16 ? 26  CGU A OE22 1 
HETATM 232  N  N    . CGU A 1 27  ? 5.998   13.033  -11.573 1.00 32.73 ? 27  CGU A N    1 
HETATM 233  C  CA   . CGU A 1 27  ? 6.158   14.143  -10.643 1.00 32.93 ? 27  CGU A CA   1 
HETATM 234  C  C    . CGU A 1 27  ? 6.710   13.535  -9.363  1.00 33.07 ? 27  CGU A C    1 
HETATM 235  O  O    . CGU A 1 27  ? 7.723   14.089  -8.901  1.00 32.93 ? 27  CGU A O    1 
HETATM 236  C  CB   . CGU A 1 27  ? 4.885   14.929  -10.618 1.00 33.70 ? 27  CGU A CB   1 
HETATM 237  C  CG   . CGU A 1 27  ? 4.462   15.533  -11.956 1.00 35.11 ? 27  CGU A CG   1 
HETATM 238  C  CD1  . CGU A 1 27  ? 5.458   16.481  -12.565 1.00 36.30 ? 27  CGU A CD1  1 
HETATM 239  C  CD2  . CGU A 1 27  ? 3.140   16.254  -11.646 1.00 34.54 ? 27  CGU A CD2  1 
HETATM 240  O  OE11 . CGU A 1 27  ? 6.037   17.434  -12.012 1.00 37.78 ? 27  CGU A OE11 1 
HETATM 241  O  OE12 . CGU A 1 27  ? 5.664   16.275  -13.795 1.00 37.59 ? 27  CGU A OE12 1 
HETATM 242  O  OE21 . CGU A 1 27  ? 2.012   15.896  -11.870 1.00 33.76 ? 27  CGU A OE21 1 
HETATM 243  O  OE22 . CGU A 1 27  ? 3.478   17.300  -11.041 1.00 35.89 ? 27  CGU A OE22 1 
ATOM   244  N  N    . ALA A 1 28  ? 6.141   12.457  -8.848  1.00 33.02 ? 28  ALA A N    1 
ATOM   245  C  CA   . ALA A 1 28  ? 6.644   11.829  -7.611  1.00 33.29 ? 28  ALA A CA   1 
ATOM   246  C  C    . ALA A 1 28  ? 8.142   11.464  -7.742  1.00 33.64 ? 28  ALA A C    1 
ATOM   247  O  O    . ALA A 1 28  ? 9.040   11.740  -6.916  1.00 33.59 ? 28  ALA A O    1 
ATOM   248  C  CB   . ALA A 1 28  ? 5.897   10.554  -7.225  1.00 32.55 ? 28  ALA A CB   1 
ATOM   249  N  N    . PHE A 1 29  ? 8.333   10.840  -8.886  1.00 33.63 ? 29  PHE A N    1 
ATOM   250  C  CA   . PHE A 1 29  ? 9.583   10.301  -9.368  1.00 33.86 ? 29  PHE A CA   1 
ATOM   251  C  C    . PHE A 1 29  ? 10.736  11.294  -9.408  1.00 33.33 ? 29  PHE A C    1 
ATOM   252  O  O    . PHE A 1 29  ? 11.854  10.795  -9.272  1.00 33.07 ? 29  PHE A O    1 
ATOM   253  C  CB   . PHE A 1 29  ? 9.411   9.593   -10.722 1.00 35.59 ? 29  PHE A CB   1 
ATOM   254  C  CG   . PHE A 1 29  ? 10.738  8.927   -11.025 1.00 37.07 ? 29  PHE A CG   1 
ATOM   255  C  CD1  . PHE A 1 29  ? 11.028  7.728   -10.368 1.00 37.19 ? 29  PHE A CD1  1 
ATOM   256  C  CD2  . PHE A 1 29  ? 11.662  9.584   -11.860 1.00 37.35 ? 29  PHE A CD2  1 
ATOM   257  C  CE1  . PHE A 1 29  ? 12.264  7.106   -10.597 1.00 37.44 ? 29  PHE A CE1  1 
ATOM   258  C  CE2  . PHE A 1 29  ? 12.892  8.974   -12.094 1.00 37.54 ? 29  PHE A CE2  1 
ATOM   259  C  CZ   . PHE A 1 29  ? 13.182  7.760   -11.448 1.00 37.54 ? 29  PHE A CZ   1 
HETATM 260  N  N    . CGU A 1 30  ? 10.420  12.522  -9.678  1.00 33.35 ? 30  CGU A N    1 
HETATM 261  C  CA   . CGU A 1 30  ? 11.287  13.683  -9.759  1.00 33.28 ? 30  CGU A CA   1 
HETATM 262  C  C    . CGU A 1 30  ? 11.435  14.263  -8.362  1.00 33.65 ? 30  CGU A C    1 
HETATM 263  O  O    . CGU A 1 30  ? 12.469  14.813  -7.986  1.00 34.13 ? 30  CGU A O    1 
HETATM 264  C  CB   . CGU A 1 30  ? 10.715  14.693  -10.747 1.00 33.48 ? 30  CGU A CB   1 
HETATM 265  C  CG   . CGU A 1 30  ? 10.660  14.293  -12.204 1.00 34.40 ? 30  CGU A CG   1 
HETATM 266  C  CD1  . CGU A 1 30  ? 12.031  14.468  -12.857 1.00 34.03 ? 30  CGU A CD1  1 
HETATM 267  C  CD2  . CGU A 1 30  ? 9.751   15.126  -13.097 1.00 34.95 ? 30  CGU A CD2  1 
HETATM 268  O  OE11 . CGU A 1 30  ? 12.227  14.154  -14.006 1.00 34.21 ? 30  CGU A OE11 1 
HETATM 269  O  OE12 . CGU A 1 30  ? 12.821  15.028  -12.082 1.00 33.47 ? 30  CGU A OE12 1 
HETATM 270  O  OE21 . CGU A 1 30  ? 9.795   15.015  -14.316 1.00 36.38 ? 30  CGU A OE21 1 
HETATM 271  O  OE22 . CGU A 1 30  ? 9.138   16.068  -12.578 1.00 36.96 ? 30  CGU A OE22 1 
ATOM   272  N  N    . ALA A 1 31  ? 10.414  14.082  -7.552  1.00 34.23 ? 31  ALA A N    1 
ATOM   273  C  CA   . ALA A 1 31  ? 10.399  14.596  -6.184  1.00 34.79 ? 31  ALA A CA   1 
ATOM   274  C  C    . ALA A 1 31  ? 11.027  13.554  -5.268  1.00 35.49 ? 31  ALA A C    1 
ATOM   275  O  O    . ALA A 1 31  ? 11.664  14.026  -4.297  1.00 35.81 ? 31  ALA A O    1 
ATOM   276  C  CB   . ALA A 1 31  ? 9.029   15.046  -5.701  1.00 34.55 ? 31  ALA A CB   1 
ATOM   277  N  N    . LEU A 1 32  ? 10.873  12.281  -5.615  1.00 36.20 ? 32  LEU A N    1 
ATOM   278  C  CA   . LEU A 1 32  ? 11.436  11.229  -4.756  1.00 36.79 ? 32  LEU A CA   1 
ATOM   279  C  C    . LEU A 1 32  ? 12.840  10.747  -5.025  1.00 37.19 ? 32  LEU A C    1 
ATOM   280  O  O    . LEU A 1 32  ? 13.423  10.210  -4.063  1.00 37.54 ? 32  LEU A O    1 
ATOM   281  C  CB   . LEU A 1 32  ? 10.467  10.034  -4.717  1.00 37.00 ? 32  LEU A CB   1 
ATOM   282  C  CG   . LEU A 1 32  ? 9.532   10.065  -3.508  1.00 36.80 ? 32  LEU A CG   1 
ATOM   283  C  CD1  . LEU A 1 32  ? 10.129  10.998  -2.441  1.00 36.56 ? 32  LEU A CD1  1 
ATOM   284  C  CD2  . LEU A 1 32  ? 8.174   10.541  -4.018  1.00 36.85 ? 32  LEU A CD2  1 
HETATM 285  N  N    . CGU A 1 33  ? 13.365  10.797  -6.224  1.00 37.94 ? 33  CGU A N    1 
HETATM 286  C  CA   . CGU A 1 33  ? 14.755  10.310  -6.455  1.00 38.69 ? 33  CGU A CA   1 
HETATM 287  C  C    . CGU A 1 33  ? 14.729  8.801   -6.714  1.00 39.06 ? 33  CGU A C    1 
HETATM 288  O  O    . CGU A 1 33  ? 14.311  8.409   -7.829  1.00 39.53 ? 33  CGU A O    1 
ATOM   289  N  N    . SER A 1 34  ? 15.122  8.017   -5.724  1.00 38.95 ? 34  SER A N    1 
ATOM   290  C  CA   . SER A 1 34  ? 15.145  6.548   -5.831  1.00 38.68 ? 34  SER A CA   1 
ATOM   291  C  C    . SER A 1 34  ? 13.800  6.047   -6.360  1.00 38.38 ? 34  SER A C    1 
ATOM   292  O  O    . SER A 1 34  ? 12.782  6.655   -5.975  1.00 38.14 ? 34  SER A O    1 
ATOM   293  C  CB   . SER A 1 34  ? 15.408  5.786   -4.547  1.00 39.15 ? 34  SER A CB   1 
ATOM   294  O  OG   . SER A 1 34  ? 14.301  5.436   -3.755  1.00 38.67 ? 34  SER A OG   1 
ATOM   295  N  N    . LEU A 1 35  ? 13.905  4.969   -7.118  1.00 38.03 ? 35  LEU A N    1 
ATOM   296  C  CA   . LEU A 1 35  ? 12.676  4.410   -7.705  1.00 38.28 ? 35  LEU A CA   1 
ATOM   297  C  C    . LEU A 1 35  ? 11.951  3.435   -6.781  1.00 37.77 ? 35  LEU A C    1 
ATOM   298  O  O    . LEU A 1 35  ? 10.695  3.399   -6.726  1.00 37.89 ? 35  LEU A O    1 
ATOM   299  C  CB   . LEU A 1 35  ? 13.004  3.882   -9.099  1.00 39.07 ? 35  LEU A CB   1 
ATOM   300  C  CG   . LEU A 1 35  ? 12.166  2.666   -9.491  1.00 40.22 ? 35  LEU A CG   1 
ATOM   301  C  CD1  . LEU A 1 35  ? 10.702  3.048   -9.781  1.00 40.29 ? 35  LEU A CD1  1 
ATOM   302  C  CD2  . LEU A 1 35  ? 12.842  2.035   -10.718 1.00 40.79 ? 35  LEU A CD2  1 
ATOM   303  N  N    . SER A 1 36  ? 12.716  2.656   -6.046  1.00 37.14 ? 36  SER A N    1 
ATOM   304  C  CA   . SER A 1 36  ? 12.065  1.747   -5.086  1.00 36.65 ? 36  SER A CA   1 
ATOM   305  C  C    . SER A 1 36  ? 11.174  2.614   -4.181  1.00 35.91 ? 36  SER A C    1 
ATOM   306  O  O    . SER A 1 36  ? 10.114  2.219   -3.693  1.00 35.95 ? 36  SER A O    1 
ATOM   307  C  CB   . SER A 1 36  ? 13.096  1.012   -4.244  1.00 37.34 ? 36  SER A CB   1 
ATOM   308  O  OG   . SER A 1 36  ? 13.205  1.774   -3.035  1.00 38.11 ? 36  SER A OG   1 
ATOM   309  N  N    . ALA A 1 37  ? 11.618  3.817   -3.918  1.00 35.24 ? 37  ALA A N    1 
ATOM   310  C  CA   . ALA A 1 37  ? 10.955  4.804   -3.083  1.00 34.82 ? 37  ALA A CA   1 
ATOM   311  C  C    . ALA A 1 37  ? 9.674   5.318   -3.747  1.00 34.88 ? 37  ALA A C    1 
ATOM   312  O  O    . ALA A 1 37  ? 8.701   5.649   -3.051  1.00 34.10 ? 37  ALA A O    1 
ATOM   313  C  CB   . ALA A 1 37  ? 11.872  5.979   -2.787  1.00 34.62 ? 37  ALA A CB   1 
ATOM   314  N  N    . THR A 1 38  ? 9.774   5.398   -5.067  1.00 35.14 ? 38  THR A N    1 
ATOM   315  C  CA   . THR A 1 38  ? 8.709   5.840   -5.992  1.00 34.72 ? 38  THR A CA   1 
ATOM   316  C  C    . THR A 1 38  ? 7.726   4.680   -6.180  1.00 34.39 ? 38  THR A C    1 
ATOM   317  O  O    . THR A 1 38  ? 6.528   5.016   -6.285  1.00 35.21 ? 38  THR A O    1 
ATOM   318  C  CB   . THR A 1 38  ? 9.180   6.428   -7.371  1.00 34.46 ? 38  THR A CB   1 
ATOM   319  O  OG1  . THR A 1 38  ? 9.956   7.623   -7.068  1.00 35.15 ? 38  THR A OG1  1 
ATOM   320  C  CG2  . THR A 1 38  ? 8.136   6.878   -8.389  1.00 34.02 ? 38  THR A CG2  1 
ATOM   321  N  N    . ASP A 1 39  ? 8.137   3.442   -6.124  1.00 33.71 ? 39  ASP A N    1 
ATOM   322  C  CA   . ASP A 1 39  ? 7.149   2.349   -6.212  1.00 33.80 ? 39  ASP A CA   1 
ATOM   323  C  C    . ASP A 1 39  ? 6.284   2.272   -4.933  1.00 33.26 ? 39  ASP A C    1 
ATOM   324  O  O    . ASP A 1 39  ? 5.043   2.106   -4.999  1.00 33.41 ? 39  ASP A O    1 
ATOM   325  C  CB   . ASP A 1 39  ? 7.762   0.982   -6.460  1.00 34.53 ? 39  ASP A CB   1 
ATOM   326  C  CG   . ASP A 1 39  ? 8.422   0.836   -7.816  1.00 35.24 ? 39  ASP A CG   1 
ATOM   327  O  OD1  . ASP A 1 39  ? 7.960   1.476   -8.778  1.00 34.91 ? 39  ASP A OD1  1 
ATOM   328  O  OD2  . ASP A 1 39  ? 9.369   0.025   -7.857  1.00 36.04 ? 39  ASP A OD2  1 
ATOM   329  N  N    . ALA A 1 40  ? 6.960   2.307   -3.802  1.00 32.38 ? 40  ALA A N    1 
ATOM   330  C  CA   . ALA A 1 40  ? 6.256   2.258   -2.517  1.00 32.10 ? 40  ALA A CA   1 
ATOM   331  C  C    . ALA A 1 40  ? 5.220   3.399   -2.460  1.00 32.03 ? 40  ALA A C    1 
ATOM   332  O  O    . ALA A 1 40  ? 4.041   3.070   -2.163  1.00 31.64 ? 40  ALA A O    1 
ATOM   333  C  CB   . ALA A 1 40  ? 7.250   2.316   -1.369  1.00 31.66 ? 40  ALA A CB   1 
ATOM   334  N  N    . PHE A 1 41  ? 5.694   4.613   -2.738  1.00 31.65 ? 41  PHE A N    1 
ATOM   335  C  CA   . PHE A 1 41  ? 4.915   5.849   -2.749  1.00 31.07 ? 41  PHE A CA   1 
ATOM   336  C  C    . PHE A 1 41  ? 3.664   5.646   -3.604  1.00 31.06 ? 41  PHE A C    1 
ATOM   337  O  O    . PHE A 1 41  ? 2.592   5.564   -2.989  1.00 31.05 ? 41  PHE A O    1 
ATOM   338  C  CB   . PHE A 1 41  ? 5.580   7.134   -3.227  1.00 31.43 ? 41  PHE A CB   1 
ATOM   339  C  CG   . PHE A 1 41  ? 4.758   8.405   -3.161  1.00 31.19 ? 41  PHE A CG   1 
ATOM   340  C  CD1  . PHE A 1 41  ? 4.512   9.021   -1.925  1.00 31.02 ? 41  PHE A CD1  1 
ATOM   341  C  CD2  . PHE A 1 41  ? 4.217   8.970   -4.316  1.00 30.70 ? 41  PHE A CD2  1 
ATOM   342  C  CE1  . PHE A 1 41  ? 3.716   10.154  -1.861  1.00 31.33 ? 41  PHE A CE1  1 
ATOM   343  C  CE2  . PHE A 1 41  ? 3.415   10.107  -4.289  1.00 30.48 ? 41  PHE A CE2  1 
ATOM   344  C  CZ   . PHE A 1 41  ? 3.181   10.721  -3.042  1.00 31.19 ? 41  PHE A CZ   1 
ATOM   345  N  N    . TRP A 1 42  ? 3.900   5.639   -4.899  1.00 30.78 ? 42  TRP A N    1 
ATOM   346  C  CA   . TRP A 1 42  ? 2.782   5.425   -5.826  1.00 30.74 ? 42  TRP A CA   1 
ATOM   347  C  C    . TRP A 1 42  ? 1.731   4.494   -5.211  1.00 30.80 ? 42  TRP A C    1 
ATOM   348  O  O    . TRP A 1 42  ? 0.570   4.898   -5.018  1.00 31.24 ? 42  TRP A O    1 
ATOM   349  C  CB   . TRP A 1 42  ? 3.264   4.822   -7.130  1.00 30.98 ? 42  TRP A CB   1 
ATOM   350  C  CG   . TRP A 1 42  ? 2.310   5.169   -8.226  1.00 31.29 ? 42  TRP A CG   1 
ATOM   351  C  CD1  . TRP A 1 42  ? 1.706   4.372   -9.150  1.00 31.56 ? 42  TRP A CD1  1 
ATOM   352  C  CD2  . TRP A 1 42  ? 1.889   6.505   -8.516  1.00 31.66 ? 42  TRP A CD2  1 
ATOM   353  N  NE1  . TRP A 1 42  ? 0.935   5.127   -10.013 1.00 31.78 ? 42  TRP A NE1  1 
ATOM   354  C  CE2  . TRP A 1 42  ? 1.019   6.438   -9.624  1.00 31.71 ? 42  TRP A CE2  1 
ATOM   355  C  CE3  . TRP A 1 42  ? 2.141   7.731   -7.930  1.00 31.97 ? 42  TRP A CE3  1 
ATOM   356  C  CZ2  . TRP A 1 42  ? 0.419   7.567   -10.170 1.00 31.28 ? 42  TRP A CZ2  1 
ATOM   357  C  CZ3  . TRP A 1 42  ? 1.536   8.841   -8.459  1.00 31.29 ? 42  TRP A CZ3  1 
ATOM   358  C  CH2  . TRP A 1 42  ? 0.693   8.757   -9.554  1.00 31.21 ? 42  TRP A CH2  1 
ATOM   359  N  N    . ALA A 1 43  ? 2.131   3.270   -4.900  1.00 30.77 ? 43  ALA A N    1 
ATOM   360  C  CA   . ALA A 1 43  ? 1.239   2.270   -4.299  1.00 29.97 ? 43  ALA A CA   1 
ATOM   361  C  C    . ALA A 1 43  ? 0.420   2.880   -3.181  1.00 29.96 ? 43  ALA A C    1 
ATOM   362  O  O    . ALA A 1 43  ? -0.798  2.670   -3.154  1.00 30.22 ? 43  ALA A O    1 
ATOM   363  C  CB   . ALA A 1 43  ? 2.001   1.056   -3.832  1.00 29.31 ? 43  ALA A CB   1 
ATOM   364  N  N    . LYS A 1 44  ? 1.001   3.571   -2.238  1.00 30.19 ? 44  LYS A N    1 
ATOM   365  C  CA   . LYS A 1 44  ? 0.265   4.213   -1.137  1.00 30.52 ? 44  LYS A CA   1 
ATOM   366  C  C    . LYS A 1 44  ? -0.691  5.309   -1.625  1.00 31.00 ? 44  LYS A C    1 
ATOM   367  O  O    . LYS A 1 44  ? -1.792  5.449   -1.113  1.00 30.42 ? 44  LYS A O    1 
ATOM   368  C  CB   . LYS A 1 44  ? 1.281   4.873   -0.197  1.00 30.41 ? 44  LYS A CB   1 
ATOM   369  C  CG   . LYS A 1 44  ? 2.346   3.875   0.268   1.00 30.63 ? 44  LYS A CG   1 
ATOM   370  C  CD   . LYS A 1 44  ? 3.224   4.613   1.288   1.00 30.63 ? 44  LYS A CD   1 
ATOM   371  C  CE   . LYS A 1 44  ? 2.554   4.703   2.649   1.00 30.84 ? 44  LYS A CE   1 
ATOM   372  N  NZ   . LYS A 1 44  ? 3.484   5.504   3.535   1.00 31.75 ? 44  LYS A NZ   1 
ATOM   373  N  N    . TYR A 1 45  ? -0.265  6.094   -2.586  1.00 31.69 ? 45  TYR A N    1 
ATOM   374  C  CA   . TYR A 1 45  ? -0.892  7.189   -3.291  1.00 32.51 ? 45  TYR A CA   1 
ATOM   375  C  C    . TYR A 1 45  ? -2.186  6.786   -4.008  1.00 33.48 ? 45  TYR A C    1 
ATOM   376  O  O    . TYR A 1 45  ? -3.336  7.214   -3.758  1.00 33.03 ? 45  TYR A O    1 
ATOM   377  C  CB   . TYR A 1 45  ? 0.126   7.662   -4.346  1.00 32.37 ? 45  TYR A CB   1 
ATOM   378  C  CG   . TYR A 1 45  ? -0.257  9.024   -4.845  1.00 32.94 ? 45  TYR A CG   1 
ATOM   379  C  CD1  . TYR A 1 45  ? -0.599  9.985   -3.868  1.00 33.69 ? 45  TYR A CD1  1 
ATOM   380  C  CD2  . TYR A 1 45  ? -0.244  9.384   -6.179  1.00 32.81 ? 45  TYR A CD2  1 
ATOM   381  C  CE1  . TYR A 1 45  ? -0.894  11.305  -4.225  1.00 33.88 ? 45  TYR A CE1  1 
ATOM   382  C  CE2  . TYR A 1 45  ? -0.601  10.679  -6.570  1.00 33.70 ? 45  TYR A CE2  1 
ATOM   383  C  CZ   . TYR A 1 45  ? -0.898  11.627  -5.586  1.00 34.24 ? 45  TYR A CZ   1 
ATOM   384  O  OH   . TYR A 1 45  ? -1.202  12.905  -5.980  1.00 35.25 ? 45  TYR A OH   1 
ATOM   385  N  N    . THR A 1 46  ? -1.951  5.852   -4.920  1.00 34.32 ? 46  THR A N    1 
ATOM   386  C  CA   . THR A 1 46  ? -2.962  5.194   -5.745  1.00 35.24 ? 46  THR A CA   1 
ATOM   387  C  C    . THR A 1 46  ? -4.014  4.485   -4.915  1.00 36.14 ? 46  THR A C    1 
ATOM   388  O  O    . THR A 1 46  ? -5.171  4.303   -5.349  1.00 36.57 ? 46  THR A O    1 
ATOM   389  C  CB   . THR A 1 46  ? -2.077  4.306   -6.710  1.00 35.16 ? 46  THR A CB   1 
ATOM   390  O  OG1  . THR A 1 46  ? -1.002  3.842   -5.826  1.00 35.61 ? 46  THR A OG1  1 
ATOM   391  C  CG2  . THR A 1 46  ? -1.405  5.016   -7.882  1.00 35.18 ? 46  THR A CG2  1 
ATOM   392  N  N    . ALA A 1 47  ? -3.735  4.041   -3.703  1.00 37.27 ? 47  ALA A N    1 
ATOM   393  C  CA   . ALA A 1 47  ? -4.709  3.385   -2.815  1.00 38.77 ? 47  ALA A CA   1 
ATOM   394  C  C    . ALA A 1 47  ? -5.362  4.458   -1.911  1.00 40.13 ? 47  ALA A C    1 
ATOM   395  O  O    . ALA A 1 47  ? -6.281  4.100   -1.124  1.00 40.43 ? 47  ALA A O    1 
ATOM   396  C  CB   . ALA A 1 47  ? -4.174  2.275   -1.915  1.00 38.07 ? 47  ALA A CB   1 
ATOM   397  N  N    . CYS A 1 48  ? -4.904  5.704   -2.096  1.00 41.08 ? 48  CYS A N    1 
ATOM   398  C  CA   . CYS A 1 48  ? -5.449  6.784   -1.283  1.00 42.34 ? 48  CYS A CA   1 
ATOM   399  C  C    . CYS A 1 48  ? -6.121  7.914   -2.110  1.00 43.89 ? 48  CYS A C    1 
ATOM   400  O  O    . CYS A 1 48  ? -6.417  8.969   -1.496  1.00 43.98 ? 48  CYS A O    1 
ATOM   401  C  CB   . CYS A 1 48  ? -4.466  7.426   -0.301  1.00 40.44 ? 48  CYS A CB   1 
ATOM   402  S  SG   . CYS A 1 48  ? -3.873  6.253   1.017   1.00 38.70 ? 48  CYS A SG   1 
ATOM   403  N  N    . GLU A 1 49  ? -6.338  7.700   -3.396  1.00 45.48 ? 49  GLU A N    1 
ATOM   404  C  CA   . GLU A 1 49  ? -7.000  8.720   -4.217  1.00 47.64 ? 49  GLU A CA   1 
ATOM   405  C  C    . GLU A 1 49  ? -8.475  8.890   -3.817  1.00 48.42 ? 49  GLU A C    1 
ATOM   406  O  O    . GLU A 1 49  ? -9.195  9.851   -4.164  1.00 48.52 ? 49  GLU A O    1 
ATOM   407  C  CB   . GLU A 1 49  ? -6.991  8.394   -5.697  1.00 49.00 ? 49  GLU A CB   1 
ATOM   408  C  CG   . GLU A 1 49  ? -8.102  7.523   -6.250  1.00 51.35 ? 49  GLU A CG   1 
ATOM   409  C  CD   . GLU A 1 49  ? -8.414  7.729   -7.711  1.00 52.78 ? 49  GLU A CD   1 
ATOM   410  O  OE1  . GLU A 1 49  ? -7.556  8.448   -8.266  1.00 52.68 ? 49  GLU A OE1  1 
ATOM   411  O  OE2  . GLU A 1 49  ? -9.390  7.272   -8.317  1.00 54.36 ? 49  GLU A OE2  1 
ATOM   412  N  N    . SER A 1 50  ? -8.973  7.911   -3.074  1.00 49.01 ? 50  SER A N    1 
ATOM   413  C  CA   . SER A 1 50  ? -10.369 7.977   -2.628  1.00 49.42 ? 50  SER A CA   1 
ATOM   414  C  C    . SER A 1 50  ? -10.371 8.762   -1.321  1.00 49.57 ? 50  SER A C    1 
ATOM   415  O  O    . SER A 1 50  ? -11.483 8.977   -0.796  1.00 50.17 ? 50  SER A O    1 
ATOM   416  C  CB   . SER A 1 50  ? -11.056 6.630   -2.559  1.00 50.12 ? 50  SER A CB   1 
ATOM   417  O  OG   . SER A 1 50  ? -10.669 5.727   -1.531  1.00 50.31 ? 50  SER A OG   1 
ATOM   418  N  N    . ALA A 1 51  ? -9.228  9.177   -0.808  1.00 49.30 ? 51  ALA A N    1 
ATOM   419  C  CA   . ALA A 1 51  ? -9.307  9.920   0.475   1.00 49.37 ? 51  ALA A CA   1 
ATOM   420  C  C    . ALA A 1 51  ? -8.330  11.088  0.521   1.00 49.62 ? 51  ALA A C    1 
ATOM   421  O  O    . ALA A 1 51  ? -7.828  11.452  1.598   1.00 49.49 ? 51  ALA A O    1 
ATOM   422  C  CB   . ALA A 1 51  ? -9.237  8.973   1.664   1.00 48.85 ? 51  ALA A CB   1 
ATOM   423  N  N    . ARG A 1 52  ? -8.186  11.695  -0.644  1.00 50.15 ? 52  ARG A N    1 
ATOM   424  C  CA   . ARG A 1 52  ? -7.339  12.861  -0.919  1.00 50.60 ? 52  ARG A CA   1 
ATOM   425  C  C    . ARG A 1 52  ? -7.853  14.142  -0.255  1.00 50.93 ? 52  ARG A C    1 
ATOM   426  O  O    . ARG A 1 52  ? -7.086  15.111  -0.122  1.00 50.80 ? 52  ARG A O    1 
ATOM   427  C  CB   . ARG A 1 52  ? -7.205  13.107  -2.432  1.00 50.47 ? 52  ARG A CB   1 
ATOM   428  C  CG   . ARG A 1 52  ? -6.563  11.948  -3.173  1.00 50.76 ? 52  ARG A CG   1 
ATOM   429  C  CD   . ARG A 1 52  ? -6.228  12.255  -4.577  1.00 51.76 ? 52  ARG A CD   1 
ATOM   430  N  NE   . ARG A 1 52  ? -5.490  13.456  -4.856  1.00 52.54 ? 52  ARG A NE   1 
ATOM   431  C  CZ   . ARG A 1 52  ? -4.622  14.246  -4.254  1.00 53.04 ? 52  ARG A CZ   1 
ATOM   432  N  NH1  . ARG A 1 52  ? -4.195  14.184  -2.985  1.00 53.13 ? 52  ARG A NH1  1 
ATOM   433  N  NH2  . ARG A 1 52  ? -4.130  15.295  -4.933  1.00 53.85 ? 52  ARG A NH2  1 
ATOM   434  N  N    . ASN A 1 53  ? -9.120  14.122  0.144   1.00 51.41 ? 53  ASN A N    1 
ATOM   435  C  CA   . ASN A 1 53  ? -9.789  15.250  0.821   1.00 51.72 ? 53  ASN A CA   1 
ATOM   436  C  C    . ASN A 1 53  ? -10.819 14.811  1.876   1.00 51.72 ? 53  ASN A C    1 
ATOM   437  O  O    . ASN A 1 53  ? -11.718 13.979  1.620   1.00 52.03 ? 53  ASN A O    1 
ATOM   438  C  CB   . ASN A 1 53  ? -10.410 16.229  -0.177  1.00 51.98 ? 53  ASN A CB   1 
ATOM   439  C  CG   . ASN A 1 53  ? -10.879 15.585  -1.472  1.00 51.98 ? 53  ASN A CG   1 
ATOM   440  O  OD1  . ASN A 1 53  ? -11.538 14.536  -1.481  1.00 52.02 ? 53  ASN A OD1  1 
ATOM   441  N  ND2  . ASN A 1 53  ? -10.480 16.224  -2.580  1.00 52.26 ? 53  ASN A ND2  1 
ATOM   442  N  N    . PRO A 1 54  ? -10.713 15.397  3.062   1.00 51.66 ? 54  PRO A N    1 
ATOM   443  C  CA   . PRO A 1 54  ? -9.723  16.390  3.467   1.00 51.72 ? 54  PRO A CA   1 
ATOM   444  C  C    . PRO A 1 54  ? -8.289  15.884  3.337   1.00 51.78 ? 54  PRO A C    1 
ATOM   445  O  O    . PRO A 1 54  ? -8.088  14.678  3.100   1.00 51.66 ? 54  PRO A O    1 
ATOM   446  C  CB   . PRO A 1 54  ? -10.025 16.715  4.935   1.00 51.68 ? 54  PRO A CB   1 
ATOM   447  C  CG   . PRO A 1 54  ? -11.245 15.937  5.314   1.00 51.71 ? 54  PRO A CG   1 
ATOM   448  C  CD   . PRO A 1 54  ? -11.666 15.080  4.136   1.00 51.60 ? 54  PRO A CD   1 
ATOM   449  N  N    . ARG A 1 55  ? -7.364  16.828  3.498   1.00 51.62 ? 55  ARG A N    1 
ATOM   450  C  CA   . ARG A 1 55  ? -5.915  16.615  3.481   1.00 51.08 ? 55  ARG A CA   1 
ATOM   451  C  C    . ARG A 1 55  ? -5.420  16.166  4.868   1.00 51.28 ? 55  ARG A C    1 
ATOM   452  O  O    . ARG A 1 55  ? -4.229  16.205  5.253   1.00 51.45 ? 55  ARG A O    1 
ATOM   453  C  CB   . ARG A 1 55  ? -5.139  17.880  3.102   1.00 50.62 ? 55  ARG A CB   1 
ATOM   454  C  CG   . ARG A 1 55  ? -3.667  17.869  3.535   1.00 50.17 ? 55  ARG A CG   1 
ATOM   455  C  CD   . ARG A 1 55  ? -2.925  16.686  3.007   1.00 49.22 ? 55  ARG A CD   1 
ATOM   456  N  NE   . ARG A 1 55  ? -1.494  16.693  3.241   1.00 48.45 ? 55  ARG A NE   1 
ATOM   457  C  CZ   . ARG A 1 55  ? -0.574  17.412  2.624   1.00 47.72 ? 55  ARG A CZ   1 
ATOM   458  N  NH1  . ARG A 1 55  ? -0.883  18.262  1.659   1.00 47.70 ? 55  ARG A NH1  1 
ATOM   459  N  NH2  . ARG A 1 55  ? 0.713   17.339  2.943   1.00 48.06 ? 55  ARG A NH2  1 
ATOM   460  N  N    . GLU A 1 56  ? -6.408  15.749  5.638   1.00 51.13 ? 56  GLU A N    1 
ATOM   461  C  CA   . GLU A 1 56  ? -6.163  15.292  7.025   1.00 51.23 ? 56  GLU A CA   1 
ATOM   462  C  C    . GLU A 1 56  ? -6.480  13.807  7.086   1.00 50.63 ? 56  GLU A C    1 
ATOM   463  O  O    . GLU A 1 56  ? -5.927  13.016  7.870   1.00 50.65 ? 56  GLU A O    1 
ATOM   464  C  CB   . GLU A 1 56  ? -6.956  16.220  7.926   1.00 52.60 ? 56  GLU A CB   1 
ATOM   465  C  CG   . GLU A 1 56  ? -7.717  15.699  9.136   1.00 53.84 ? 56  GLU A CG   1 
ATOM   466  C  CD   . GLU A 1 56  ? -6.890  14.822  10.045  1.00 54.68 ? 56  GLU A CD   1 
ATOM   467  O  OE1  . GLU A 1 56  ? -6.145  15.529  10.789  1.00 55.14 ? 56  GLU A OE1  1 
ATOM   468  O  OE2  . GLU A 1 56  ? -6.986  13.600  9.990   1.00 54.95 ? 56  GLU A OE2  1 
ATOM   469  N  N    . LYS A 1 57  ? -7.323  13.428  6.150   1.00 49.80 ? 57  LYS A N    1 
ATOM   470  C  CA   . LYS A 1 57  ? -7.815  12.071  5.889   1.00 49.07 ? 57  LYS A CA   1 
ATOM   471  C  C    . LYS A 1 57  ? -6.806  11.328  5.000   1.00 48.23 ? 57  LYS A C    1 
ATOM   472  O  O    . LYS A 1 57  ? -6.661  10.101  5.009   1.00 47.32 ? 57  LYS A O    1 
ATOM   473  C  CB   . LYS A 1 57  ? -9.219  12.141  5.314   1.00 49.73 ? 57  LYS A CB   1 
ATOM   474  C  CG   . LYS A 1 57  ? -9.668  11.198  4.208   1.00 51.01 ? 57  LYS A CG   1 
ATOM   475  C  CD   . LYS A 1 57  ? -11.096 10.626  4.476   1.00 51.95 ? 57  LYS A CD   1 
ATOM   476  C  CE   . LYS A 1 57  ? -11.716 9.962   3.268   1.00 53.16 ? 57  LYS A CE   1 
ATOM   477  N  NZ   . LYS A 1 57  ? -12.716 8.866   3.549   1.00 53.19 ? 57  LYS A NZ   1 
ATOM   478  N  N    . LEU A 1 58  ? -6.092  12.120  4.219   1.00 47.50 ? 58  LEU A N    1 
ATOM   479  C  CA   . LEU A 1 58  ? -5.045  11.675  3.290   1.00 46.74 ? 58  LEU A CA   1 
ATOM   480  C  C    . LEU A 1 58  ? -3.819  11.338  4.153   1.00 46.50 ? 58  LEU A C    1 
ATOM   481  O  O    . LEU A 1 58  ? -3.067  10.367  3.920   1.00 45.86 ? 58  LEU A O    1 
ATOM   482  C  CB   . LEU A 1 58  ? -4.815  12.761  2.227   1.00 46.19 ? 58  LEU A CB   1 
ATOM   483  C  CG   . LEU A 1 58  ? -3.978  12.458  0.963   1.00 46.10 ? 58  LEU A CG   1 
ATOM   484  C  CD1  . LEU A 1 58  ? -4.608  11.296  0.140   1.00 45.68 ? 58  LEU A CD1  1 
ATOM   485  C  CD2  . LEU A 1 58  ? -3.841  13.683  0.043   1.00 45.20 ? 58  LEU A CD2  1 
ATOM   486  N  N    . ASN A 1 59  ? -3.669  12.174  5.195   1.00 46.32 ? 59  ASN A N    1 
ATOM   487  C  CA   . ASN A 1 59  ? -2.470  11.908  6.060   1.00 45.99 ? 59  ASN A CA   1 
ATOM   488  C  C    . ASN A 1 59  ? -2.766  10.601  6.776   1.00 46.28 ? 59  ASN A C    1 
ATOM   489  O  O    . ASN A 1 59  ? -1.862  9.764   6.857   1.00 46.76 ? 59  ASN A O    1 
ATOM   490  C  CB   . ASN A 1 59  ? -2.065  13.166  6.777   1.00 45.73 ? 59  ASN A CB   1 
ATOM   491  C  CG   . ASN A 1 59  ? -1.304  14.166  5.908   1.00 46.30 ? 59  ASN A CG   1 
ATOM   492  O  OD1  . ASN A 1 59  ? -0.361  14.861  6.377   1.00 46.46 ? 59  ASN A OD1  1 
ATOM   493  N  ND2  . ASN A 1 59  ? -1.644  14.311  4.612   1.00 45.89 ? 59  ASN A ND2  1 
ATOM   494  N  N    . GLU A 1 60  ? -4.010  10.342  7.171   1.00 46.42 ? 60  GLU A N    1 
ATOM   495  C  CA   . GLU A 1 60  ? -4.424  9.121   7.867   1.00 45.48 ? 60  GLU A CA   1 
ATOM   496  C  C    . GLU A 1 60  ? -4.189  7.959   6.916   1.00 44.74 ? 60  GLU A C    1 
ATOM   497  O  O    . GLU A 1 60  ? -3.396  7.087   7.329   1.00 45.06 ? 60  GLU A O    1 
ATOM   498  C  CB   . GLU A 1 60  ? -5.852  9.130   8.375   1.00 46.34 ? 60  GLU A CB   1 
ATOM   499  C  CG   . GLU A 1 60  ? -6.376  8.023   9.269   1.00 48.53 ? 60  GLU A CG   1 
ATOM   500  C  CD   . GLU A 1 60  ? -7.819  7.914   9.677   1.00 50.06 ? 60  GLU A CD   1 
ATOM   501  O  OE1  . GLU A 1 60  ? -8.674  8.134   8.768   1.00 50.38 ? 60  GLU A OE1  1 
ATOM   502  O  OE2  . GLU A 1 60  ? -8.232  7.606   10.809  1.00 50.77 ? 60  GLU A OE2  1 
ATOM   503  N  N    . CYS A 1 61  ? -4.712  7.980   5.716   1.00 43.79 ? 61  CYS A N    1 
ATOM   504  C  CA   . CYS A 1 61  ? -4.609  6.932   4.687   1.00 42.99 ? 61  CYS A CA   1 
ATOM   505  C  C    . CYS A 1 61  ? -3.206  6.623   4.181   1.00 43.23 ? 61  CYS A C    1 
ATOM   506  O  O    . CYS A 1 61  ? -2.907  5.481   3.797   1.00 43.58 ? 61  CYS A O    1 
ATOM   507  C  CB   . CYS A 1 61  ? -5.495  7.218   3.473   1.00 40.94 ? 61  CYS A CB   1 
ATOM   508  S  SG   . CYS A 1 61  ? -5.515  5.885   2.174   1.00 39.96 ? 61  CYS A SG   1 
ATOM   509  N  N    . LEU A 1 62  ? -2.338  7.591   4.164   1.00 43.17 ? 62  LEU A N    1 
ATOM   510  C  CA   . LEU A 1 62  ? -0.982  7.334   3.678   1.00 42.93 ? 62  LEU A CA   1 
ATOM   511  C  C    . LEU A 1 62  ? -0.153  6.708   4.834   1.00 42.98 ? 62  LEU A C    1 
ATOM   512  O  O    . LEU A 1 62  ? 0.709   5.848   4.601   1.00 43.13 ? 62  LEU A O    1 
ATOM   513  C  CB   . LEU A 1 62  ? -0.408  8.629   3.095   1.00 42.15 ? 62  LEU A CB   1 
ATOM   514  C  CG   . LEU A 1 62  ? -1.079  9.025   1.761   1.00 42.08 ? 62  LEU A CG   1 
ATOM   515  C  CD1  . LEU A 1 62  ? -0.780  10.470  1.354   1.00 42.82 ? 62  LEU A CD1  1 
ATOM   516  C  CD2  . LEU A 1 62  ? -0.635  8.154   0.576   1.00 42.13 ? 62  LEU A CD2  1 
ATOM   517  N  N    . GLU A 1 63  ? -0.461  7.140   6.060   1.00 43.60 ? 63  GLU A N    1 
ATOM   518  C  CA   . GLU A 1 63  ? 0.187   6.640   7.313   1.00 44.76 ? 63  GLU A CA   1 
ATOM   519  C  C    . GLU A 1 63  ? 0.248   5.096   7.308   1.00 44.66 ? 63  GLU A C    1 
ATOM   520  O  O    . GLU A 1 63  ? 1.286   4.504   7.651   1.00 45.05 ? 63  GLU A O    1 
ATOM   521  C  CB   . GLU A 1 63  ? -0.609  7.097   8.534   1.00 45.96 ? 63  GLU A CB   1 
ATOM   522  C  CG   . GLU A 1 63  ? -0.188  8.477   9.043   1.00 48.15 ? 63  GLU A CG   1 
ATOM   523  C  CD   . GLU A 1 63  ? 0.970   8.410   10.032  1.00 49.88 ? 63  GLU A CD   1 
ATOM   524  O  OE1  . GLU A 1 63  ? 1.593   7.297   10.194  1.00 50.26 ? 63  GLU A OE1  1 
ATOM   525  O  OE2  . GLU A 1 63  ? 1.314   9.461   10.697  1.00 50.82 ? 63  GLU A OE2  1 
ATOM   526  N  N    . GLY A 1 64  ? -0.899  4.503   6.952   1.00 44.33 ? 64  GLY A N    1 
ATOM   527  C  CA   . GLY A 1 64  ? -1.037  3.039   6.710   1.00 43.60 ? 64  GLY A CA   1 
ATOM   528  C  C    . GLY A 1 64  ? -1.638  2.167   7.848   1.00 43.55 ? 64  GLY A C    1 
ATOM   529  O  O    . GLY A 1 64  ? -1.890  0.970   7.651   1.00 43.59 ? 64  GLY A O    1 
ATOM   530  N  N    . ASN A 1 65  ? -1.893  2.721   9.018   1.00 43.48 ? 65  ASN A N    1 
ATOM   531  C  CA   . ASN A 1 65  ? -2.367  1.900   10.173  1.00 43.38 ? 65  ASN A CA   1 
ATOM   532  C  C    . ASN A 1 65  ? -3.840  1.426   10.063  1.00 43.30 ? 65  ASN A C    1 
ATOM   533  O  O    . ASN A 1 65  ? -4.177  0.304   10.482  1.00 43.67 ? 65  ASN A O    1 
ATOM   534  C  CB   . ASN A 1 65  ? -2.205  2.671   11.471  1.00 44.10 ? 65  ASN A CB   1 
ATOM   535  C  CG   . ASN A 1 65  ? -0.767  2.628   11.984  1.00 44.82 ? 65  ASN A CG   1 
ATOM   536  O  OD1  . ASN A 1 65  ? -0.493  3.116   13.077  1.00 45.79 ? 65  ASN A OD1  1 
ATOM   537  N  ND2  . ASN A 1 65  ? 0.177   2.064   11.244  1.00 44.90 ? 65  ASN A ND2  1 
ATOM   538  N  N    . CYS A 1 66  ? -4.710  2.274   9.525   1.00 42.50 ? 66  CYS A N    1 
ATOM   539  C  CA   . CYS A 1 66  ? -6.144  1.913   9.349   1.00 41.30 ? 66  CYS A CA   1 
ATOM   540  C  C    . CYS A 1 66  ? -6.353  1.480   7.903   1.00 40.38 ? 66  CYS A C    1 
ATOM   541  O  O    . CYS A 1 66  ? -5.427  1.752   7.115   1.00 41.07 ? 66  CYS A O    1 
ATOM   542  C  CB   . CYS A 1 66  ? -7.052  3.080   9.759   1.00 41.94 ? 66  CYS A CB   1 
ATOM   543  S  SG   . CYS A 1 66  ? -6.703  4.671   8.875   1.00 41.91 ? 66  CYS A SG   1 
ATOM   544  N  N    . ALA A 1 67  ? -7.419  0.837   7.522   1.00 39.04 ? 67  ALA A N    1 
ATOM   545  C  CA   . ALA A 1 67  ? -7.694  0.432   6.147   1.00 37.85 ? 67  ALA A CA   1 
ATOM   546  C  C    . ALA A 1 67  ? -8.874  1.295   5.629   1.00 37.45 ? 67  ALA A C    1 
ATOM   547  O  O    . ALA A 1 67  ? -9.922  1.420   6.282   1.00 37.10 ? 67  ALA A O    1 
ATOM   548  C  CB   . ALA A 1 67  ? -8.059  -1.019  5.943   1.00 37.16 ? 67  ALA A CB   1 
ATOM   549  N  N    . GLU A 1 68  ? -8.602  1.817   4.446   1.00 36.46 ? 68  GLU A N    1 
ATOM   550  C  CA   . GLU A 1 68  ? -9.494  2.679   3.671   1.00 35.31 ? 68  GLU A CA   1 
ATOM   551  C  C    . GLU A 1 68  ? -9.910  2.008   2.361   1.00 34.43 ? 68  GLU A C    1 
ATOM   552  O  O    . GLU A 1 68  ? -9.059  1.518   1.618   1.00 34.18 ? 68  GLU A O    1 
ATOM   553  C  CB   . GLU A 1 68  ? -8.836  4.029   3.390   1.00 34.39 ? 68  GLU A CB   1 
ATOM   554  C  CG   . GLU A 1 68  ? -9.442  4.939   2.364   1.00 34.39 ? 68  GLU A CG   1 
ATOM   555  C  CD   . GLU A 1 68  ? -10.792 5.560   2.411   1.00 34.49 ? 68  GLU A CD   1 
ATOM   556  O  OE1  . GLU A 1 68  ? -11.246 5.758   3.565   1.00 35.21 ? 68  GLU A OE1  1 
ATOM   557  O  OE2  . GLU A 1 68  ? -11.408 5.951   1.415   1.00 34.07 ? 68  GLU A OE2  1 
ATOM   558  N  N    . GLY A 1 69  ? -11.192 1.983   2.070   1.00 33.81 ? 69  GLY A N    1 
ATOM   559  C  CA   . GLY A 1 69  ? -11.611 1.291   0.819   1.00 33.81 ? 69  GLY A CA   1 
ATOM   560  C  C    . GLY A 1 69  ? -11.381 -0.189  1.211   1.00 33.66 ? 69  GLY A C    1 
ATOM   561  O  O    . GLY A 1 69  ? -11.582 -0.421  2.433   1.00 33.29 ? 69  GLY A O    1 
ATOM   562  N  N    . VAL A 1 70  ? -10.909 -1.021  0.269   1.00 32.99 ? 70  VAL A N    1 
ATOM   563  C  CA   . VAL A 1 70  ? -10.652 -2.436  0.653   1.00 31.73 ? 70  VAL A CA   1 
ATOM   564  C  C    . VAL A 1 70  ? -9.284  -2.677  1.317   1.00 30.83 ? 70  VAL A C    1 
ATOM   565  O  O    . VAL A 1 70  ? -8.877  -3.775  1.700   1.00 30.22 ? 70  VAL A O    1 
ATOM   566  C  CB   . VAL A 1 70  ? -11.027 -3.437  -0.452  1.00 31.87 ? 70  VAL A CB   1 
ATOM   567  C  CG1  . VAL A 1 70  ? -12.525 -3.818  -0.391  1.00 31.79 ? 70  VAL A CG1  1 
ATOM   568  C  CG2  . VAL A 1 70  ? -10.604 -3.017  -1.846  1.00 32.10 ? 70  VAL A CG2  1 
ATOM   569  N  N    . GLY A 1 71  ? -8.608  -1.628  1.665   1.00 29.87 ? 71  GLY A N    1 
ATOM   570  C  CA   . GLY A 1 71  ? -7.390  -1.388  2.347   1.00 29.26 ? 71  GLY A CA   1 
ATOM   571  C  C    . GLY A 1 71  ? -6.120  -1.714  1.598   1.00 29.19 ? 71  GLY A C    1 
ATOM   572  O  O    . GLY A 1 71  ? -5.181  -2.236  2.230   1.00 29.78 ? 71  GLY A O    1 
ATOM   573  N  N    . MET A 1 72  ? -6.012  -1.423  0.321   1.00 28.50 ? 72  MET A N    1 
ATOM   574  C  CA   . MET A 1 72  ? -4.780  -1.703  -0.427  1.00 27.52 ? 72  MET A CA   1 
ATOM   575  C  C    . MET A 1 72  ? -3.642  -0.819  0.119   1.00 26.94 ? 72  MET A C    1 
ATOM   576  O  O    . MET A 1 72  ? -2.511  -1.011  -0.344  1.00 26.10 ? 72  MET A O    1 
ATOM   577  C  CB   . MET A 1 72  ? -4.993  -1.466  -1.881  1.00 28.42 ? 72  MET A CB   1 
ATOM   578  C  CG   . MET A 1 72  ? -5.725  -2.475  -2.701  1.00 30.07 ? 72  MET A CG   1 
ATOM   579  S  SD   . MET A 1 72  ? -5.498  -1.857  -4.434  1.00 31.85 ? 72  MET A SD   1 
ATOM   580  C  CE   . MET A 1 72  ? -3.800  -1.193  -4.249  1.00 32.04 ? 72  MET A CE   1 
ATOM   581  N  N    . ASN A 1 73  ? -3.977  0.078   1.011   1.00 26.53 ? 73  ASN A N    1 
ATOM   582  C  CA   . ASN A 1 73  ? -3.102  1.034   1.640   1.00 27.14 ? 73  ASN A CA   1 
ATOM   583  C  C    . ASN A 1 73  ? -2.705  0.607   3.061   1.00 27.81 ? 73  ASN A C    1 
ATOM   584  O  O    . ASN A 1 73  ? -1.986  1.332   3.789   1.00 27.28 ? 73  ASN A O    1 
ATOM   585  C  CB   . ASN A 1 73  ? -3.787  2.419   1.773   1.00 26.06 ? 73  ASN A CB   1 
ATOM   586  C  CG   . ASN A 1 73  ? -4.798  2.228   2.920   1.00 25.68 ? 73  ASN A CG   1 
ATOM   587  O  OD1  . ASN A 1 73  ? -5.700  1.383   2.760   1.00 24.87 ? 73  ASN A OD1  1 
ATOM   588  N  ND2  . ASN A 1 73  ? -4.583  2.938   4.020   1.00 25.13 ? 73  ASN A ND2  1 
ATOM   589  N  N    . TYR A 1 74  ? -3.300  -0.508  3.457   1.00 28.71 ? 74  TYR A N    1 
ATOM   590  C  CA   . TYR A 1 74  ? -2.948  -0.992  4.813   1.00 30.00 ? 74  TYR A CA   1 
ATOM   591  C  C    . TYR A 1 74  ? -1.464  -1.407  4.734   1.00 30.80 ? 74  TYR A C    1 
ATOM   592  O  O    . TYR A 1 74  ? -1.116  -2.236  3.883   1.00 30.92 ? 74  TYR A O    1 
ATOM   593  C  CB   . TYR A 1 74  ? -3.840  -2.153  5.269   1.00 29.87 ? 74  TYR A CB   1 
ATOM   594  C  CG   . TYR A 1 74  ? -3.460  -2.662  6.645   1.00 30.38 ? 74  TYR A CG   1 
ATOM   595  C  CD1  . TYR A 1 74  ? -3.347  -1.786  7.738   1.00 30.47 ? 74  TYR A CD1  1 
ATOM   596  C  CD2  . TYR A 1 74  ? -3.201  -4.006  6.860   1.00 30.38 ? 74  TYR A CD2  1 
ATOM   597  C  CE1  . TYR A 1 74  ? -3.015  -2.263  9.001   1.00 30.54 ? 74  TYR A CE1  1 
ATOM   598  C  CE2  . TYR A 1 74  ? -2.903  -4.506  8.125   1.00 30.32 ? 74  TYR A CE2  1 
ATOM   599  C  CZ   . TYR A 1 74  ? -2.807  -3.631  9.196   1.00 30.48 ? 74  TYR A CZ   1 
ATOM   600  O  OH   . TYR A 1 74  ? -2.484  -4.160  10.427  1.00 30.10 ? 74  TYR A OH   1 
ATOM   601  N  N    . ARG A 1 75  ? -0.651  -0.797  5.552   1.00 31.61 ? 75  ARG A N    1 
ATOM   602  C  CA   . ARG A 1 75  ? 0.771   -0.960  5.776   1.00 32.18 ? 75  ARG A CA   1 
ATOM   603  C  C    . ARG A 1 75  ? 1.084   -1.092  7.284   1.00 32.93 ? 75  ARG A C    1 
ATOM   604  O  O    . ARG A 1 75  ? 2.147   -0.605  7.731   1.00 32.85 ? 75  ARG A O    1 
ATOM   605  C  CB   . ARG A 1 75  ? 1.592   0.211   5.233   1.00 31.89 ? 75  ARG A CB   1 
ATOM   606  C  CG   . ARG A 1 75  ? 2.264   0.083   3.871   1.00 31.19 ? 75  ARG A CG   1 
ATOM   607  C  CD   . ARG A 1 75  ? 1.308   -0.426  2.841   1.00 30.54 ? 75  ARG A CD   1 
ATOM   608  N  NE   . ARG A 1 75  ? 1.830   -0.284  1.459   1.00 29.64 ? 75  ARG A NE   1 
ATOM   609  C  CZ   . ARG A 1 75  ? 0.970   -0.652  0.499   1.00 29.20 ? 75  ARG A CZ   1 
ATOM   610  N  NH1  . ARG A 1 75  ? -0.138  -1.232  0.997   1.00 29.12 ? 75  ARG A NH1  1 
ATOM   611  N  NH2  . ARG A 1 75  ? 1.123   -0.589  -0.810  1.00 28.83 ? 75  ARG A NH2  1 
ATOM   612  N  N    . GLY A 1 76  ? 0.199   -1.747  8.023   1.00 33.70 ? 76  GLY A N    1 
ATOM   613  C  CA   . GLY A 1 76  ? 0.326   -2.017  9.454   1.00 34.73 ? 76  GLY A CA   1 
ATOM   614  C  C    . GLY A 1 76  ? 0.878   -3.403  9.781   1.00 35.82 ? 76  GLY A C    1 
ATOM   615  O  O    . GLY A 1 76  ? 1.278   -4.205  8.886   1.00 35.83 ? 76  GLY A O    1 
ATOM   616  N  N    . ASN A 1 77  ? 0.861   -3.695  11.089  1.00 36.43 ? 77  ASN A N    1 
ATOM   617  C  CA   . ASN A 1 77  ? 1.368   -4.972  11.611  1.00 37.34 ? 77  ASN A CA   1 
ATOM   618  C  C    . ASN A 1 77  ? 0.428   -6.125  11.929  1.00 37.77 ? 77  ASN A C    1 
ATOM   619  O  O    . ASN A 1 77  ? 1.033   -7.039  12.557  1.00 38.26 ? 77  ASN A O    1 
ATOM   620  C  CB   . ASN A 1 77  ? 2.180   -4.752  12.897  1.00 38.11 ? 77  ASN A CB   1 
ATOM   621  C  CG   . ASN A 1 77  ? 3.413   -3.902  12.702  1.00 39.22 ? 77  ASN A CG   1 
ATOM   622  O  OD1  . ASN A 1 77  ? 3.814   -3.639  11.552  1.00 39.12 ? 77  ASN A OD1  1 
ATOM   623  N  ND2  . ASN A 1 77  ? 3.970   -3.506  13.871  1.00 39.84 ? 77  ASN A ND2  1 
ATOM   624  N  N    . VAL A 1 78  ? -0.860  -6.163  11.687  1.00 38.03 ? 78  VAL A N    1 
ATOM   625  C  CA   . VAL A 1 78  ? -1.700  -7.345  11.982  1.00 38.18 ? 78  VAL A CA   1 
ATOM   626  C  C    . VAL A 1 78  ? -1.200  -8.485  11.063  1.00 38.07 ? 78  VAL A C    1 
ATOM   627  O  O    . VAL A 1 78  ? -1.090  -8.370  9.822   1.00 37.31 ? 78  VAL A O    1 
ATOM   628  C  CB   . VAL A 1 78  ? -3.210  -7.124  11.765  1.00 38.54 ? 78  VAL A CB   1 
ATOM   629  C  CG1  . VAL A 1 78  ? -4.065  -8.332  12.072  1.00 37.94 ? 78  VAL A CG1  1 
ATOM   630  C  CG2  . VAL A 1 78  ? -3.760  -5.917  12.515  1.00 38.99 ? 78  VAL A CG2  1 
ATOM   631  N  N    . SER A 1 79  ? -0.975  -9.569  11.797  1.00 38.40 ? 79  SER A N    1 
ATOM   632  C  CA   . SER A 1 79  ? -0.432  -10.808 11.226  1.00 38.60 ? 79  SER A CA   1 
ATOM   633  C  C    . SER A 1 79  ? -1.246  -12.085 11.388  1.00 38.98 ? 79  SER A C    1 
ATOM   634  O  O    . SER A 1 79  ? -0.776  -13.041 10.708  1.00 38.95 ? 79  SER A O    1 
ATOM   635  C  CB   . SER A 1 79  ? 0.973   -11.024 11.751  1.00 37.79 ? 79  SER A CB   1 
ATOM   636  O  OG   . SER A 1 79  ? 1.192   -10.203 12.870  1.00 37.71 ? 79  SER A OG   1 
ATOM   637  N  N    . VAL A 1 80  ? -2.333  -12.058 12.154  1.00 39.01 ? 80  VAL A N    1 
ATOM   638  C  CA   . VAL A 1 80  ? -3.142  -13.292 12.201  1.00 39.53 ? 80  VAL A CA   1 
ATOM   639  C  C    . VAL A 1 80  ? -4.495  -12.951 11.541  1.00 39.61 ? 80  VAL A C    1 
ATOM   640  O  O    . VAL A 1 80  ? -4.925  -11.788 11.691  1.00 39.53 ? 80  VAL A O    1 
ATOM   641  C  CB   . VAL A 1 80  ? -3.341  -13.905 13.575  1.00 40.03 ? 80  VAL A CB   1 
ATOM   642  C  CG1  . VAL A 1 80  ? -2.510  -13.176 14.668  1.00 40.30 ? 80  VAL A CG1  1 
ATOM   643  C  CG2  . VAL A 1 80  ? -4.878  -14.051 13.873  1.00 40.64 ? 80  VAL A CG2  1 
ATOM   644  N  N    . THR A 1 81  ? -5.033  -13.953 10.891  1.00 39.77 ? 81  THR A N    1 
ATOM   645  C  CA   . THR A 1 81  ? -6.287  -13.930 10.169  1.00 40.15 ? 81  THR A CA   1 
ATOM   646  C  C    . THR A 1 81  ? -7.577  -13.722 10.975  1.00 41.07 ? 81  THR A C    1 
ATOM   647  O  O    . THR A 1 81  ? -7.629  -13.412 12.190  1.00 40.85 ? 81  THR A O    1 
ATOM   648  C  CB   . THR A 1 81  ? -6.458  -15.195 9.191   1.00 39.51 ? 81  THR A CB   1 
ATOM   649  O  OG1  . THR A 1 81  ? -6.870  -16.447 9.842   1.00 37.99 ? 81  THR A OG1  1 
ATOM   650  C  CG2  . THR A 1 81  ? -5.180  -15.244 8.329   1.00 39.36 ? 81  THR A CG2  1 
ATOM   651  N  N    . ARG A 1 82  ? -8.660  -13.879 10.186  1.00 41.53 ? 82  ARG A N    1 
ATOM   652  C  CA   . ARG A 1 82  ? -10.039 -13.774 10.701  1.00 42.45 ? 82  ARG A CA   1 
ATOM   653  C  C    . ARG A 1 82  ? -10.342 -15.046 11.510  1.00 42.43 ? 82  ARG A C    1 
ATOM   654  O  O    . ARG A 1 82  ? -10.849 -14.976 12.656  1.00 42.41 ? 82  ARG A O    1 
ATOM   655  C  CB   . ARG A 1 82  ? -11.067 -13.476 9.629   1.00 43.74 ? 82  ARG A CB   1 
ATOM   656  C  CG   . ARG A 1 82  ? -12.513 -13.290 10.067  1.00 45.71 ? 82  ARG A CG   1 
ATOM   657  C  CD   . ARG A 1 82  ? -13.169 -12.058 9.494   1.00 47.77 ? 82  ARG A CD   1 
ATOM   658  N  NE   . ARG A 1 82  ? -12.983 -10.852 10.286  1.00 48.58 ? 82  ARG A NE   1 
ATOM   659  C  CZ   . ARG A 1 82  ? -12.566 -9.659  9.855   1.00 48.95 ? 82  ARG A CZ   1 
ATOM   660  N  NH1  . ARG A 1 82  ? -12.281 -9.477  8.540   1.00 48.65 ? 82  ARG A NH1  1 
ATOM   661  N  NH2  . ARG A 1 82  ? -12.443 -8.688  10.778  1.00 49.28 ? 82  ARG A NH2  1 
ATOM   662  N  N    . SER A 1 83  ? -9.925  -16.175 10.942  1.00 42.06 ? 83  SER A N    1 
ATOM   663  C  CA   . SER A 1 83  ? -10.111 -17.455 11.646  1.00 41.71 ? 83  SER A CA   1 
ATOM   664  C  C    . SER A 1 83  ? -9.198  -17.519 12.870  1.00 41.56 ? 83  SER A C    1 
ATOM   665  O  O    . SER A 1 83  ? -9.470  -18.357 13.761  1.00 41.74 ? 83  SER A O    1 
ATOM   666  C  CB   . SER A 1 83  ? -9.874  -18.646 10.746  1.00 42.42 ? 83  SER A CB   1 
ATOM   667  O  OG   . SER A 1 83  ? -10.945 -18.909 9.855   1.00 43.56 ? 83  SER A OG   1 
ATOM   668  N  N    . GLY A 1 84  ? -8.139  -16.724 12.931  1.00 40.85 ? 84  GLY A N    1 
ATOM   669  C  CA   . GLY A 1 84  ? -7.224  -16.736 14.090  1.00 40.14 ? 84  GLY A CA   1 
ATOM   670  C  C    . GLY A 1 84  ? -5.886  -17.418 13.753  1.00 39.69 ? 84  GLY A C    1 
ATOM   671  O  O    . GLY A 1 84  ? -4.872  -17.378 14.488  1.00 39.44 ? 84  GLY A O    1 
ATOM   672  N  N    . ILE A 1 85  ? -5.915  -18.045 12.593  1.00 38.82 ? 85  ILE A N    1 
ATOM   673  C  CA   . ILE A 1 85  ? -4.716  -18.686 12.061  1.00 38.54 ? 85  ILE A CA   1 
ATOM   674  C  C    . ILE A 1 85  ? -3.635  -17.610 11.919  1.00 38.77 ? 85  ILE A C    1 
ATOM   675  O  O    . ILE A 1 85  ? -3.911  -16.401 11.957  1.00 39.42 ? 85  ILE A O    1 
ATOM   676  C  CB   . ILE A 1 85  ? -5.144  -19.316 10.695  1.00 38.12 ? 85  ILE A CB   1 
ATOM   677  C  CG1  . ILE A 1 85  ? -5.989  -20.573 11.009  1.00 37.50 ? 85  ILE A CG1  1 
ATOM   678  C  CG2  . ILE A 1 85  ? -3.953  -19.667 9.786   1.00 38.12 ? 85  ILE A CG2  1 
ATOM   679  C  CD1  . ILE A 1 85  ? -6.688  -21.198 9.805   1.00 38.05 ? 85  ILE A CD1  1 
ATOM   680  N  N    . GLU A 1 86  ? -2.393  -18.025 11.772  1.00 38.48 ? 86  GLU A N    1 
ATOM   681  C  CA   . GLU A 1 86  ? -1.302  -17.055 11.591  1.00 37.86 ? 86  GLU A CA   1 
ATOM   682  C  C    . GLU A 1 86  ? -0.833  -17.138 10.147  1.00 36.71 ? 86  GLU A C    1 
ATOM   683  O  O    . GLU A 1 86  ? -0.816  -18.224 9.543   1.00 36.56 ? 86  GLU A O    1 
ATOM   684  C  CB   . GLU A 1 86  ? -0.153  -17.315 12.557  1.00 40.44 ? 86  GLU A CB   1 
ATOM   685  C  CG   . GLU A 1 86  ? -0.631  -17.526 13.992  1.00 43.50 ? 86  GLU A CG   1 
ATOM   686  C  CD   . GLU A 1 86  ? -0.201  -16.395 14.913  1.00 45.50 ? 86  GLU A CD   1 
ATOM   687  O  OE1  . GLU A 1 86  ? 0.951   -15.852 14.745  1.00 46.69 ? 86  GLU A OE1  1 
ATOM   688  O  OE2  . GLU A 1 86  ? -0.990  -15.989 15.849  1.00 46.61 ? 86  GLU A OE2  1 
ATOM   689  N  N    . CYS A 1 87  ? -0.483  -15.976 9.663   1.00 34.81 ? 87  CYS A N    1 
ATOM   690  C  CA   . CYS A 1 87  ? -0.033  -15.777 8.285   1.00 32.77 ? 87  CYS A CA   1 
ATOM   691  C  C    . CYS A 1 87  ? 1.341   -16.334 8.015   1.00 32.15 ? 87  CYS A C    1 
ATOM   692  O  O    . CYS A 1 87  ? 2.187   -16.448 8.909   1.00 31.46 ? 87  CYS A O    1 
ATOM   693  C  CB   . CYS A 1 87  ? 0.012   -14.272 8.025   1.00 31.02 ? 87  CYS A CB   1 
ATOM   694  S  SG   . CYS A 1 87  ? -1.661  -13.479 8.117   1.00 28.71 ? 87  CYS A SG   1 
ATOM   695  N  N    . GLN A 1 88  ? 1.514   -16.660 6.761   1.00 31.80 ? 88  GLN A N    1 
ATOM   696  C  CA   . GLN A 1 88  ? 2.765   -17.187 6.228   1.00 31.22 ? 88  GLN A CA   1 
ATOM   697  C  C    . GLN A 1 88  ? 3.678   -16.009 5.830   1.00 32.25 ? 88  GLN A C    1 
ATOM   698  O  O    . GLN A 1 88  ? 3.237   -14.853 5.682   1.00 33.09 ? 88  GLN A O    1 
ATOM   699  C  CB   . GLN A 1 88  ? 2.439   -18.042 4.986   1.00 28.73 ? 88  GLN A CB   1 
ATOM   700  C  CG   . GLN A 1 88  ? 3.602   -18.873 4.441   1.00 26.20 ? 88  GLN A CG   1 
ATOM   701  C  CD   . GLN A 1 88  ? 3.399   -19.253 2.969   1.00 24.51 ? 88  GLN A CD   1 
ATOM   702  O  OE1  . GLN A 1 88  ? 2.549   -20.098 2.648   1.00 22.87 ? 88  GLN A OE1  1 
ATOM   703  N  NE2  . GLN A 1 88  ? 4.135   -18.668 2.049   1.00 24.16 ? 88  GLN A NE2  1 
ATOM   704  N  N    . LEU A 1 89  ? 4.932   -16.347 5.700   1.00 32.82 ? 89  LEU A N    1 
ATOM   705  C  CA   . LEU A 1 89  ? 5.973   -15.449 5.215   1.00 32.49 ? 89  LEU A CA   1 
ATOM   706  C  C    . LEU A 1 89  ? 5.640   -15.256 3.737   1.00 32.96 ? 89  LEU A C    1 
ATOM   707  O  O    . LEU A 1 89  ? 5.472   -16.246 2.999   1.00 32.60 ? 89  LEU A O    1 
ATOM   708  C  CB   . LEU A 1 89  ? 7.309   -16.213 5.271   1.00 32.81 ? 89  LEU A CB   1 
ATOM   709  C  CG   . LEU A 1 89  ? 8.363   -15.884 6.341   1.00 32.76 ? 89  LEU A CG   1 
ATOM   710  C  CD1  . LEU A 1 89  ? 7.828   -15.348 7.670   1.00 33.69 ? 89  LEU A CD1  1 
ATOM   711  C  CD2  . LEU A 1 89  ? 9.168   -17.143 6.689   1.00 32.24 ? 89  LEU A CD2  1 
ATOM   712  N  N    . TRP A 1 90  ? 5.505   -14.036 3.262   1.00 33.03 ? 90  TRP A N    1 
ATOM   713  C  CA   . TRP A 1 90  ? 5.231   -13.889 1.829   1.00 33.10 ? 90  TRP A CA   1 
ATOM   714  C  C    . TRP A 1 90  ? 6.477   -14.398 1.123   1.00 33.59 ? 90  TRP A C    1 
ATOM   715  O  O    . TRP A 1 90  ? 6.409   -14.889 -0.014  1.00 33.57 ? 90  TRP A O    1 
ATOM   716  C  CB   . TRP A 1 90  ? 4.950   -12.429 1.418   1.00 32.47 ? 90  TRP A CB   1 
ATOM   717  C  CG   . TRP A 1 90  ? 3.781   -11.741 2.149   1.00 31.28 ? 90  TRP A CG   1 
ATOM   718  C  CD1  . TRP A 1 90  ? 3.845   -11.099 3.320   1.00 31.48 ? 90  TRP A CD1  1 
ATOM   719  C  CD2  . TRP A 1 90  ? 2.425   -11.663 1.688   1.00 30.81 ? 90  TRP A CD2  1 
ATOM   720  N  NE1  . TRP A 1 90  ? 2.540   -10.599 3.610   1.00 31.57 ? 90  TRP A NE1  1 
ATOM   721  C  CE2  . TRP A 1 90  ? 1.720   -10.935 2.640   1.00 31.20 ? 90  TRP A CE2  1 
ATOM   722  C  CE3  . TRP A 1 90  ? 1.743   -12.137 0.554   1.00 31.09 ? 90  TRP A CE3  1 
ATOM   723  C  CZ2  . TRP A 1 90  ? 0.354   -10.637 2.524   1.00 30.43 ? 90  TRP A CZ2  1 
ATOM   724  C  CZ3  . TRP A 1 90  ? 0.367   -11.835 0.448   1.00 30.16 ? 90  TRP A CZ3  1 
ATOM   725  C  CH2  . TRP A 1 90  ? -0.294  -11.120 1.387   1.00 30.13 ? 90  TRP A CH2  1 
ATOM   726  N  N    . ARG A 1 91  ? 7.562   -14.260 1.884   1.00 34.37 ? 91  ARG A N    1 
ATOM   727  C  CA   . ARG A 1 91  ? 8.909   -14.635 1.451   1.00 35.12 ? 91  ARG A CA   1 
ATOM   728  C  C    . ARG A 1 91  ? 9.007   -16.145 1.260   1.00 34.84 ? 91  ARG A C    1 
ATOM   729  O  O    . ARG A 1 91  ? 9.561   -16.621 0.284   1.00 34.69 ? 91  ARG A O    1 
ATOM   730  C  CB   . ARG A 1 91  ? 9.938   -14.064 2.421   1.00 35.59 ? 91  ARG A CB   1 
ATOM   731  C  CG   . ARG A 1 91  ? 10.620  -15.080 3.307   1.00 36.31 ? 91  ARG A CG   1 
ATOM   732  C  CD   . ARG A 1 91  ? 11.901  -14.518 3.908   1.00 37.57 ? 91  ARG A CD   1 
ATOM   733  N  NE   . ARG A 1 91  ? 11.975  -14.708 5.348   1.00 38.72 ? 91  ARG A NE   1 
ATOM   734  C  CZ   . ARG A 1 91  ? 12.581  -15.741 5.934   1.00 40.04 ? 91  ARG A CZ   1 
ATOM   735  N  NH1  . ARG A 1 91  ? 13.179  -16.704 5.207   1.00 40.10 ? 91  ARG A NH1  1 
ATOM   736  N  NH2  . ARG A 1 91  ? 12.640  -15.889 7.258   1.00 40.25 ? 91  ARG A NH2  1 
ATOM   737  N  N    . SER A 1 92  ? 8.464   -16.904 2.161   1.00 35.14 ? 92  SER A N    1 
ATOM   738  C  CA   . SER A 1 92  ? 8.332   -18.352 2.288   1.00 35.05 ? 92  SER A CA   1 
ATOM   739  C  C    . SER A 1 92  ? 7.595   -18.978 1.101   1.00 35.66 ? 92  SER A C    1 
ATOM   740  O  O    . SER A 1 92  ? 6.832   -18.371 0.302   1.00 35.99 ? 92  SER A O    1 
ATOM   741  C  CB   . SER A 1 92  ? 7.597   -18.664 3.592   1.00 33.91 ? 92  SER A CB   1 
ATOM   742  O  OG   . SER A 1 92  ? 7.659   -20.014 3.938   1.00 33.52 ? 92  SER A OG   1 
ATOM   743  N  N    . ARG A 1 93  ? 7.833   -20.267 0.967   1.00 35.64 ? 93  ARG A N    1 
ATOM   744  C  CA   . ARG A 1 93  ? 7.179   -21.017 -0.135  1.00 35.98 ? 93  ARG A CA   1 
ATOM   745  C  C    . ARG A 1 93  ? 6.412   -22.220 0.387   1.00 35.62 ? 93  ARG A C    1 
ATOM   746  O  O    . ARG A 1 93  ? 5.923   -23.012 -0.435  1.00 35.95 ? 93  ARG A O    1 
ATOM   747  C  CB   . ARG A 1 93  ? 8.266   -21.308 -1.171  1.00 36.60 ? 93  ARG A CB   1 
ATOM   748  C  CG   . ARG A 1 93  ? 7.940   -22.361 -2.244  1.00 37.54 ? 93  ARG A CG   1 
ATOM   749  C  CD   . ARG A 1 93  ? 8.677   -23.651 -2.123  1.00 37.54 ? 93  ARG A CD   1 
ATOM   750  N  NE   . ARG A 1 93  ? 8.556   -24.504 -3.311  1.00 38.03 ? 93  ARG A NE   1 
ATOM   751  C  CZ   . ARG A 1 93  ? 8.764   -24.242 -4.613  1.00 37.94 ? 93  ARG A CZ   1 
ATOM   752  N  NH1  . ARG A 1 93  ? 9.049   -23.006 -5.047  1.00 37.36 ? 93  ARG A NH1  1 
ATOM   753  N  NH2  . ARG A 1 93  ? 8.608   -25.195 -5.558  1.00 37.43 ? 93  ARG A NH2  1 
ATOM   754  N  N    . TYR A 1 94  ? 6.245   -22.342 1.681   1.00 35.26 ? 94  TYR A N    1 
ATOM   755  C  CA   . TYR A 1 94  ? 5.609   -23.450 2.394   1.00 35.54 ? 94  TYR A CA   1 
ATOM   756  C  C    . TYR A 1 94  ? 4.755   -22.880 3.535   1.00 35.23 ? 94  TYR A C    1 
ATOM   757  O  O    . TYR A 1 94  ? 5.289   -21.970 4.212   1.00 34.82 ? 94  TYR A O    1 
ATOM   758  C  CB   . TYR A 1 94  ? 6.697   -24.417 2.995   1.00 36.13 ? 94  TYR A CB   1 
ATOM   759  C  CG   . TYR A 1 94  ? 7.732   -24.910 1.997   1.00 36.91 ? 94  TYR A CG   1 
ATOM   760  C  CD1  . TYR A 1 94  ? 7.423   -25.768 0.920   1.00 37.01 ? 94  TYR A CD1  1 
ATOM   761  C  CD2  . TYR A 1 94  ? 9.072   -24.536 2.124   1.00 37.25 ? 94  TYR A CD2  1 
ATOM   762  C  CE1  . TYR A 1 94  ? 8.386   -26.152 -0.015  1.00 37.48 ? 94  TYR A CE1  1 
ATOM   763  C  CE2  . TYR A 1 94  ? 10.070  -24.894 1.206   1.00 37.33 ? 94  TYR A CE2  1 
ATOM   764  C  CZ   . TYR A 1 94  ? 9.715   -25.697 0.127   1.00 37.75 ? 94  TYR A CZ   1 
ATOM   765  O  OH   . TYR A 1 94  ? 10.705  -26.072 -0.745  1.00 37.31 ? 94  TYR A OH   1 
ATOM   766  N  N    . PRO A 1 95  ? 3.572   -23.399 3.850   1.00 34.59 ? 95  PRO A N    1 
ATOM   767  C  CA   . PRO A 1 95  ? 2.921   -24.541 3.263   1.00 34.11 ? 95  PRO A CA   1 
ATOM   768  C  C    . PRO A 1 95  ? 2.213   -24.203 1.970   1.00 34.13 ? 95  PRO A C    1 
ATOM   769  O  O    . PRO A 1 95  ? 1.458   -25.093 1.541   1.00 34.13 ? 95  PRO A O    1 
ATOM   770  C  CB   . PRO A 1 95  ? 1.811   -24.967 4.232   1.00 34.01 ? 95  PRO A CB   1 
ATOM   771  C  CG   . PRO A 1 95  ? 1.755   -23.934 5.298   1.00 34.19 ? 95  PRO A CG   1 
ATOM   772  C  CD   . PRO A 1 95  ? 2.844   -22.913 5.034   1.00 34.48 ? 95  PRO A CD   1 
ATOM   773  N  N    . HIS A 1 96  ? 2.317   -22.993 1.480   1.00 34.01 ? 96  HIS A N    1 
ATOM   774  C  CA   . HIS A 1 96  ? 1.636   -22.650 0.209   1.00 34.46 ? 96  HIS A CA   1 
ATOM   775  C  C    . HIS A 1 96  ? 2.593   -21.686 -0.522  1.00 35.59 ? 96  HIS A C    1 
ATOM   776  O  O    . HIS A 1 96  ? 3.111   -20.782 0.156   1.00 36.01 ? 96  HIS A O    1 
ATOM   777  C  CB   . HIS A 1 96  ? 0.278   -21.908 0.209   1.00 31.15 ? 96  HIS A CB   1 
ATOM   778  C  CG   . HIS A 1 96  ? -0.765  -22.409 1.133   1.00 28.16 ? 96  HIS A CG   1 
ATOM   779  N  ND1  . HIS A 1 96  ? -1.729  -23.309 0.770   1.00 26.98 ? 96  HIS A ND1  1 
ATOM   780  C  CD2  . HIS A 1 96  ? -0.969  -22.132 2.449   1.00 27.20 ? 96  HIS A CD2  1 
ATOM   781  C  CE1  . HIS A 1 96  ? -2.438  -23.629 1.831   1.00 26.25 ? 96  HIS A CE1  1 
ATOM   782  N  NE2  . HIS A 1 96  ? -2.005  -22.923 2.855   1.00 26.03 ? 96  HIS A NE2  1 
ATOM   783  N  N    . LYS A 1 97  ? 2.715   -21.883 -1.804  1.00 36.99 ? 97  LYS A N    1 
ATOM   784  C  CA   . LYS A 1 97  ? 3.589   -20.950 -2.545  1.00 39.13 ? 97  LYS A CA   1 
ATOM   785  C  C    . LYS A 1 97  ? 2.791   -19.751 -3.060  1.00 40.55 ? 97  LYS A C    1 
ATOM   786  O  O    . LYS A 1 97  ? 1.869   -19.831 -3.892  1.00 40.37 ? 97  LYS A O    1 
ATOM   787  C  CB   . LYS A 1 97  ? 4.283   -21.693 -3.657  1.00 39.53 ? 97  LYS A CB   1 
ATOM   788  C  CG   . LYS A 1 97  ? 3.575   -22.950 -4.178  1.00 39.34 ? 97  LYS A CG   1 
ATOM   789  C  CD   . LYS A 1 97  ? 4.130   -23.274 -5.564  1.00 40.15 ? 97  LYS A CD   1 
ATOM   790  C  CE   . LYS A 1 97  ? 5.615   -22.947 -5.689  1.00 40.25 ? 97  LYS A CE   1 
ATOM   791  N  NZ   . LYS A 1 97  ? 5.837   -21.489 -5.945  1.00 40.50 ? 97  LYS A NZ   1 
ATOM   792  N  N    . PRO A 1 98  ? 3.240   -18.581 -2.606  1.00 41.92 ? 98  PRO A N    1 
ATOM   793  C  CA   . PRO A 1 98  ? 2.560   -17.312 -2.973  1.00 43.30 ? 98  PRO A CA   1 
ATOM   794  C  C    . PRO A 1 98  ? 2.674   -17.059 -4.466  1.00 44.51 ? 98  PRO A C    1 
ATOM   795  O  O    . PRO A 1 98  ? 3.644   -17.602 -5.051  1.00 44.32 ? 98  PRO A O    1 
ATOM   796  C  CB   . PRO A 1 98  ? 3.182   -16.280 -2.056  1.00 43.03 ? 98  PRO A CB   1 
ATOM   797  C  CG   . PRO A 1 98  ? 4.180   -16.940 -1.160  1.00 42.37 ? 98  PRO A CG   1 
ATOM   798  C  CD   . PRO A 1 98  ? 4.275   -18.387 -1.579  1.00 42.20 ? 98  PRO A CD   1 
ATOM   799  N  N    . GLU A 1 99  ? 1.764   -16.272 -5.066  1.00 45.65 ? 99  GLU A N    1 
ATOM   800  C  CA   . GLU A 1 99  ? 1.940   -16.112 -6.551  1.00 46.98 ? 99  GLU A CA   1 
ATOM   801  C  C    . GLU A 1 99  ? 2.170   -14.657 -6.888  1.00 47.65 ? 99  GLU A C    1 
ATOM   802  O  O    . GLU A 1 99  ? 2.546   -14.121 -7.943  1.00 47.58 ? 99  GLU A O    1 
ATOM   803  C  CB   . GLU A 1 99  ? 0.830   -16.779 -7.319  1.00 47.58 ? 99  GLU A CB   1 
ATOM   804  C  CG   . GLU A 1 99  ? -0.643  -16.534 -7.077  1.00 49.05 ? 99  GLU A CG   1 
ATOM   805  C  CD   . GLU A 1 99  ? -1.140  -16.624 -5.666  1.00 50.19 ? 99  GLU A CD   1 
ATOM   806  O  OE1  . GLU A 1 99  ? -0.378  -16.946 -4.750  1.00 51.17 ? 99  GLU A OE1  1 
ATOM   807  O  OE2  . GLU A 1 99  ? -2.352  -16.310 -5.551  1.00 50.24 ? 99  GLU A OE2  1 
ATOM   808  N  N    . ILE A 1 100 ? 2.001   -13.933 -5.810  1.00 48.78 ? 100 ILE A N    1 
ATOM   809  C  CA   . ILE A 1 100 ? 2.149   -12.478 -5.608  1.00 49.77 ? 100 ILE A CA   1 
ATOM   810  C  C    . ILE A 1 100 ? 3.311   -12.407 -4.625  1.00 50.48 ? 100 ILE A C    1 
ATOM   811  O  O    . ILE A 1 100 ? 3.167   -13.119 -3.596  1.00 50.93 ? 100 ILE A O    1 
ATOM   812  C  CB   . ILE A 1 100 ? 0.783   -11.977 -4.993  1.00 49.35 ? 100 ILE A CB   1 
ATOM   813  C  CG1  . ILE A 1 100 ? -0.268  -11.799 -6.177  1.00 49.47 ? 100 ILE A CG1  1 
ATOM   814  C  CG2  . ILE A 1 100 ? 0.875   -10.746 -4.051  1.00 48.68 ? 100 ILE A CG2  1 
ATOM   815  C  CD1  . ILE A 1 100 ? -1.683  -11.501 -5.522  1.00 50.57 ? 100 ILE A CD1  1 
ATOM   816  N  N    . ASN A 1 101 ? 4.366   -11.684 -4.904  1.00 51.35 ? 101 ASN A N    1 
ATOM   817  C  CA   . ASN A 1 101 ? 5.507   -11.640 -3.927  1.00 52.15 ? 101 ASN A CA   1 
ATOM   818  C  C    . ASN A 1 101 ? 5.999   -10.199 -3.816  1.00 52.25 ? 101 ASN A C    1 
ATOM   819  O  O    . ASN A 1 101 ? 5.240   -9.363  -3.310  1.00 52.66 ? 101 ASN A O    1 
ATOM   820  C  CB   . ASN A 1 101 ? 6.583   -12.647 -4.309  1.00 52.69 ? 101 ASN A CB   1 
ATOM   821  C  CG   . ASN A 1 101 ? 6.674   -12.874 -5.814  1.00 53.16 ? 101 ASN A CG   1 
ATOM   822  O  OD1  . ASN A 1 101 ? 6.651   -11.986 -6.676  1.00 53.24 ? 101 ASN A OD1  1 
ATOM   823  N  ND2  . ASN A 1 101 ? 6.871   -14.177 -6.122  1.00 53.79 ? 101 ASN A ND2  1 
ATOM   824  N  N    . SER A 1 102 ? 7.194   -9.911  -4.267  1.00 52.51 ? 102 SER A N    1 
ATOM   825  C  CA   . SER A 1 102 ? 7.726   -8.530  -4.225  1.00 52.81 ? 102 SER A CA   1 
ATOM   826  C  C    . SER A 1 102 ? 7.981   -8.176  -5.695  1.00 52.91 ? 102 SER A C    1 
ATOM   827  O  O    . SER A 1 102 ? 7.739   -7.105  -6.260  1.00 52.96 ? 102 SER A O    1 
ATOM   828  C  CB   . SER A 1 102 ? 8.944   -8.414  -3.364  1.00 53.14 ? 102 SER A CB   1 
ATOM   829  O  OG   . SER A 1 102 ? 8.949   -9.254  -2.219  1.00 53.73 ? 102 SER A OG   1 
ATOM   830  N  N    . THR A 1 103 ? 8.501   -9.225  -6.307  1.00 52.88 ? 103 THR A N    1 
ATOM   831  C  CA   . THR A 1 103 ? 8.773   -9.172  -7.754  1.00 52.94 ? 103 THR A CA   1 
ATOM   832  C  C    . THR A 1 103 ? 7.463   -8.827  -8.458  1.00 52.14 ? 103 THR A C    1 
ATOM   833  O  O    . THR A 1 103 ? 7.487   -7.980  -9.376  1.00 52.09 ? 103 THR A O    1 
ATOM   834  C  CB   . THR A 1 103 ? 9.506   -10.504 -8.213  1.00 53.95 ? 103 THR A CB   1 
ATOM   835  O  OG1  . THR A 1 103 ? 10.879  -10.072 -8.556  1.00 54.34 ? 103 THR A OG1  1 
ATOM   836  C  CG2  . THR A 1 103 ? 8.855   -11.337 -9.322  1.00 53.57 ? 103 THR A CG2  1 
ATOM   837  N  N    . THR A 1 104 ? 6.343   -9.382  -7.993  1.00 51.35 ? 104 THR A N    1 
ATOM   838  C  CA   . THR A 1 104 ? 5.087   -9.106  -8.724  1.00 50.78 ? 104 THR A CA   1 
ATOM   839  C  C    . THR A 1 104 ? 4.344   -7.821  -8.340  1.00 49.73 ? 104 THR A C    1 
ATOM   840  O  O    . THR A 1 104 ? 3.849   -7.131  -9.281  1.00 49.80 ? 104 THR A O    1 
ATOM   841  C  CB   . THR A 1 104 ? 4.087   -10.341 -8.821  1.00 51.24 ? 104 THR A CB   1 
ATOM   842  O  OG1  . THR A 1 104 ? 4.701   -11.424 -9.613  1.00 51.21 ? 104 THR A OG1  1 
ATOM   843  C  CG2  . THR A 1 104 ? 2.746   -9.951  -9.475  1.00 50.89 ? 104 THR A CG2  1 
ATOM   844  N  N    . HIS A 1 105 ? 4.248   -7.563  -7.050  1.00 48.09 ? 105 HIS A N    1 
ATOM   845  C  CA   . HIS A 1 105 ? 3.543   -6.369  -6.516  1.00 46.23 ? 105 HIS A CA   1 
ATOM   846  C  C    . HIS A 1 105 ? 4.500   -5.747  -5.505  1.00 45.12 ? 105 HIS A C    1 
ATOM   847  O  O    . HIS A 1 105 ? 4.418   -6.074  -4.319  1.00 45.08 ? 105 HIS A O    1 
ATOM   848  C  CB   . HIS A 1 105 ? 2.218   -6.777  -5.854  1.00 45.59 ? 105 HIS A CB   1 
ATOM   849  C  CG   . HIS A 1 105 ? 1.272   -7.513  -6.752  1.00 45.18 ? 105 HIS A CG   1 
ATOM   850  N  ND1  . HIS A 1 105 ? 0.003   -7.100  -7.094  1.00 45.08 ? 105 HIS A ND1  1 
ATOM   851  C  CD2  . HIS A 1 105 ? 1.428   -8.712  -7.359  1.00 44.92 ? 105 HIS A CD2  1 
ATOM   852  C  CE1  . HIS A 1 105 ? -0.571  -8.000  -7.864  1.00 44.77 ? 105 HIS A CE1  1 
ATOM   853  N  NE2  . HIS A 1 105 ? 0.282   -8.987  -8.050  1.00 44.46 ? 105 HIS A NE2  1 
ATOM   854  N  N    . PRO A 1 106 ? 5.383   -4.882  -5.981  1.00 44.27 ? 106 PRO A N    1 
ATOM   855  C  CA   . PRO A 1 106 ? 6.464   -4.314  -5.192  1.00 43.43 ? 106 PRO A CA   1 
ATOM   856  C  C    . PRO A 1 106 ? 6.150   -2.986  -4.489  1.00 42.39 ? 106 PRO A C    1 
ATOM   857  O  O    . PRO A 1 106 ? 7.027   -2.541  -3.705  1.00 42.36 ? 106 PRO A O    1 
ATOM   858  C  CB   . PRO A 1 106 ? 7.552   -3.919  -6.187  1.00 43.87 ? 106 PRO A CB   1 
ATOM   859  C  CG   . PRO A 1 106 ? 6.883   -3.927  -7.529  1.00 44.35 ? 106 PRO A CG   1 
ATOM   860  C  CD   . PRO A 1 106 ? 5.507   -4.544  -7.404  1.00 44.28 ? 106 PRO A CD   1 
ATOM   861  N  N    . GLY A 1 107 ? 5.070   -2.342  -4.886  1.00 40.65 ? 107 GLY A N    1 
ATOM   862  C  CA   . GLY A 1 107 ? 4.771   -1.071  -4.197  1.00 38.94 ? 107 GLY A CA   1 
ATOM   863  C  C    . GLY A 1 107 ? 4.313   -1.501  -2.794  1.00 38.02 ? 107 GLY A C    1 
ATOM   864  O  O    . GLY A 1 107 ? 4.545   -0.782  -1.800  1.00 38.58 ? 107 GLY A O    1 
ATOM   865  N  N    . ALA A 1 108 ? 3.702   -2.658  -2.766  1.00 36.90 ? 108 ALA A N    1 
ATOM   866  C  CA   . ALA A 1 108 ? 3.080   -3.380  -1.664  1.00 35.71 ? 108 ALA A CA   1 
ATOM   867  C  C    . ALA A 1 108 ? 4.047   -3.979  -0.666  1.00 34.97 ? 108 ALA A C    1 
ATOM   868  O  O    . ALA A 1 108 ? 4.623   -5.012  -1.041  1.00 35.93 ? 108 ALA A O    1 
ATOM   869  C  CB   . ALA A 1 108 ? 2.244   -4.580  -2.171  1.00 34.77 ? 108 ALA A CB   1 
ATOM   870  N  N    . ASP A 1 109 ? 4.094   -3.478  0.529   1.00 34.07 ? 109 ASP A N    1 
ATOM   871  C  CA   . ASP A 1 109 ? 4.995   -3.872  1.612   1.00 32.93 ? 109 ASP A CA   1 
ATOM   872  C  C    . ASP A 1 109 ? 4.734   -5.268  2.140   1.00 32.75 ? 109 ASP A C    1 
ATOM   873  O  O    . ASP A 1 109 ? 4.200   -5.442  3.242   1.00 32.06 ? 109 ASP A O    1 
ATOM   874  C  CB   . ASP A 1 109 ? 4.786   -2.871  2.724   1.00 32.69 ? 109 ASP A CB   1 
ATOM   875  C  CG   . ASP A 1 109 ? 5.894   -2.735  3.759   1.00 32.84 ? 109 ASP A CG   1 
ATOM   876  O  OD1  . ASP A 1 109 ? 6.980   -3.409  3.643   1.00 33.56 ? 109 ASP A OD1  1 
ATOM   877  O  OD2  . ASP A 1 109 ? 5.726   -1.928  4.756   1.00 33.01 ? 109 ASP A OD2  1 
ATOM   878  N  N    . LEU A 1 110 ? 5.143   -6.222  1.346   1.00 32.75 ? 110 LEU A N    1 
ATOM   879  C  CA   . LEU A 1 110 ? 5.016   -7.624  1.707   1.00 33.11 ? 110 LEU A CA   1 
ATOM   880  C  C    . LEU A 1 110 ? 6.173   -8.006  2.647   1.00 33.67 ? 110 LEU A C    1 
ATOM   881  O  O    . LEU A 1 110 ? 6.988   -8.885  2.325   1.00 33.98 ? 110 LEU A O    1 
ATOM   882  C  CB   . LEU A 1 110 ? 5.041   -8.491  0.440   1.00 32.82 ? 110 LEU A CB   1 
ATOM   883  C  CG   . LEU A 1 110 ? 3.655   -8.679  -0.194  1.00 33.55 ? 110 LEU A CG   1 
ATOM   884  C  CD1  . LEU A 1 110 ? 2.574   -7.816  0.460   1.00 33.84 ? 110 LEU A CD1  1 
ATOM   885  C  CD2  . LEU A 1 110 ? 3.620   -8.323  -1.684  1.00 33.02 ? 110 LEU A CD2  1 
ATOM   886  N  N    . ARG A 1 111 ? 6.242   -7.313  3.803   1.00 34.52 ? 111 ARG A N    1 
ATOM   887  C  CA   . ARG A 1 111 ? 7.262   -7.633  4.836   1.00 35.52 ? 111 ARG A CA   1 
ATOM   888  C  C    . ARG A 1 111 ? 6.642   -8.513  5.924   1.00 35.54 ? 111 ARG A C    1 
ATOM   889  O  O    . ARG A 1 111 ? 5.503   -8.280  6.366   1.00 35.56 ? 111 ARG A O    1 
ATOM   890  C  CB   . ARG A 1 111 ? 7.931   -6.407  5.541   1.00 37.49 ? 111 ARG A CB   1 
ATOM   891  C  CG   . ARG A 1 111 ? 7.232   -5.052  5.418   1.00 39.79 ? 111 ARG A CG   1 
ATOM   892  C  CD   . ARG A 1 111 ? 7.237   -4.210  6.720   1.00 41.30 ? 111 ARG A CD   1 
ATOM   893  N  NE   . ARG A 1 111 ? 5.863   -4.105  7.171   1.00 43.69 ? 111 ARG A NE   1 
ATOM   894  C  CZ   . ARG A 1 111 ? 5.263   -3.280  8.025   1.00 44.38 ? 111 ARG A CZ   1 
ATOM   895  N  NH1  . ARG A 1 111 ? 5.887   -2.323  8.711   1.00 44.48 ? 111 ARG A NH1  1 
ATOM   896  N  NH2  . ARG A 1 111 ? 3.953   -3.356  8.238   1.00 44.13 ? 111 ARG A NH2  1 
ATOM   897  N  N    . GLU A 1 112 ? 7.450   -9.489  6.293   1.00 35.80 ? 112 GLU A N    1 
ATOM   898  C  CA   . GLU A 1 112 ? 7.113   -10.517 7.284   1.00 35.88 ? 112 GLU A CA   1 
ATOM   899  C  C    . GLU A 1 112 ? 6.001   -11.412 6.743   1.00 34.78 ? 112 GLU A C    1 
ATOM   900  O  O    . GLU A 1 112 ? 6.041   -11.851 5.586   1.00 35.00 ? 112 GLU A O    1 
ATOM   901  C  CB   . GLU A 1 112 ? 6.613   -9.895  8.599   1.00 38.27 ? 112 GLU A CB   1 
ATOM   902  C  CG   . GLU A 1 112 ? 7.369   -8.633  9.015   1.00 40.05 ? 112 GLU A CG   1 
ATOM   903  C  CD   . GLU A 1 112 ? 8.582   -8.910  9.908   1.00 42.22 ? 112 GLU A CD   1 
ATOM   904  O  OE1  . GLU A 1 112 ? 9.321   -9.946  9.693   1.00 43.07 ? 112 GLU A OE1  1 
ATOM   905  O  OE2  . GLU A 1 112 ? 8.867   -8.100  10.870  1.00 43.18 ? 112 GLU A OE2  1 
ATOM   906  N  N    . ASN A 1 113 ? 5.067   -11.624 7.626   1.00 33.87 ? 113 ASN A N    1 
ATOM   907  C  CA   . ASN A 1 113 ? 3.868   -12.432 7.406   1.00 33.13 ? 113 ASN A CA   1 
ATOM   908  C  C    . ASN A 1 113 ? 2.661   -11.540 7.707   1.00 32.76 ? 113 ASN A C    1 
ATOM   909  O  O    . ASN A 1 113 ? 1.716   -12.068 8.333   1.00 33.31 ? 113 ASN A O    1 
ATOM   910  C  CB   . ASN A 1 113 ? 3.873   -13.538 8.434   1.00 32.15 ? 113 ASN A CB   1 
ATOM   911  C  CG   . ASN A 1 113 ? 4.038   -12.934 9.824   1.00 31.18 ? 113 ASN A CG   1 
ATOM   912  O  OD1  . ASN A 1 113 ? 3.429   -13.408 10.775  1.00 31.76 ? 113 ASN A OD1  1 
ATOM   913  N  ND2  . ASN A 1 113 ? 4.825   -11.882 9.984   1.00 29.72 ? 113 ASN A ND2  1 
ATOM   914  N  N    . PHE A 1 114 ? 2.745   -10.266 7.387   1.00 31.77 ? 114 PHE A N    1 
ATOM   915  C  CA   . PHE A 1 114 ? 1.795   -9.178  7.567   1.00 30.41 ? 114 PHE A CA   1 
ATOM   916  C  C    . PHE A 1 114 ? 0.628   -9.237  6.530   1.00 30.19 ? 114 PHE A C    1 
ATOM   917  O  O    . PHE A 1 114 ? 0.817   -9.647  5.376   1.00 30.16 ? 114 PHE A O    1 
ATOM   918  C  CB   . PHE A 1 114 ? 2.568   -7.880  7.348   1.00 30.14 ? 114 PHE A CB   1 
ATOM   919  C  CG   . PHE A 1 114 ? 3.569   -7.559  8.450   1.00 30.23 ? 114 PHE A CG   1 
ATOM   920  C  CD1  . PHE A 1 114 ? 3.420   -8.123  9.720   1.00 29.95 ? 114 PHE A CD1  1 
ATOM   921  C  CD2  . PHE A 1 114 ? 4.636   -6.696  8.181   1.00 29.71 ? 114 PHE A CD2  1 
ATOM   922  C  CE1  . PHE A 1 114 ? 4.343   -7.822  10.729  1.00 29.41 ? 114 PHE A CE1  1 
ATOM   923  C  CE2  . PHE A 1 114 ? 5.559   -6.394  9.189   1.00 29.48 ? 114 PHE A CE2  1 
ATOM   924  C  CZ   . PHE A 1 114 ? 5.413   -6.958  10.463  1.00 29.17 ? 114 PHE A CZ   1 
ATOM   925  N  N    . CYS A 1 115 ? -0.564  -8.810  6.986   1.00 29.72 ? 115 CYS A N    1 
ATOM   926  C  CA   . CYS A 1 115 ? -1.824  -8.737  6.155   1.00 29.14 ? 115 CYS A CA   1 
ATOM   927  C  C    . CYS A 1 115 ? -1.648  -7.565  5.140   1.00 28.01 ? 115 CYS A C    1 
ATOM   928  O  O    . CYS A 1 115 ? -1.231  -6.462  5.511   1.00 27.50 ? 115 CYS A O    1 
ATOM   929  C  CB   . CYS A 1 115 ? -3.035  -8.532  7.068   1.00 30.73 ? 115 CYS A CB   1 
ATOM   930  S  SG   . CYS A 1 115 ? -3.196  -9.853  8.369   1.00 30.85 ? 115 CYS A SG   1 
ATOM   931  N  N    . ARG A 1 116 ? -1.989  -7.764  3.834   1.00 27.38 ? 116 ARG A N    1 
ATOM   932  C  CA   . ARG A 1 116 ? -1.688  -6.680  2.824   1.00 28.31 ? 116 ARG A CA   1 
ATOM   933  C  C    . ARG A 1 116 ? -2.702  -6.355  1.681   1.00 29.13 ? 116 ARG A C    1 
ATOM   934  O  O    . ARG A 1 116 ? -3.045  -5.201  1.426   1.00 29.55 ? 116 ARG A O    1 
ATOM   935  C  CB   . ARG A 1 116 ? -0.442  -7.023  2.019   1.00 27.69 ? 116 ARG A CB   1 
ATOM   936  C  CG   . ARG A 1 116 ? 0.857   -6.834  2.794   1.00 27.23 ? 116 ARG A CG   1 
ATOM   937  C  CD   . ARG A 1 116 ? 1.207   -5.365  3.042   1.00 27.11 ? 116 ARG A CD   1 
ATOM   938  N  NE   . ARG A 1 116 ? 0.904   -4.947  4.416   1.00 26.14 ? 116 ARG A NE   1 
ATOM   939  C  CZ   . ARG A 1 116 ? 1.816   -4.537  5.313   1.00 26.24 ? 116 ARG A CZ   1 
ATOM   940  N  NH1  . ARG A 1 116 ? 3.120   -4.465  5.005   1.00 26.03 ? 116 ARG A NH1  1 
ATOM   941  N  NH2  . ARG A 1 116 ? 1.515   -4.182  6.567   1.00 25.74 ? 116 ARG A NH2  1 
ATOM   942  N  N    . ASN A 1 117 ? -3.149  -7.329  0.925   1.00 29.99 ? 117 ASN A N    1 
ATOM   943  C  CA   . ASN A 1 117 ? -4.074  -7.052  -0.212  1.00 30.75 ? 117 ASN A CA   1 
ATOM   944  C  C    . ASN A 1 117 ? -3.316  -6.364  -1.379  1.00 31.15 ? 117 ASN A C    1 
ATOM   945  O  O    . ASN A 1 117 ? -3.566  -5.188  -1.706  1.00 31.12 ? 117 ASN A O    1 
ATOM   946  C  CB   . ASN A 1 117 ? -5.206  -6.111  0.231   1.00 30.76 ? 117 ASN A CB   1 
ATOM   947  C  CG   . ASN A 1 117 ? -6.428  -6.146  -0.703  1.00 30.97 ? 117 ASN A CG   1 
ATOM   948  O  OD1  . ASN A 1 117 ? -6.277  -6.296  -1.915  1.00 30.49 ? 117 ASN A OD1  1 
ATOM   949  N  ND2  . ASN A 1 117 ? -7.644  -6.016  -0.205  1.00 31.12 ? 117 ASN A ND2  1 
ATOM   950  N  N    . PRO A 1 118 ? -2.371  -7.053  -2.042  1.00 31.45 ? 118 PRO A N    1 
ATOM   951  C  CA   . PRO A 1 118 ? -1.632  -6.471  -3.174  1.00 31.29 ? 118 PRO A CA   1 
ATOM   952  C  C    . PRO A 1 118 ? -2.642  -6.182  -4.295  1.00 30.92 ? 118 PRO A C    1 
ATOM   953  O  O    . PRO A 1 118 ? -2.560  -5.307  -5.110  1.00 30.67 ? 118 PRO A O    1 
ATOM   954  C  CB   . PRO A 1 118 ? -0.682  -7.581  -3.574  1.00 31.41 ? 118 PRO A CB   1 
ATOM   955  C  CG   . PRO A 1 118 ? -0.938  -8.777  -2.656  1.00 31.42 ? 118 PRO A CG   1 
ATOM   956  C  CD   . PRO A 1 118 ? -2.022  -8.428  -1.690  1.00 31.37 ? 118 PRO A CD   1 
ATOM   957  N  N    . ASP A 1 119 ? -3.558  -7.125  -4.257  1.00 31.42 ? 119 ASP A N    1 
ATOM   958  C  CA   . ASP A 1 119 ? -4.671  -7.382  -5.162  1.00 31.86 ? 119 ASP A CA   1 
ATOM   959  C  C    . ASP A 1 119 ? -5.991  -6.637  -5.009  1.00 31.68 ? 119 ASP A C    1 
ATOM   960  O  O    . ASP A 1 119 ? -6.743  -6.744  -6.002  1.00 31.73 ? 119 ASP A O    1 
ATOM   961  C  CB   . ASP A 1 119 ? -4.830  -8.897  -5.271  1.00 31.60 ? 119 ASP A CB   1 
ATOM   962  C  CG   . ASP A 1 119 ? -5.414  -9.717  -4.165  1.00 31.69 ? 119 ASP A CG   1 
ATOM   963  O  OD1  . ASP A 1 119 ? -5.544  -9.213  -3.026  1.00 31.11 ? 119 ASP A OD1  1 
ATOM   964  O  OD2  . ASP A 1 119 ? -5.734  -10.919 -4.465  1.00 32.25 ? 119 ASP A OD2  1 
ATOM   965  N  N    . GLY A 1 120 ? -6.265  -5.892  -3.967  1.00 31.67 ? 120 GLY A N    1 
ATOM   966  C  CA   . GLY A 1 120 ? -7.534  -5.157  -3.847  1.00 31.86 ? 120 GLY A CA   1 
ATOM   967  C  C    . GLY A 1 120 ? -8.708  -6.150  -3.849  1.00 31.81 ? 120 GLY A C    1 
ATOM   968  O  O    . GLY A 1 120 ? -9.752  -5.909  -4.504  1.00 32.25 ? 120 GLY A O    1 
ATOM   969  N  N    . SER A 1 121 ? -8.512  -7.248  -3.140  1.00 31.12 ? 121 SER A N    1 
ATOM   970  C  CA   . SER A 1 121 ? -9.609  -8.253  -3.081  1.00 30.46 ? 121 SER A CA   1 
ATOM   971  C  C    . SER A 1 121 ? -10.691 -7.512  -2.252  1.00 30.19 ? 121 SER A C    1 
ATOM   972  O  O    . SER A 1 121 ? -10.274 -6.672  -1.412  1.00 29.20 ? 121 SER A O    1 
ATOM   973  C  CB   . SER A 1 121 ? -9.233  -9.689  -2.674  1.00 29.78 ? 121 SER A CB   1 
ATOM   974  O  OG   . SER A 1 121 ? -9.301  -10.048 -1.318  1.00 28.42 ? 121 SER A OG   1 
ATOM   975  N  N    . ILE A 1 122 ? -11.945 -7.875  -2.630  1.00 30.06 ? 122 ILE A N    1 
ATOM   976  C  CA   . ILE A 1 122 ? -13.141 -7.289  -2.042  1.00 29.83 ? 122 ILE A CA   1 
ATOM   977  C  C    . ILE A 1 122 ? -13.283 -7.474  -0.551  1.00 29.87 ? 122 ILE A C    1 
ATOM   978  O  O    . ILE A 1 122 ? -13.819 -6.587  0.131   1.00 30.45 ? 122 ILE A O    1 
ATOM   979  C  CB   . ILE A 1 122 ? -14.501 -7.640  -2.728  1.00 29.49 ? 122 ILE A CB   1 
ATOM   980  C  CG1  . ILE A 1 122 ? -14.682 -9.162  -2.977  1.00 31.30 ? 122 ILE A CG1  1 
ATOM   981  C  CG2  . ILE A 1 122 ? -14.609 -6.975  -4.108  1.00 30.41 ? 122 ILE A CG2  1 
ATOM   982  C  CD1  . ILE A 1 122 ? -15.368 -9.964  -1.848  1.00 31.31 ? 122 ILE A CD1  1 
ATOM   983  N  N    . THR A 1 123 ? -12.798 -8.543  -0.004  1.00 29.27 ? 123 THR A N    1 
ATOM   984  C  CA   . THR A 1 123 ? -13.006 -8.745  1.427   1.00 29.39 ? 123 THR A CA   1 
ATOM   985  C  C    . THR A 1 123 ? -11.853 -8.155  2.328   1.00 29.48 ? 123 THR A C    1 
ATOM   986  O  O    . THR A 1 123 ? -11.823 -8.421  3.531   1.00 29.76 ? 123 THR A O    1 
ATOM   987  C  CB   . THR A 1 123 ? -13.231 -10.223 1.647   1.00 29.39 ? 123 THR A CB   1 
ATOM   988  O  OG1  . THR A 1 123 ? -12.240 -10.925 0.930   1.00 30.69 ? 123 THR A OG1  1 
ATOM   989  C  CG2  . THR A 1 123 ? -14.616 -10.696 1.132   1.00 29.22 ? 123 THR A CG2  1 
ATOM   990  N  N    . GLY A 1 124 ? -10.925 -7.357  1.730   1.00 29.57 ? 124 GLY A N    1 
ATOM   991  C  CA   . GLY A 1 124 ? -9.851  -6.587  2.487   1.00 29.66 ? 124 GLY A CA   1 
ATOM   992  C  C    . GLY A 1 124 ? -8.458  -7.226  2.649   1.00 28.99 ? 124 GLY A C    1 
ATOM   993  O  O    . GLY A 1 124 ? -8.149  -8.276  2.069   1.00 28.23 ? 124 GLY A O    1 
ATOM   994  N  N    . PRO A 1 125 ? -7.590  -6.569  3.490   1.00 28.81 ? 125 PRO A N    1 
ATOM   995  C  CA   . PRO A 1 125 ? -6.224  -7.030  3.734   1.00 28.96 ? 125 PRO A CA   1 
ATOM   996  C  C    . PRO A 1 125 ? -6.250  -8.450  4.218   1.00 28.76 ? 125 PRO A C    1 
ATOM   997  O  O    . PRO A 1 125 ? -6.997  -8.748  5.189   1.00 28.89 ? 125 PRO A O    1 
ATOM   998  C  CB   . PRO A 1 125 ? -5.686  -6.050  4.765   1.00 28.73 ? 125 PRO A CB   1 
ATOM   999  C  CG   . PRO A 1 125 ? -6.776  -5.020  5.051   1.00 28.58 ? 125 PRO A CG   1 
ATOM   1000 C  CD   . PRO A 1 125 ? -7.973  -5.342  4.210   1.00 28.54 ? 125 PRO A CD   1 
ATOM   1001 N  N    . TRP A 1 126 ? -5.450  -9.265  3.545   1.00 28.18 ? 126 TRP A N    1 
ATOM   1002 C  CA   . TRP A 1 126 ? -5.341  -10.721 3.809   1.00 28.23 ? 126 TRP A CA   1 
ATOM   1003 C  C    . TRP A 1 126 ? -3.907  -11.217 3.694   1.00 28.61 ? 126 TRP A C    1 
ATOM   1004 O  O    . TRP A 1 126 ? -2.967  -10.503 3.427   1.00 28.68 ? 126 TRP A O    1 
ATOM   1005 C  CB   . TRP A 1 126 ? -6.075  -11.476 2.735   1.00 27.70 ? 126 TRP A CB   1 
ATOM   1006 C  CG   . TRP A 1 126 ? -5.501  -11.094 1.376   1.00 27.43 ? 126 TRP A CG   1 
ATOM   1007 C  CD1  . TRP A 1 126 ? -5.751  -9.972  0.693   1.00 27.50 ? 126 TRP A CD1  1 
ATOM   1008 C  CD2  . TRP A 1 126 ? -4.592  -11.874 0.622   1.00 27.89 ? 126 TRP A CD2  1 
ATOM   1009 N  NE1  . TRP A 1 126 ? -4.990  -10.037 -0.515  1.00 27.72 ? 126 TRP A NE1  1 
ATOM   1010 C  CE2  . TRP A 1 126 ? -4.316  -11.162 -0.537  1.00 28.58 ? 126 TRP A CE2  1 
ATOM   1011 C  CE3  . TRP A 1 126 ? -3.984  -13.118 0.823   1.00 27.82 ? 126 TRP A CE3  1 
ATOM   1012 C  CZ2  . TRP A 1 126 ? -3.451  -11.629 -1.531  1.00 28.59 ? 126 TRP A CZ2  1 
ATOM   1013 C  CZ3  . TRP A 1 126 ? -3.115  -13.582 -0.184  1.00 27.73 ? 126 TRP A CZ3  1 
ATOM   1014 C  CH2  . TRP A 1 126 ? -2.861  -12.872 -1.306  1.00 28.52 ? 126 TRP A CH2  1 
ATOM   1015 N  N    . CYS A 1 127 ? -3.739  -12.478 3.817   1.00 28.81 ? 127 CYS A N    1 
ATOM   1016 C  CA   . CYS A 1 127 ? -2.417  -13.077 3.763   1.00 28.95 ? 127 CYS A CA   1 
ATOM   1017 C  C    . CYS A 1 127 ? -2.538  -14.538 3.500   1.00 28.83 ? 127 CYS A C    1 
ATOM   1018 O  O    . CYS A 1 127 ? -3.649  -15.062 3.414   1.00 28.86 ? 127 CYS A O    1 
ATOM   1019 C  CB   . CYS A 1 127 ? -1.761  -12.916 5.112   1.00 28.68 ? 127 CYS A CB   1 
ATOM   1020 S  SG   . CYS A 1 127 ? -2.540  -14.035 6.376   1.00 27.44 ? 127 CYS A SG   1 
ATOM   1021 N  N    . TYR A 1 128 ? -1.392  -15.160 3.386   1.00 29.03 ? 128 TYR A N    1 
ATOM   1022 C  CA   . TYR A 1 128 ? -1.339  -16.599 3.182   1.00 29.86 ? 128 TYR A CA   1 
ATOM   1023 C  C    . TYR A 1 128 ? -1.346  -17.229 4.571   1.00 29.99 ? 128 TYR A C    1 
ATOM   1024 O  O    . TYR A 1 128 ? -0.746  -16.683 5.528   1.00 30.08 ? 128 TYR A O    1 
ATOM   1025 C  CB   . TYR A 1 128 ? -0.082  -16.981 2.396   1.00 30.02 ? 128 TYR A CB   1 
ATOM   1026 C  CG   . TYR A 1 128 ? -0.122  -16.563 0.910   1.00 31.22 ? 128 TYR A CG   1 
ATOM   1027 C  CD1  . TYR A 1 128 ? -0.865  -17.311 -0.039  1.00 31.36 ? 128 TYR A CD1  1 
ATOM   1028 C  CD2  . TYR A 1 128 ? 0.584   -15.433 0.493   1.00 31.57 ? 128 TYR A CD2  1 
ATOM   1029 C  CE1  . TYR A 1 128 ? -0.864  -16.922 -1.398  1.00 31.66 ? 128 TYR A CE1  1 
ATOM   1030 C  CE2  . TYR A 1 128 ? 0.587   -15.055 -0.853  1.00 32.46 ? 128 TYR A CE2  1 
ATOM   1031 C  CZ   . TYR A 1 128 ? -0.125  -15.794 -1.796  1.00 32.56 ? 128 TYR A CZ   1 
ATOM   1032 O  OH   . TYR A 1 128 ? -0.076  -15.406 -3.101  1.00 33.42 ? 128 TYR A OH   1 
ATOM   1033 N  N    . THR A 1 129 ? -2.034  -18.367 4.696   1.00 30.26 ? 129 THR A N    1 
ATOM   1034 C  CA   . THR A 1 129 ? -2.100  -19.005 6.002   1.00 30.73 ? 129 THR A CA   1 
ATOM   1035 C  C    . THR A 1 129 ? -1.192  -20.235 6.103   1.00 30.76 ? 129 THR A C    1 
ATOM   1036 O  O    . THR A 1 129 ? -0.733  -20.879 5.168   1.00 29.92 ? 129 THR A O    1 
ATOM   1037 C  CB   . THR A 1 129 ? -3.524  -19.391 6.453   1.00 31.03 ? 129 THR A CB   1 
ATOM   1038 O  OG1  . THR A 1 129 ? -4.130  -20.280 5.538   1.00 31.02 ? 129 THR A OG1  1 
ATOM   1039 C  CG2  . THR A 1 129 ? -4.444  -18.162 6.607   1.00 29.65 ? 129 THR A CG2  1 
ATOM   1040 N  N    . THR A 1 130 ? -0.952  -20.440 7.385   1.00 31.63 ? 130 THR A N    1 
ATOM   1041 C  CA   . THR A 1 130 ? -0.204  -21.603 7.864   1.00 32.95 ? 130 THR A CA   1 
ATOM   1042 C  C    . THR A 1 130 ? -0.892  -22.919 7.464   1.00 33.70 ? 130 THR A C    1 
ATOM   1043 O  O    . THR A 1 130 ? -0.254  -23.849 6.930   1.00 33.76 ? 130 THR A O    1 
ATOM   1044 C  CB   . THR A 1 130 ? -0.035  -21.456 9.438   1.00 32.64 ? 130 THR A CB   1 
ATOM   1045 O  OG1  . THR A 1 130 ? 0.963   -20.413 9.556   1.00 33.06 ? 130 THR A OG1  1 
ATOM   1046 C  CG2  . THR A 1 130 ? 0.314   -22.787 10.116  1.00 33.03 ? 130 THR A CG2  1 
ATOM   1047 N  N    . SER A 1 131 ? -2.171  -23.033 7.795   1.00 34.51 ? 131 SER A N    1 
ATOM   1048 C  CA   . SER A 1 131 ? -2.971  -24.212 7.550   1.00 35.61 ? 131 SER A CA   1 
ATOM   1049 C  C    . SER A 1 131 ? -2.719  -24.660 6.105   1.00 36.42 ? 131 SER A C    1 
ATOM   1050 O  O    . SER A 1 131 ? -3.017  -23.866 5.219   1.00 36.16 ? 131 SER A O    1 
ATOM   1051 C  CB   . SER A 1 131 ? -4.476  -24.086 7.661   1.00 36.34 ? 131 SER A CB   1 
ATOM   1052 O  OG   . SER A 1 131 ? -4.895  -24.795 8.824   1.00 37.62 ? 131 SER A OG   1 
ATOM   1053 N  N    . PRO A 1 132 ? -2.198  -25.882 6.052   1.00 37.18 ? 132 PRO A N    1 
ATOM   1054 C  CA   . PRO A 1 132 ? -1.919  -26.502 4.744   1.00 37.22 ? 132 PRO A CA   1 
ATOM   1055 C  C    . PRO A 1 132 ? -3.289  -26.583 4.065   1.00 38.04 ? 132 PRO A C    1 
ATOM   1056 O  O    . PRO A 1 132 ? -3.472  -26.622 2.853   1.00 38.06 ? 132 PRO A O    1 
ATOM   1057 C  CB   . PRO A 1 132 ? -1.286  -27.830 5.086   1.00 36.91 ? 132 PRO A CB   1 
ATOM   1058 C  CG   . PRO A 1 132 ? -1.231  -27.958 6.581   1.00 36.60 ? 132 PRO A CG   1 
ATOM   1059 C  CD   . PRO A 1 132 ? -1.847  -26.744 7.201   1.00 36.78 ? 132 PRO A CD   1 
ATOM   1060 N  N    . THR A 1 133 ? -4.270  -26.594 4.943   1.00 38.97 ? 133 THR A N    1 
ATOM   1061 C  CA   . THR A 1 133 ? -5.704  -26.649 4.860   1.00 39.97 ? 133 THR A CA   1 
ATOM   1062 C  C    . THR A 1 133 ? -6.319  -25.487 4.053   1.00 40.25 ? 133 THR A C    1 
ATOM   1063 O  O    . THR A 1 133 ? -7.054  -25.715 3.060   1.00 40.70 ? 133 THR A O    1 
ATOM   1064 C  CB   . THR A 1 133 ? -6.332  -26.557 6.332   1.00 40.76 ? 133 THR A CB   1 
ATOM   1065 O  OG1  . THR A 1 133 ? -5.256  -26.818 7.301   1.00 41.07 ? 133 THR A OG1  1 
ATOM   1066 C  CG2  . THR A 1 133 ? -7.559  -27.451 6.563   1.00 40.66 ? 133 THR A CG2  1 
ATOM   1067 N  N    . LEU A 1 134 ? -6.008  -24.291 4.554   1.00 39.52 ? 134 LEU A N    1 
ATOM   1068 C  CA   . LEU A 1 134 ? -6.494  -23.032 3.988   1.00 39.06 ? 134 LEU A CA   1 
ATOM   1069 C  C    . LEU A 1 134 ? -5.339  -22.125 3.562   1.00 39.03 ? 134 LEU A C    1 
ATOM   1070 O  O    . LEU A 1 134 ? -4.547  -21.658 4.393   1.00 38.40 ? 134 LEU A O    1 
ATOM   1071 C  CB   . LEU A 1 134 ? -7.384  -22.413 5.076   1.00 38.98 ? 134 LEU A CB   1 
ATOM   1072 C  CG   . LEU A 1 134 ? -8.375  -21.352 4.596   1.00 39.39 ? 134 LEU A CG   1 
ATOM   1073 C  CD1  . LEU A 1 134 ? -8.095  -19.970 5.198   1.00 39.60 ? 134 LEU A CD1  1 
ATOM   1074 C  CD2  . LEU A 1 134 ? -8.381  -21.164 3.082   1.00 39.05 ? 134 LEU A CD2  1 
ATOM   1075 N  N    . ARG A 1 135 ? -5.348  -21.939 2.266   1.00 39.12 ? 135 ARG A N    1 
ATOM   1076 C  CA   . ARG A 1 135 ? -4.387  -21.146 1.501   1.00 39.51 ? 135 ARG A CA   1 
ATOM   1077 C  C    . ARG A 1 135 ? -4.286  -19.702 2.011   1.00 40.34 ? 135 ARG A C    1 
ATOM   1078 O  O    . ARG A 1 135 ? -3.329  -19.329 2.707   1.00 40.94 ? 135 ARG A O    1 
ATOM   1079 C  CB   . ARG A 1 135 ? -4.881  -21.098 0.069   1.00 39.60 ? 135 ARG A CB   1 
ATOM   1080 C  CG   . ARG A 1 135 ? -3.787  -21.259 -0.949  1.00 39.94 ? 135 ARG A CG   1 
ATOM   1081 C  CD   . ARG A 1 135 ? -3.572  -20.000 -1.766  1.00 40.83 ? 135 ARG A CD   1 
ATOM   1082 N  NE   . ARG A 1 135 ? -2.251  -20.010 -2.299  1.00 42.16 ? 135 ARG A NE   1 
ATOM   1083 C  CZ   . ARG A 1 135 ? -1.894  -20.256 -3.549  1.00 42.78 ? 135 ARG A CZ   1 
ATOM   1084 N  NH1  . ARG A 1 135 ? -2.775  -20.424 -4.542  1.00 42.71 ? 135 ARG A NH1  1 
ATOM   1085 N  NH2  . ARG A 1 135 ? -0.629  -20.422 -3.881  1.00 42.61 ? 135 ARG A NH2  1 
ATOM   1086 N  N    . ARG A 1 136 ? -5.281  -18.914 1.626   1.00 40.61 ? 136 ARG A N    1 
ATOM   1087 C  CA   . ARG A 1 136 ? -5.351  -17.488 1.993   1.00 40.43 ? 136 ARG A CA   1 
ATOM   1088 C  C    . ARG A 1 136 ? -6.706  -17.148 2.606   1.00 40.66 ? 136 ARG A C    1 
ATOM   1089 O  O    . ARG A 1 136 ? -7.714  -17.830 2.375   1.00 40.96 ? 136 ARG A O    1 
ATOM   1090 C  CB   . ARG A 1 136 ? -5.144  -16.599 0.767   1.00 40.49 ? 136 ARG A CB   1 
ATOM   1091 C  CG   . ARG A 1 136 ? -5.835  -17.109 -0.498  1.00 41.25 ? 136 ARG A CG   1 
ATOM   1092 C  CD   . ARG A 1 136 ? -5.651  -16.156 -1.681  1.00 42.19 ? 136 ARG A CD   1 
ATOM   1093 N  NE   . ARG A 1 136 ? -6.070  -14.784 -1.362  1.00 43.25 ? 136 ARG A NE   1 
ATOM   1094 C  CZ   . ARG A 1 136 ? -6.151  -13.784 -2.251  1.00 42.95 ? 136 ARG A CZ   1 
ATOM   1095 N  NH1  . ARG A 1 136 ? -5.834  -13.973 -3.539  1.00 42.77 ? 136 ARG A NH1  1 
ATOM   1096 N  NH2  . ARG A 1 136 ? -6.550  -12.544 -1.941  1.00 42.86 ? 136 ARG A NH2  1 
ATOM   1097 N  N    . GLU A 1 137 ? -6.703  -16.070 3.363   1.00 40.64 ? 137 GLU A N    1 
ATOM   1098 C  CA   . GLU A 1 137 ? -7.900  -15.638 4.073   1.00 40.69 ? 137 GLU A CA   1 
ATOM   1099 C  C    . GLU A 1 137 ? -7.723  -14.242 4.681   1.00 40.73 ? 137 GLU A C    1 
ATOM   1100 O  O    . GLU A 1 137 ? -6.618  -13.863 5.101   1.00 41.03 ? 137 GLU A O    1 
ATOM   1101 C  CB   . GLU A 1 137 ? -8.182  -16.633 5.190   1.00 41.10 ? 137 GLU A CB   1 
ATOM   1102 C  CG   . GLU A 1 137 ? -9.512  -16.391 5.886   1.00 41.88 ? 137 GLU A CG   1 
ATOM   1103 C  CD   . GLU A 1 137 ? -9.494  -16.822 7.347   1.00 42.82 ? 137 GLU A CD   1 
ATOM   1104 O  OE1  . GLU A 1 137 ? -8.569  -16.388 8.132   1.00 42.99 ? 137 GLU A OE1  1 
ATOM   1105 O  OE2  . GLU A 1 137 ? -10.402 -17.618 7.790   1.00 44.55 ? 137 GLU A OE2  1 
ATOM   1106 N  N    . GLU A 1 138 ? -8.856  -13.565 4.696   1.00 40.32 ? 138 GLU A N    1 
ATOM   1107 C  CA   . GLU A 1 138 ? -9.022  -12.197 5.204   1.00 39.98 ? 138 GLU A CA   1 
ATOM   1108 C  C    . GLU A 1 138 ? -8.514  -12.038 6.637   1.00 38.50 ? 138 GLU A C    1 
ATOM   1109 O  O    . GLU A 1 138 ? -8.539  -12.987 7.430   1.00 38.07 ? 138 GLU A O    1 
ATOM   1110 C  CB   . GLU A 1 138 ? -10.513 -11.845 5.274   1.00 42.50 ? 138 GLU A CB   1 
ATOM   1111 C  CG   . GLU A 1 138 ? -11.298 -12.191 4.004   1.00 45.59 ? 138 GLU A CG   1 
ATOM   1112 C  CD   . GLU A 1 138 ? -11.352 -13.690 3.675   1.00 47.30 ? 138 GLU A CD   1 
ATOM   1113 O  OE1  . GLU A 1 138 ? -10.541 -14.517 4.240   1.00 49.18 ? 138 GLU A OE1  1 
ATOM   1114 O  OE2  . GLU A 1 138 ? -12.213 -14.123 2.817   1.00 48.06 ? 138 GLU A OE2  1 
ATOM   1115 N  N    . CYS A 1 139 ? -8.082  -10.822 6.903   1.00 37.42 ? 139 CYS A N    1 
ATOM   1116 C  CA   . CYS A 1 139 ? -7.635  -10.387 8.232   1.00 36.95 ? 139 CYS A CA   1 
ATOM   1117 C  C    . CYS A 1 139 ? -8.636  -9.278  8.740   1.00 37.36 ? 139 CYS A C    1 
ATOM   1118 O  O    . CYS A 1 139 ? -9.396  -8.676  7.941   1.00 37.10 ? 139 CYS A O    1 
ATOM   1119 C  CB   . CYS A 1 139 ? -6.254  -9.724  8.160   1.00 34.79 ? 139 CYS A CB   1 
ATOM   1120 S  SG   . CYS A 1 139 ? -4.861  -10.901 7.818   1.00 32.91 ? 139 CYS A SG   1 
ATOM   1121 N  N    . SER A 1 140 ? -8.626  -9.027  10.046  1.00 37.83 ? 140 SER A N    1 
ATOM   1122 C  CA   . SER A 1 140 ? -9.496  -8.008  10.652  1.00 38.29 ? 140 SER A CA   1 
ATOM   1123 C  C    . SER A 1 140 ? -8.603  -6.808  11.036  1.00 38.69 ? 140 SER A C    1 
ATOM   1124 O  O    . SER A 1 140 ? -7.989  -6.736  12.115  1.00 38.37 ? 140 SER A O    1 
ATOM   1125 C  CB   . SER A 1 140 ? -10.268 -8.381  11.919  1.00 37.76 ? 140 SER A CB   1 
ATOM   1126 O  OG   . SER A 1 140 ? -9.270  -8.763  12.850  1.00 39.02 ? 140 SER A OG   1 
ATOM   1127 N  N    . VAL A 1 141 ? -8.569  -5.911  10.050  1.00 39.11 ? 141 VAL A N    1 
ATOM   1128 C  CA   . VAL A 1 141 ? -7.793  -4.672  10.189  1.00 39.25 ? 141 VAL A CA   1 
ATOM   1129 C  C    . VAL A 1 141 ? -8.788  -3.527  10.420  1.00 39.45 ? 141 VAL A C    1 
ATOM   1130 O  O    . VAL A 1 141 ? -9.898  -3.573  9.871   1.00 39.48 ? 141 VAL A O    1 
ATOM   1131 C  CB   . VAL A 1 141 ? -6.890  -4.448  8.971   1.00 38.56 ? 141 VAL A CB   1 
ATOM   1132 C  CG1  . VAL A 1 141 ? -5.991  -3.241  9.154   1.00 37.88 ? 141 VAL A CG1  1 
ATOM   1133 C  CG2  . VAL A 1 141 ? -6.084  -5.688  8.640   1.00 38.55 ? 141 VAL A CG2  1 
ATOM   1134 N  N    . PRO A 1 142 ? -8.334  -2.614  11.255  1.00 39.85 ? 142 PRO A N    1 
ATOM   1135 C  CA   . PRO A 1 142 ? -9.125  -1.435  11.613  1.00 40.17 ? 142 PRO A CA   1 
ATOM   1136 C  C    . PRO A 1 142 ? -9.331  -0.626  10.329  1.00 40.67 ? 142 PRO A C    1 
ATOM   1137 O  O    . PRO A 1 142 ? -8.554  -0.679  9.373   1.00 40.14 ? 142 PRO A O    1 
ATOM   1138 C  CB   . PRO A 1 142 ? -8.343  -0.701  12.672  1.00 40.14 ? 142 PRO A CB   1 
ATOM   1139 C  CG   . PRO A 1 142 ? -7.051  -1.419  12.883  1.00 39.67 ? 142 PRO A CG   1 
ATOM   1140 C  CD   . PRO A 1 142 ? -7.037  -2.620  11.959  1.00 39.94 ? 142 PRO A CD   1 
ATOM   1141 N  N    . VAL A 1 143 ? -10.469 0.040   10.370  1.00 41.34 ? 143 VAL A N    1 
ATOM   1142 C  CA   . VAL A 1 143 ? -10.991 0.886   9.277   1.00 41.81 ? 143 VAL A CA   1 
ATOM   1143 C  C    . VAL A 1 143 ? -10.650 2.337   9.611   1.00 42.69 ? 143 VAL A C    1 
ATOM   1144 O  O    . VAL A 1 143 ? -10.685 2.724   10.808  1.00 42.56 ? 143 VAL A O    1 
ATOM   1145 C  CB   . VAL A 1 143 ? -12.478 0.462   9.197   1.00 41.29 ? 143 VAL A CB   1 
ATOM   1146 C  CG1  . VAL A 1 143 ? -13.186 0.852   7.923   1.00 40.75 ? 143 VAL A CG1  1 
ATOM   1147 C  CG2  . VAL A 1 143 ? -12.621 -1.053  9.397   1.00 41.10 ? 143 VAL A CG2  1 
ATOM   1148 N  N    . CYS A 1 144 ? -10.261 3.094   8.582   1.00 43.19 ? 144 CYS A N    1 
ATOM   1149 C  CA   . CYS A 1 144 ? -9.931  4.534   8.721   1.00 43.49 ? 144 CYS A CA   1 
ATOM   1150 C  C    . CYS A 1 144 ? -11.077 5.390   9.153   1.00 44.00 ? 144 CYS A C    1 
ATOM   1151 O  O    . CYS A 1 144 ? -12.095 5.417   8.420   1.00 44.24 ? 144 CYS A O    1 
ATOM   1152 C  CB   . CYS A 1 144 ? -9.361  5.038   7.395   1.00 42.86 ? 144 CYS A CB   1 
ATOM   1153 S  SG   . CYS A 1 144 ? -7.636  4.433   7.080   1.00 42.41 ? 144 CYS A SG   1 
ATOM   1154 N  N    . GLY A 1 145 ? -10.871 6.081   10.275  1.00 44.29 ? 145 GLY A N    1 
ATOM   1155 C  CA   . GLY A 1 145 ? -11.944 6.914   10.876  1.00 44.42 ? 145 GLY A CA   1 
ATOM   1156 C  C    . GLY A 1 145 ? -13.091 5.943   11.271  1.00 44.52 ? 145 GLY A C    1 
ATOM   1157 O  O    . GLY A 1 145 ? -13.325 5.814   12.499  1.00 44.74 ? 145 GLY A O    1 
ATOM   1158 O  OXT  . GLY A 1 145 ? -13.722 5.269   10.434  1.00 44.12 ? 145 GLY A OXT  1 
HETATM 1159 C  C1   . NAG B 2 .   ? 8.075   -14.801 -5.850  0.60 57.05 ? 161 NAG A C1   1 
HETATM 1160 C  C2   . NAG B 2 .   ? 8.646   -15.423 -7.134  0.60 57.26 ? 161 NAG A C2   1 
HETATM 1161 C  C3   . NAG B 2 .   ? 9.829   -16.314 -6.798  0.60 57.23 ? 161 NAG A C3   1 
HETATM 1162 C  C4   . NAG B 2 .   ? 10.874  -15.535 -6.018  0.60 57.23 ? 161 NAG A C4   1 
HETATM 1163 C  C5   . NAG B 2 .   ? 10.235  -15.004 -4.734  0.60 57.11 ? 161 NAG A C5   1 
HETATM 1164 C  C6   . NAG B 2 .   ? 11.180  -14.204 -3.866  0.60 57.01 ? 161 NAG A C6   1 
HETATM 1165 C  C7   . NAG B 2 .   ? 7.175   -15.806 -9.041  0.60 57.71 ? 161 NAG A C7   1 
HETATM 1166 C  C8   . NAG B 2 .   ? 6.435   -14.475 -8.983  0.60 57.64 ? 161 NAG A C8   1 
HETATM 1167 N  N2   . NAG B 2 .   ? 7.600   -16.174 -7.803  0.60 57.53 ? 161 NAG A N2   1 
HETATM 1168 O  O3   . NAG B 2 .   ? 10.414  -16.754 -8.023  0.60 57.40 ? 161 NAG A O3   1 
HETATM 1169 O  O4   . NAG B 2 .   ? 11.963  -16.401 -5.644  0.60 57.57 ? 161 NAG A O4   1 
HETATM 1170 O  O5   . NAG B 2 .   ? 9.129   -14.142 -5.102  0.60 57.29 ? 161 NAG A O5   1 
HETATM 1171 O  O6   . NAG B 2 .   ? 10.880  -14.351 -2.500  0.60 56.62 ? 161 NAG A O6   1 
HETATM 1172 O  O7   . NAG B 2 .   ? 7.866   -16.090 -10.055 0.60 58.05 ? 161 NAG A O7   1 
HETATM 1173 SR SR   . SR  C 3 .   ? 11.271  13.481  -15.884 1.00 35.19 ? 171 SR  A SR   1 
HETATM 1174 SR SR   . SR  D 3 .   ? 8.239   17.049  -14.942 1.00 42.48 ? 172 SR  A SR   1 
HETATM 1175 SR SR   . SR  E 3 .   ? 8.758   18.317  -10.970 1.00 41.41 ? 173 SR  A SR   1 
HETATM 1176 SR SR   . SR  F 3 .   ? 4.856   19.673  -11.211 1.00 43.58 ? 174 SR  A SR   1 
HETATM 1177 SR SR   . SR  G 3 .   ? 2.714   22.562  -9.288  1.00 39.08 ? 175 SR  A SR   1 
HETATM 1178 SR SR   . SR  H 3 .   ? -0.058  24.701  -5.567  0.66 37.37 ? 176 SR  A SR   1 
HETATM 1179 SR SR   . SR  I 3 .   ? 1.428   22.198  2.875   0.63 34.16 ? 177 SR  A SR   1 
HETATM 1180 SR SR   . SR  J 3 .   ? 14.629  15.855  -9.884  0.43 33.80 ? 178 SR  A SR   1 
HETATM 1181 O  O    . HOH K 4 .   ? 7.149   22.918  -9.726  0.69 20.94 ? 181 HOH A O    1 
HETATM 1182 O  O    . HOH K 4 .   ? -12.894 3.302   5.561   1.00 19.66 ? 182 HOH A O    1 
HETATM 1183 O  O    . HOH K 4 .   ? -2.970  15.054  9.575   0.87 27.05 ? 184 HOH A O    1 
HETATM 1184 O  O    . HOH K 4 .   ? 1.255   -14.617 3.631   0.81 24.33 ? 185 HOH A O    1 
HETATM 1185 O  O    . HOH K 4 .   ? 4.634   -27.968 -6.138  0.99 22.67 ? 186 HOH A O    1 
HETATM 1186 O  O    . HOH K 4 .   ? -2.907  5.703   9.651   0.65 25.59 ? 187 HOH A O    1 
HETATM 1187 O  O    . HOH K 4 .   ? 1.295   -22.820 13.925  0.75 26.86 ? 188 HOH A O    1 
HETATM 1188 O  O    . HOH K 4 .   ? -7.513  16.021  -6.202  0.88 25.57 ? 189 HOH A O    1 
HETATM 1189 O  O    . HOH K 4 .   ? -8.501  4.099   -5.191  0.72 44.25 ? 190 HOH A O    1 
HETATM 1190 O  O    . HOH K 4 .   ? 5.593   14.919  -16.627 1.00 43.53 ? 191 HOH A O    1 
HETATM 1191 O  O    . HOH K 4 .   ? 6.719   26.410  -8.885  0.71 29.91 ? 192 HOH A O    1 
HETATM 1192 O  O    . HOH K 4 .   ? 7.003   -2.598  13.169  0.62 35.70 ? 193 HOH A O    1 
HETATM 1193 O  O    . HOH K 4 .   ? -13.546 -12.821 -1.541  1.00 30.99 ? 195 HOH A O    1 
HETATM 1194 O  O    . HOH K 4 .   ? 5.485   -26.782 2.806   0.88 44.60 ? 196 HOH A O    1 
HETATM 1195 O  O    . HOH K 4 .   ? 6.186   6.618   6.841   1.00 57.32 ? 198 HOH A O    1 
HETATM 1196 O  O    . HOH K 4 .   ? 13.889  17.285  -8.320  0.94 25.15 ? 199 HOH A O    1 
HETATM 1197 O  O    . HOH K 4 .   ? -6.798  17.399  0.645   0.65 43.25 ? 200 HOH A O    1 
HETATM 1198 O  O    . HOH K 4 .   ? 14.371  22.023  -13.034 0.53 11.85 ? 201 HOH A O    1 
HETATM 1199 O  O    . HOH K 4 .   ? 5.923   -18.773 -7.162  0.55 31.20 ? 203 HOH A O    1 
HETATM 1200 O  O    . HOH K 4 .   ? -2.740  -18.778 14.814  0.86 53.63 ? 204 HOH A O    1 
HETATM 1201 O  O    . HOH K 4 .   ? -2.943  19.900  1.602   0.55 17.26 ? 205 HOH A O    1 
HETATM 1202 O  O    . HOH K 4 .   ? -4.798  -11.904 -8.277  0.78 33.69 ? 206 HOH A O    1 
HETATM 1203 O  O    . HOH K 4 .   ? 15.643  -1.048  -7.238  0.50 36.79 ? 207 HOH A O    1 
HETATM 1204 O  O    . HOH K 4 .   ? -7.685  -13.148 1.536   0.77 39.14 ? 208 HOH A O    1 
HETATM 1205 O  O    . HOH K 4 .   ? 8.505   -10.760 1.250   0.65 33.28 ? 209 HOH A O    1 
HETATM 1206 O  O    . HOH K 4 .   ? -15.693 3.872   12.006  0.94 45.27 ? 210 HOH A O    1 
HETATM 1207 O  O    . HOH K 4 .   ? -4.136  10.597  -2.424  0.86 20.38 ? 211 HOH A O    1 
HETATM 1208 O  O    . HOH K 4 .   ? 16.700  13.236  -1.850  1.00 59.81 ? 212 HOH A O    1 
HETATM 1209 O  O    . HOH K 4 .   ? 1.002   -19.987 -5.597  0.71 23.19 ? 213 HOH A O    1 
HETATM 1210 O  O    . HOH K 4 .   ? 1.470   5.467   12.776  1.00 62.18 ? 214 HOH A O    1 
HETATM 1211 O  O    . HOH K 4 .   ? 11.070  -9.619  4.462   0.78 25.14 ? 217 HOH A O    1 
HETATM 1212 O  O    . HOH K 4 .   ? 7.001   1.362   8.715   0.52 36.76 ? 219 HOH A O    1 
HETATM 1213 O  O    . HOH K 4 .   ? -0.304  11.403  8.332   0.94 27.65 ? 221 HOH A O    1 
HETATM 1214 O  O    . HOH K 4 .   ? -5.738  10.149  11.553  0.72 38.46 ? 223 HOH A O    1 
HETATM 1215 O  O    . HOH K 4 .   ? 2.463   33.415  -15.896 0.72 39.51 ? 226 HOH A O    1 
HETATM 1216 O  O    . HOH K 4 .   ? -7.000  1.812   0.270   0.83 9.83  ? 227 HOH A O    1 
HETATM 1217 O  O    . HOH K 4 .   ? 5.473   2.528   -13.387 0.75 11.85 ? 230 HOH A O    1 
HETATM 1218 O  O    . HOH K 4 .   ? 10.760  -13.124 -8.786  0.68 22.92 ? 232 HOH A O    1 
HETATM 1219 O  O    . HOH K 4 .   ? 2.519   -25.649 -6.210  0.52 41.44 ? 243 HOH A O    1 
HETATM 1220 O  O    . HOH K 4 .   ? -10.485 16.627  8.525   1.00 39.94 ? 244 HOH A O    1 
HETATM 1221 O  O    . HOH K 4 .   ? -15.260 -4.256  0.216   0.74 35.55 ? 247 HOH A O    1 
HETATM 1222 O  O    . HOH K 4 .   ? 10.165  -11.987 6.635   0.97 46.83 ? 251 HOH A O    1 
HETATM 1223 O  O    . HOH K 4 .   ? 3.405   -18.455 12.458  0.93 38.08 ? 252 HOH A O    1 
HETATM 1224 O  O    . HOH K 4 .   ? 9.843   -0.675  -2.713  0.61 28.23 ? 258 HOH A O    1 
HETATM 1225 O  O    . HOH K 4 .   ? -11.205 8.025   7.733   0.72 48.16 ? 259 HOH A O    1 
HETATM 1226 O  O    . HOH K 4 .   ? -9.930  15.885  -5.107  0.63 34.46 ? 266 HOH A O    1 
HETATM 1227 O  O    . HOH K 4 .   ? 0.454   -24.824 -4.103  0.81 22.84 ? 267 HOH A O    1 
HETATM 1228 O  O    . HOH K 4 .   ? 1.836   30.815  -18.722 0.68 43.33 ? 268 HOH A O    1 
HETATM 1229 O  O    . HOH K 4 .   ? 2.587   -4.990  15.328  1.00 34.77 ? 271 HOH A O    1 
HETATM 1230 O  O    . HOH K 4 .   ? 2.993   -3.388  -6.124  0.63 12.67 ? 272 HOH A O    1 
HETATM 1231 O  O    . HOH K 4 .   ? -2.903  22.917  -12.217 0.84 20.95 ? 275 HOH A O    1 
HETATM 1232 O  O    . HOH K 4 .   ? -8.099  -20.279 0.364   0.51 22.94 ? 276 HOH A O    1 
HETATM 1233 O  O    . HOH K 4 .   ? 5.221   0.893   -7.695  0.64 35.14 ? 279 HOH A O    1 
HETATM 1234 O  O    . HOH K 4 .   ? -8.782  -1.409  -4.216  0.55 38.42 ? 280 HOH A O    1 
HETATM 1235 O  O    . HOH K 4 .   ? 3.801   16.592  -18.906 0.62 21.35 ? 282 HOH A O    1 
HETATM 1236 O  O    . HOH K 4 .   ? 1.176   3.038   16.289  0.82 26.83 ? 286 HOH A O    1 
HETATM 1237 O  O    . HOH K 4 .   ? 7.897   24.376  -2.846  0.98 33.76 ? 287 HOH A O    1 
HETATM 1238 O  O    . HOH K 4 .   ? 10.146  -25.642 -9.189  0.60 39.45 ? 289 HOH A O    1 
HETATM 1239 O  O    . HOH K 4 .   ? -7.984  18.567  -10.795 0.66 28.29 ? 292 HOH A O    1 
HETATM 1240 O  O    . HOH K 4 .   ? -8.129  -24.521 7.356   0.59 29.88 ? 294 HOH A O    1 
HETATM 1241 O  O    . HOH K 4 .   ? 0.199   -10.575 -11.824 0.69 22.91 ? 299 HOH A O    1 
HETATM 1242 O  O    . HOH K 4 .   ? 3.437   4.291   16.548  0.76 11.00 ? 306 HOH A O    1 
HETATM 1243 O  O    . HOH K 4 .   ? -6.525  -8.217  14.946  0.60 26.12 ? 309 HOH A O    1 
HETATM 1244 O  O    . HOH K 4 .   ? 16.793  0.562   -3.854  0.57 13.53 ? 320 HOH A O    1 
HETATM 1245 O  O    . HOH K 4 .   ? -3.429  -8.593  -9.919  0.55 43.88 ? 321 HOH A O    1 
HETATM 1246 O  O    . HOH K 4 .   ? -11.182 -17.194 3.150   0.74 21.39 ? 322 HOH A O    1 
HETATM 1247 O  O    . HOH K 4 .   ? 13.635  -16.707 13.697  0.82 35.44 ? 324 HOH A O    1 
HETATM 1248 O  O    . HOH K 4 .   ? 11.685  12.652  0.206   0.66 26.25 ? 326 HOH A O    1 
HETATM 1249 O  O    . HOH K 4 .   ? -3.526  23.616  -1.609  0.63 32.59 ? 333 HOH A O    1 
HETATM 1250 O  O    . HOH K 4 .   ? -9.972  2.722   12.942  0.92 38.94 ? 336 HOH A O    1 
HETATM 1251 O  O    . HOH K 4 .   ? 2.691   -25.357 8.316   0.96 23.53 ? 339 HOH A O    1 
HETATM 1252 O  O    . HOH K 4 .   ? 11.444  -27.795 -11.439 0.66 31.04 ? 344 HOH A O    1 
HETATM 1253 O  O    . HOH K 4 .   ? 12.419  -6.921  -4.670  0.65 24.62 ? 349 HOH A O    1 
HETATM 1254 O  O    . HOH K 4 .   ? -2.506  11.487  -8.939  0.54 41.93 ? 350 HOH A O    1 
HETATM 1255 O  O    . HOH K 4 .   ? -16.288 -6.254  -7.052  0.65 33.57 ? 354 HOH A O    1 
HETATM 1256 O  O    . HOH K 4 .   ? 7.492   -0.938  0.063   0.57 27.95 ? 360 HOH A O    1 
HETATM 1257 O  O    . HOH K 4 .   ? 13.519  16.563  -4.736  0.71 23.45 ? 364 HOH A O    1 
HETATM 1258 O  O    . HOH K 4 .   ? 9.926   -6.398  9.059   0.54 29.64 ? 365 HOH A O    1 
HETATM 1259 O  O    . HOH K 4 .   ? -14.732 -6.686  -7.915  0.62 36.64 ? 376 HOH A O    1 
HETATM 1260 O  O    . HOH K 4 .   ? 6.514   -7.771  -13.676 0.60 21.82 ? 385 HOH A O    1 
HETATM 1261 O  O    . HOH K 4 .   ? 7.021   23.222  0.499   0.54 10.84 ? 391 HOH A O    1 
HETATM 1262 O  O    . HOH K 4 .   ? 4.060   9.250   -15.145 0.52 17.44 ? 399 HOH A O    1 
HETATM 1263 O  O    . HOH K 4 .   ? 11.394  35.144  -13.646 0.56 34.07 ? 406 HOH A O    1 
HETATM 1264 O  O    . HOH K 4 .   ? -8.967  -11.201 0.299   0.64 24.81 ? 408 HOH A O    1 
HETATM 1265 O  O    . HOH K 4 .   ? -13.931 -17.386 13.586  0.57 34.21 ? 413 HOH A O    1 
HETATM 1266 O  O    . HOH K 4 .   ? 17.023  3.706   -7.224  0.51 32.63 ? 420 HOH A O    1 
HETATM 1267 O  O    . HOH K 4 .   ? 12.128  -2.323  12.345  0.68 19.02 ? 439 HOH A O    1 
HETATM 1268 O  O    . HOH K 4 .   ? 15.906  -28.187 -16.698 0.60 39.21 ? 440 HOH A O    1 
HETATM 1269 O  O    . HOH K 4 .   ? -11.842 -4.372  -7.651  0.64 36.50 ? 441 HOH A O    1 
HETATM 1270 O  O    . HOH K 4 .   ? 14.135  -28.770 -13.926 0.59 31.93 ? 442 HOH A O    1 
# 
